data_7E6T
#
_entry.id   7E6T
#
_cell.length_a   1.00
_cell.length_b   1.00
_cell.length_c   1.00
_cell.angle_alpha   90.00
_cell.angle_beta   90.00
_cell.angle_gamma   90.00
#
_symmetry.space_group_name_H-M   'P 1'
#
loop_
_entity.id
_entity.type
_entity.pdbx_description
1 polymer 'Extracellular calcium-sensing receptor'
2 non-polymer 'PHOSPHATE ION'
3 non-polymer 'CALCIUM ION'
4 non-polymer 2-acetamido-2-deoxy-beta-D-glucopyranose
5 non-polymer CYCLOMETHYLTRYPTOPHAN
#
_entity_poly.entity_id   1
_entity_poly.type   'polypeptide(L)'
_entity_poly.pdbx_seq_one_letter_code
;YGPDQRAQKKGDIILGGLFPIHFGVAAKDQDLKSRPESVECIRYNFRGFRWLQAMIFAIEEINSSPALLPNLTLGYRIFD
TCNTVSKALEATLSFVAQNKIDSLNLDEFCNCSEHIPSTIAVVGATGSGVSTAVANLLGLFYIPQVSYASSSRLLSNKNQ
FKSFLRTIPNDEHQATAMADIIEYFRWNWVGTIAADDDYGRPGIEKFREEAEERDICIDFSELISQYSDEEEIQHVVEVI
QNSTAKVIVVFSSGPDLEPLIKEIVRRNITGKIWLASEAWASSSLIAMPQYFHVVGGTIGFALKAGQIPGFREFLKKVHP
RKSVHNGFAKEFWEETFNCHLQEGAKGPLPVDTFLRGHEESGDRFSNSSTAFRPLCTGDENISSVETPYIDYTHLRISYN
VYLAVYSIAHALQDIYTCLPGRGLFTNGSCADIKKVEAWQVLKHLRHLNFTNNMGEQVTFDECGDLVGNYSIINWHLSPE
DGSIVFKEVGYYNVYAKKGERLFINEEKILWSGFSREVPFSNCSRDCLAGTRKGIIEGEPTCCFECVECPDGEYSDETDA
SACNKCPDDFWSNENHTSCIAKEIEFLSWTEPFGIALTLFAVLGIFLTAFVLGVFIKFRNTPIVKATNRELSYLLLFSLL
CCFSSSLFFIGEPQDWTCRLRQPAFGISFVLCISCILVKTNRVLLVFEAKIPTSFHRKWWGLNLQFLLVFLCTFMQIVIC
VIWLYTAPPSSYRNQELEDEIIFITCHEGSLMALGFLIGYTCLLAAICFFFAFKSRKLPENFNEAKFITFSMLIFFIVWI
SFIPAYASTYGKFVSAVEVIAILAASFGLLACIFFNKIYIILFKPSRNTIEAAADYKDDDDK
;
_entity_poly.pdbx_strand_id   B,A
#
# COMPACT_ATOMS: atom_id res chain seq x y z
N PRO A 3 45.67 10.81 -35.80
CA PRO A 3 45.33 9.38 -35.85
C PRO A 3 46.22 8.59 -36.80
N ASP A 4 47.44 8.28 -36.36
CA ASP A 4 48.36 7.52 -37.20
C ASP A 4 47.86 6.10 -37.44
N GLN A 5 47.27 5.46 -36.43
CA GLN A 5 46.75 4.11 -36.58
C GLN A 5 45.40 4.17 -37.29
N ARG A 6 45.38 3.73 -38.55
CA ARG A 6 44.17 3.80 -39.35
C ARG A 6 44.23 2.73 -40.43
N ALA A 7 43.06 2.38 -40.95
CA ALA A 7 42.94 1.43 -42.06
C ALA A 7 42.36 2.18 -43.25
N GLN A 8 43.17 2.36 -44.29
CA GLN A 8 42.79 3.16 -45.44
C GLN A 8 42.92 2.36 -46.73
N LYS A 9 41.91 2.47 -47.59
CA LYS A 9 41.97 1.94 -48.94
C LYS A 9 41.19 2.87 -49.84
N LYS A 10 41.84 3.40 -50.87
CA LYS A 10 41.24 4.38 -51.76
C LYS A 10 40.37 3.70 -52.82
N GLY A 11 39.51 4.50 -53.42
CA GLY A 11 38.63 4.00 -54.46
C GLY A 11 37.76 5.10 -55.01
N ASP A 12 36.88 4.71 -55.93
CA ASP A 12 35.96 5.67 -56.54
C ASP A 12 35.00 6.25 -55.50
N ILE A 13 34.49 5.41 -54.60
CA ILE A 13 33.57 5.82 -53.55
C ILE A 13 34.15 5.41 -52.21
N ILE A 14 34.18 6.35 -51.27
CA ILE A 14 34.80 6.15 -49.96
C ILE A 14 33.71 6.04 -48.91
N LEU A 15 33.88 5.08 -48.00
CA LEU A 15 32.97 4.87 -46.88
C LEU A 15 33.74 4.94 -45.57
N GLY A 16 33.15 5.57 -44.56
CA GLY A 16 33.76 5.67 -43.26
C GLY A 16 33.28 4.60 -42.30
N GLY A 17 34.10 4.32 -41.30
CA GLY A 17 33.76 3.31 -40.30
C GLY A 17 34.48 3.57 -39.00
N LEU A 18 33.83 3.19 -37.90
CA LEU A 18 34.40 3.33 -36.57
C LEU A 18 34.14 2.06 -35.78
N PHE A 19 35.20 1.50 -35.19
CA PHE A 19 35.11 0.29 -34.39
C PHE A 19 35.92 0.46 -33.12
N PRO A 20 35.50 -0.17 -32.02
CA PRO A 20 36.26 -0.11 -30.77
C PRO A 20 37.39 -1.13 -30.77
N ILE A 21 38.62 -0.63 -30.81
CA ILE A 21 39.79 -1.51 -30.76
C ILE A 21 40.32 -1.68 -29.34
N HIS A 22 40.02 -0.74 -28.44
CA HIS A 22 40.43 -0.82 -27.06
C HIS A 22 39.25 -0.54 -26.15
N PHE A 23 39.27 -1.14 -24.96
CA PHE A 23 38.15 -1.00 -24.02
C PHE A 23 38.16 0.36 -23.32
N GLY A 24 39.26 1.09 -23.36
CA GLY A 24 39.31 2.37 -22.67
C GLY A 24 40.64 3.05 -22.90
N VAL A 25 40.87 4.10 -22.10
CA VAL A 25 42.09 4.89 -22.17
C VAL A 25 42.68 5.01 -20.78
N ALA A 26 43.95 5.43 -20.73
CA ALA A 26 44.64 5.58 -19.46
C ALA A 26 43.97 6.66 -18.61
N ALA A 27 43.81 6.37 -17.32
CA ALA A 27 43.16 7.28 -16.38
C ALA A 27 44.24 8.00 -15.59
N LYS A 28 44.38 9.31 -15.85
CA LYS A 28 45.34 10.14 -15.12
C LYS A 28 44.82 11.57 -15.11
N ASP A 29 44.93 12.21 -13.95
CA ASP A 29 44.46 13.59 -13.81
C ASP A 29 45.46 14.56 -14.44
N GLN A 30 44.93 15.58 -15.11
CA GLN A 30 45.75 16.61 -15.74
C GLN A 30 45.72 17.86 -14.88
N ASP A 31 46.88 18.26 -14.38
CA ASP A 31 47.00 19.46 -13.55
C ASP A 31 47.36 20.70 -14.34
N LEU A 32 47.52 20.57 -15.67
CA LEU A 32 47.80 21.70 -16.56
C LEU A 32 49.08 22.44 -16.18
N LYS A 33 50.06 21.71 -15.64
CA LYS A 33 51.36 22.33 -15.37
C LYS A 33 52.12 22.64 -16.66
N SER A 34 51.98 21.77 -17.67
CA SER A 34 52.59 21.96 -18.97
C SER A 34 51.51 21.79 -20.05
N ARG A 35 51.95 21.78 -21.29
CA ARG A 35 51.01 21.60 -22.40
C ARG A 35 50.46 20.17 -22.38
N PRO A 36 49.15 19.99 -22.42
CA PRO A 36 48.58 18.64 -22.37
C PRO A 36 48.93 17.84 -23.62
N GLU A 37 49.03 16.53 -23.44
CA GLU A 37 49.36 15.60 -24.50
C GLU A 37 48.18 14.66 -24.76
N SER A 38 48.29 13.89 -25.84
CA SER A 38 47.24 12.95 -26.20
C SER A 38 47.19 11.79 -25.21
N VAL A 39 45.99 11.23 -25.05
CA VAL A 39 45.77 10.11 -24.15
C VAL A 39 46.18 8.82 -24.86
N GLU A 40 46.32 7.73 -24.10
CA GLU A 40 46.72 6.44 -24.62
C GLU A 40 45.75 5.36 -24.15
N CYS A 41 45.59 4.33 -24.99
CA CYS A 41 44.71 3.21 -24.70
C CYS A 41 45.53 2.05 -24.16
N ILE A 42 45.03 1.45 -23.07
CA ILE A 42 45.83 0.54 -22.26
C ILE A 42 45.62 -0.92 -22.62
N ARG A 43 44.38 -1.34 -22.84
CA ARG A 43 44.08 -2.75 -23.06
C ARG A 43 43.46 -2.96 -24.43
N TYR A 44 43.76 -4.12 -25.03
CA TYR A 44 43.32 -4.44 -26.38
C TYR A 44 41.97 -5.15 -26.36
N ASN A 45 41.26 -5.04 -27.48
CA ASN A 45 39.98 -5.72 -27.68
C ASN A 45 40.03 -6.53 -28.96
N PHE A 46 39.45 -7.72 -28.93
CA PHE A 46 39.45 -8.62 -30.08
C PHE A 46 38.12 -8.64 -30.82
N ARG A 47 37.01 -8.37 -30.13
CA ARG A 47 35.71 -8.38 -30.79
C ARG A 47 35.60 -7.26 -31.81
N GLY A 48 36.12 -6.08 -31.47
CA GLY A 48 36.14 -4.98 -32.43
C GLY A 48 37.00 -5.29 -33.64
N PHE A 49 38.14 -5.96 -33.41
CA PHE A 49 38.98 -6.38 -34.53
C PHE A 49 38.27 -7.39 -35.41
N ARG A 50 37.51 -8.30 -34.80
CA ARG A 50 36.72 -9.25 -35.59
C ARG A 50 35.65 -8.54 -36.41
N TRP A 51 35.00 -7.54 -35.82
CA TRP A 51 34.00 -6.77 -36.56
C TRP A 51 34.65 -6.03 -37.74
N LEU A 52 35.83 -5.45 -37.51
CA LEU A 52 36.54 -4.77 -38.59
C LEU A 52 36.93 -5.73 -39.70
N GLN A 53 37.39 -6.93 -39.33
CA GLN A 53 37.72 -7.95 -40.33
C GLN A 53 36.48 -8.37 -41.10
N ALA A 54 35.34 -8.50 -40.42
CA ALA A 54 34.09 -8.83 -41.11
C ALA A 54 33.71 -7.75 -42.10
N MET A 55 33.85 -6.48 -41.72
CA MET A 55 33.55 -5.39 -42.64
C MET A 55 34.49 -5.41 -43.84
N ILE A 56 35.77 -5.68 -43.60
CA ILE A 56 36.73 -5.76 -44.71
C ILE A 56 36.37 -6.90 -45.65
N PHE A 57 35.99 -8.05 -45.09
CA PHE A 57 35.58 -9.19 -45.92
C PHE A 57 34.34 -8.86 -46.73
N ALA A 58 33.37 -8.16 -46.13
CA ALA A 58 32.17 -7.77 -46.85
C ALA A 58 32.52 -6.82 -48.00
N ILE A 59 33.39 -5.85 -47.74
CA ILE A 59 33.79 -4.89 -48.77
C ILE A 59 34.49 -5.61 -49.92
N GLU A 60 35.39 -6.54 -49.58
CA GLU A 60 36.11 -7.29 -50.62
C GLU A 60 35.15 -8.16 -51.43
N GLU A 61 34.18 -8.79 -50.76
CA GLU A 61 33.20 -9.60 -51.49
C GLU A 61 32.36 -8.75 -52.42
N ILE A 62 31.97 -7.55 -51.97
CA ILE A 62 31.19 -6.66 -52.83
C ILE A 62 32.03 -6.21 -54.03
N ASN A 63 33.31 -5.88 -53.79
CA ASN A 63 34.19 -5.44 -54.86
C ASN A 63 34.59 -6.57 -55.80
N SER A 64 34.33 -7.82 -55.44
CA SER A 64 34.69 -8.97 -56.25
C SER A 64 33.46 -9.70 -56.77
N SER A 65 32.35 -8.98 -56.96
CA SER A 65 31.11 -9.56 -57.44
C SER A 65 30.64 -8.76 -58.65
N PRO A 66 30.38 -9.42 -59.79
CA PRO A 66 29.90 -8.67 -60.96
C PRO A 66 28.43 -8.36 -60.95
N ALA A 67 27.63 -9.07 -60.15
CA ALA A 67 26.20 -8.81 -60.07
C ALA A 67 25.86 -7.60 -59.22
N LEU A 68 26.82 -7.07 -58.45
CA LEU A 68 26.61 -5.90 -57.61
C LEU A 68 27.70 -4.89 -57.91
N LEU A 69 27.32 -3.75 -58.50
CA LEU A 69 28.24 -2.70 -58.91
C LEU A 69 29.32 -3.26 -59.82
N PRO A 70 28.98 -3.67 -61.04
CA PRO A 70 30.00 -4.30 -61.91
C PRO A 70 31.16 -3.39 -62.25
N ASN A 71 30.95 -2.09 -62.37
CA ASN A 71 31.98 -1.15 -62.78
C ASN A 71 32.16 -0.06 -61.73
N LEU A 72 32.18 -0.44 -60.46
CA LEU A 72 32.39 0.50 -59.37
C LEU A 72 33.39 -0.09 -58.37
N THR A 73 34.26 0.77 -57.86
CA THR A 73 35.27 0.36 -56.87
C THR A 73 34.97 1.08 -55.56
N LEU A 74 34.96 0.31 -54.47
CA LEU A 74 34.63 0.84 -53.15
C LEU A 74 35.85 0.79 -52.24
N GLY A 75 36.10 1.89 -51.54
CA GLY A 75 37.17 1.97 -50.56
C GLY A 75 36.63 2.13 -49.16
N TYR A 76 37.55 2.32 -48.22
CA TYR A 76 37.17 2.48 -46.82
C TYR A 76 38.22 3.30 -46.08
N ARG A 77 37.78 3.88 -44.96
CA ARG A 77 38.66 4.67 -44.09
C ARG A 77 38.17 4.47 -42.66
N ILE A 78 38.91 3.70 -41.87
CA ILE A 78 38.51 3.31 -40.53
C ILE A 78 39.52 3.82 -39.54
N PHE A 79 39.04 4.47 -38.48
CA PHE A 79 39.86 4.99 -37.40
C PHE A 79 39.58 4.20 -36.11
N ASP A 80 40.19 4.65 -35.02
CA ASP A 80 40.04 4.02 -33.72
C ASP A 80 39.22 4.92 -32.80
N THR A 81 38.47 4.28 -31.90
CA THR A 81 37.63 5.01 -30.95
C THR A 81 38.07 4.85 -29.50
N CYS A 82 38.50 3.65 -29.09
CA CYS A 82 38.92 3.38 -27.71
C CYS A 82 37.82 3.69 -26.71
N ASN A 83 36.57 3.64 -27.16
CA ASN A 83 35.40 3.96 -26.33
C ASN A 83 35.53 5.33 -25.68
N THR A 84 36.04 6.29 -26.46
CA THR A 84 36.27 7.65 -25.99
C THR A 84 35.54 8.62 -26.90
N VAL A 85 34.86 9.61 -26.30
CA VAL A 85 34.13 10.59 -27.09
C VAL A 85 35.06 11.43 -27.94
N SER A 86 36.18 11.88 -27.36
CA SER A 86 37.10 12.76 -28.07
C SER A 86 37.70 12.07 -29.29
N LYS A 87 38.07 10.80 -29.15
CA LYS A 87 38.66 10.07 -30.27
C LYS A 87 37.69 9.95 -31.43
N ALA A 88 36.41 9.67 -31.14
CA ALA A 88 35.41 9.59 -32.20
C ALA A 88 35.11 10.95 -32.80
N LEU A 89 35.11 12.01 -31.99
CA LEU A 89 34.89 13.35 -32.51
C LEU A 89 36.03 13.77 -33.44
N GLU A 90 37.26 13.38 -33.12
CA GLU A 90 38.37 13.67 -34.01
C GLU A 90 38.18 13.00 -35.37
N ALA A 91 37.78 11.74 -35.38
CA ALA A 91 37.54 11.04 -36.64
C ALA A 91 36.37 11.66 -37.40
N THR A 92 35.32 12.06 -36.69
CA THR A 92 34.20 12.71 -37.35
C THR A 92 34.60 14.04 -37.98
N LEU A 93 35.43 14.82 -37.28
CA LEU A 93 35.93 16.06 -37.84
C LEU A 93 36.81 15.81 -39.06
N SER A 94 37.64 14.77 -39.00
CA SER A 94 38.46 14.42 -40.16
C SER A 94 37.61 13.98 -41.34
N PHE A 95 36.48 13.33 -41.08
CA PHE A 95 35.61 12.88 -42.16
C PHE A 95 34.94 14.05 -42.87
N VAL A 96 34.61 15.11 -42.16
CA VAL A 96 33.89 16.25 -42.72
C VAL A 96 34.83 17.41 -43.05
N ALA A 97 36.12 17.13 -43.24
CA ALA A 97 37.07 18.19 -43.57
C ALA A 97 36.75 18.83 -44.90
N GLN A 98 36.36 18.02 -45.89
CA GLN A 98 36.02 18.57 -47.21
C GLN A 98 34.79 19.47 -47.14
N ASN A 99 33.76 19.05 -46.39
CA ASN A 99 32.55 19.85 -46.28
C ASN A 99 32.72 21.07 -45.38
N LYS A 100 33.80 21.12 -44.59
CA LYS A 100 34.01 22.26 -43.71
C LYS A 100 34.19 23.55 -44.48
N ILE A 101 34.97 23.50 -45.56
CA ILE A 101 35.18 24.69 -46.39
C ILE A 101 33.88 25.08 -47.10
N ASP A 102 33.17 24.08 -47.65
CA ASP A 102 31.96 24.37 -48.42
C ASP A 102 30.87 24.97 -47.54
N SER A 103 30.69 24.45 -46.33
CA SER A 103 29.60 24.90 -45.46
C SER A 103 30.01 26.10 -44.61
N LEU A 104 31.04 25.93 -43.78
CA LEU A 104 31.48 27.01 -42.90
C LEU A 104 32.18 28.10 -43.69
N ASN A 105 31.86 29.35 -43.36
CA ASN A 105 32.45 30.52 -44.01
C ASN A 105 32.27 30.49 -45.52
N PHE A 109 38.72 33.12 -46.47
CA PHE A 109 38.38 31.84 -47.06
C PHE A 109 39.40 30.78 -46.69
N CYS A 110 39.02 29.51 -46.85
CA CYS A 110 39.88 28.38 -46.54
C CYS A 110 40.18 27.61 -47.82
N ASN A 111 41.46 27.32 -48.04
CA ASN A 111 41.92 26.59 -49.20
C ASN A 111 42.50 25.25 -48.77
N CYS A 112 42.04 24.16 -49.39
CA CYS A 112 42.50 22.82 -49.06
C CYS A 112 42.79 22.05 -50.34
N SER A 113 43.67 21.06 -50.24
CA SER A 113 44.02 20.24 -51.37
C SER A 113 42.83 19.39 -51.81
N GLU A 114 42.71 19.17 -53.11
CA GLU A 114 41.62 18.39 -53.67
C GLU A 114 41.90 16.90 -53.73
N HIS A 115 43.11 16.46 -53.36
CA HIS A 115 43.44 15.04 -53.43
C HIS A 115 42.73 14.24 -52.34
N ILE A 116 42.40 14.87 -51.23
CA ILE A 116 41.70 14.17 -50.14
C ILE A 116 40.28 13.83 -50.59
N PRO A 117 39.81 12.60 -50.40
CA PRO A 117 38.44 12.25 -50.78
C PRO A 117 37.46 12.52 -49.65
N SER A 118 36.18 12.44 -49.99
CA SER A 118 35.09 12.66 -49.04
C SER A 118 34.28 11.38 -48.92
N THR A 119 34.04 10.96 -47.68
CA THR A 119 33.26 9.76 -47.42
C THR A 119 31.77 10.04 -47.61
N ILE A 120 31.05 9.04 -48.12
CA ILE A 120 29.62 9.18 -48.32
C ILE A 120 28.80 8.60 -47.17
N ALA A 121 29.37 7.71 -46.37
CA ALA A 121 28.66 7.12 -45.25
C ALA A 121 29.67 6.75 -44.16
N VAL A 122 29.22 6.82 -42.92
CA VAL A 122 30.06 6.52 -41.76
C VAL A 122 29.35 5.48 -40.91
N VAL A 123 30.06 4.39 -40.58
CA VAL A 123 29.49 3.36 -39.73
C VAL A 123 29.41 3.88 -38.30
N GLY A 124 28.27 3.67 -37.65
CA GLY A 124 28.05 4.18 -36.32
C GLY A 124 28.95 3.55 -35.28
N ALA A 125 29.07 4.23 -34.14
CA ALA A 125 29.93 3.80 -33.06
C ALA A 125 29.28 2.68 -32.26
N THR A 126 30.12 1.99 -31.47
CA THR A 126 29.63 0.87 -30.67
C THR A 126 28.84 1.34 -29.46
N GLY A 127 29.14 2.54 -28.96
CA GLY A 127 28.47 3.07 -27.78
C GLY A 127 27.18 3.79 -28.11
N SER A 128 26.59 4.38 -27.08
CA SER A 128 25.35 5.14 -27.21
C SER A 128 25.59 6.65 -27.16
N GLY A 129 26.25 7.14 -26.10
CA GLY A 129 26.58 8.55 -26.05
C GLY A 129 27.58 8.95 -27.13
N VAL A 130 28.53 8.06 -27.43
CA VAL A 130 29.47 8.32 -28.52
C VAL A 130 28.74 8.41 -29.85
N SER A 131 27.80 7.49 -30.07
CA SER A 131 27.01 7.53 -31.31
C SER A 131 26.17 8.80 -31.38
N THR A 132 25.59 9.22 -30.27
CA THR A 132 24.82 10.46 -30.24
C THR A 132 25.70 11.66 -30.58
N ALA A 133 26.90 11.71 -29.99
CA ALA A 133 27.82 12.82 -30.28
C ALA A 133 28.24 12.84 -31.74
N VAL A 134 28.50 11.65 -32.31
CA VAL A 134 28.89 11.58 -33.72
C VAL A 134 27.74 12.03 -34.61
N ALA A 135 26.52 11.57 -34.31
CA ALA A 135 25.36 11.93 -35.13
C ALA A 135 25.01 13.40 -35.01
N ASN A 136 25.31 14.02 -33.86
CA ASN A 136 25.06 15.45 -33.71
C ASN A 136 25.89 16.26 -34.71
N LEU A 137 27.16 15.91 -34.87
CA LEU A 137 28.02 16.60 -35.83
C LEU A 137 27.74 16.17 -37.26
N LEU A 138 27.42 14.90 -37.50
CA LEU A 138 27.18 14.42 -38.86
C LEU A 138 25.85 14.89 -39.41
N GLY A 139 24.90 15.29 -38.55
CA GLY A 139 23.61 15.73 -39.01
C GLY A 139 23.62 17.08 -39.72
N LEU A 140 24.64 17.90 -39.46
CA LEU A 140 24.72 19.21 -40.10
C LEU A 140 24.91 19.08 -41.61
N PHE A 141 25.75 18.14 -42.04
CA PHE A 141 26.05 17.95 -43.45
C PHE A 141 25.17 16.90 -44.12
N TYR A 142 24.18 16.37 -43.40
CA TYR A 142 23.26 15.36 -43.94
C TYR A 142 24.02 14.13 -44.45
N ILE A 143 25.05 13.72 -43.72
CA ILE A 143 25.84 12.55 -44.06
C ILE A 143 25.19 11.34 -43.43
N PRO A 144 24.78 10.33 -44.19
CA PRO A 144 24.14 9.15 -43.59
C PRO A 144 25.09 8.42 -42.66
N GLN A 145 24.53 7.89 -41.57
CA GLN A 145 25.30 7.12 -40.60
C GLN A 145 24.46 5.95 -40.13
N VAL A 146 25.04 4.75 -40.18
CA VAL A 146 24.36 3.52 -39.78
C VAL A 146 25.16 2.88 -38.65
N SER A 147 24.48 2.58 -37.55
CA SER A 147 25.09 1.96 -36.40
C SER A 147 24.69 0.49 -36.30
N TYR A 148 25.51 -0.28 -35.59
CA TYR A 148 25.28 -1.71 -35.42
C TYR A 148 25.03 -2.15 -33.99
N ALA A 149 25.33 -1.31 -33.00
CA ALA A 149 25.19 -1.69 -31.60
C ALA A 149 24.52 -0.61 -30.75
N SER A 150 24.00 0.45 -31.37
CA SER A 150 23.33 1.52 -30.64
C SER A 150 21.84 1.22 -30.60
N SER A 151 21.32 0.90 -29.42
CA SER A 151 19.91 0.57 -29.24
C SER A 151 19.21 1.53 -28.28
N SER A 152 19.80 2.70 -28.04
CA SER A 152 19.19 3.66 -27.13
C SER A 152 17.97 4.30 -27.78
N ARG A 153 16.96 4.58 -26.96
CA ARG A 153 15.73 5.21 -27.46
C ARG A 153 15.93 6.68 -27.78
N LEU A 154 16.94 7.33 -27.20
CA LEU A 154 17.18 8.74 -27.45
C LEU A 154 17.53 9.02 -28.91
N LEU A 155 17.97 7.99 -29.65
CA LEU A 155 18.27 8.12 -31.06
C LEU A 155 17.04 7.93 -31.95
N SER A 156 15.88 7.67 -31.36
CA SER A 156 14.66 7.45 -32.11
C SER A 156 13.91 8.74 -32.44
N ASN A 157 14.44 9.89 -32.01
CA ASN A 157 13.82 11.18 -32.27
C ASN A 157 14.33 11.71 -33.60
N LYS A 158 13.44 11.81 -34.59
CA LYS A 158 13.81 12.29 -35.91
C LYS A 158 14.00 13.80 -35.96
N ASN A 159 13.47 14.54 -34.97
CA ASN A 159 13.63 15.99 -34.97
C ASN A 159 15.08 16.39 -34.77
N GLN A 160 15.80 15.68 -33.89
CA GLN A 160 17.20 15.99 -33.61
C GLN A 160 18.16 15.25 -34.53
N PHE A 161 17.87 13.99 -34.84
CA PHE A 161 18.71 13.16 -35.70
C PHE A 161 17.98 12.92 -37.01
N LYS A 162 18.62 13.29 -38.13
CA LYS A 162 18.02 13.17 -39.45
C LYS A 162 18.69 12.15 -40.35
N SER A 163 19.90 11.72 -40.03
CA SER A 163 20.66 10.79 -40.86
C SER A 163 21.24 9.66 -40.01
N PHE A 164 20.41 9.08 -39.14
CA PHE A 164 20.81 7.98 -38.27
C PHE A 164 19.95 6.76 -38.57
N LEU A 165 20.60 5.63 -38.82
CA LEU A 165 19.94 4.37 -39.05
C LEU A 165 20.55 3.30 -38.16
N ARG A 166 19.76 2.28 -37.85
CA ARG A 166 20.22 1.18 -36.99
C ARG A 166 19.62 -0.13 -37.48
N THR A 167 20.29 -1.23 -37.13
CA THR A 167 19.86 -2.57 -37.48
C THR A 167 19.74 -3.45 -36.24
N ILE A 168 19.40 -2.86 -35.11
CA ILE A 168 19.26 -3.59 -33.85
C ILE A 168 17.93 -3.21 -33.20
N PRO A 169 17.21 -4.16 -32.61
CA PRO A 169 15.96 -3.82 -31.93
C PRO A 169 16.19 -2.89 -30.76
N ASN A 170 15.19 -2.04 -30.50
CA ASN A 170 15.28 -1.08 -29.40
C ASN A 170 15.25 -1.79 -28.06
N ASP A 171 15.48 -1.01 -27.00
CA ASP A 171 15.50 -1.53 -25.64
C ASP A 171 14.11 -1.70 -25.03
N GLU A 172 13.07 -1.18 -25.67
CA GLU A 172 11.72 -1.32 -25.13
C GLU A 172 11.29 -2.78 -25.12
N HIS A 173 11.59 -3.52 -26.19
CA HIS A 173 11.22 -4.93 -26.25
C HIS A 173 11.96 -5.73 -25.20
N GLN A 174 13.24 -5.42 -24.96
CA GLN A 174 13.99 -6.12 -23.93
C GLN A 174 13.41 -5.87 -22.55
N ALA A 175 13.03 -4.62 -22.27
CA ALA A 175 12.41 -4.31 -20.98
C ALA A 175 11.07 -5.02 -20.82
N THR A 176 10.27 -5.06 -21.88
CA THR A 176 9.00 -5.77 -21.83
C THR A 176 9.21 -7.26 -21.58
N ALA A 177 10.21 -7.86 -22.25
CA ALA A 177 10.51 -9.27 -22.05
C ALA A 177 10.96 -9.54 -20.62
N MET A 178 11.80 -8.66 -20.06
CA MET A 178 12.24 -8.83 -18.68
C MET A 178 11.07 -8.70 -17.71
N ALA A 179 10.16 -7.76 -17.97
CA ALA A 179 8.98 -7.64 -17.12
C ALA A 179 8.10 -8.88 -17.21
N ASP A 180 7.96 -9.44 -18.41
CA ASP A 180 7.19 -10.67 -18.57
C ASP A 180 7.85 -11.84 -17.84
N ILE A 181 9.18 -11.91 -17.88
CA ILE A 181 9.90 -12.96 -17.16
C ILE A 181 9.67 -12.82 -15.66
N ILE A 182 9.74 -11.58 -15.14
CA ILE A 182 9.50 -11.35 -13.73
C ILE A 182 8.08 -11.75 -13.34
N GLU A 183 7.11 -11.38 -14.17
CA GLU A 183 5.72 -11.72 -13.89
C GLU A 183 5.47 -13.21 -13.96
N TYR A 184 6.21 -13.93 -14.82
CA TYR A 184 6.01 -15.37 -14.96
C TYR A 184 6.33 -16.10 -13.66
N PHE A 185 7.41 -15.72 -12.99
CA PHE A 185 7.76 -16.32 -11.72
C PHE A 185 7.05 -15.61 -10.57
N ARG A 186 6.94 -16.31 -9.44
CA ARG A 186 6.22 -15.79 -8.28
C ARG A 186 7.17 -14.96 -7.41
N TRP A 187 7.59 -13.83 -7.99
CA TRP A 187 8.45 -12.87 -7.29
C TRP A 187 7.83 -11.49 -7.39
N ASN A 188 7.91 -10.73 -6.29
CA ASN A 188 7.41 -9.36 -6.28
C ASN A 188 8.36 -8.38 -5.60
N TRP A 189 9.50 -8.84 -5.08
CA TRP A 189 10.48 -7.99 -4.40
C TRP A 189 11.80 -8.15 -5.12
N VAL A 190 12.15 -7.20 -5.98
CA VAL A 190 13.35 -7.25 -6.80
C VAL A 190 14.10 -5.94 -6.68
N GLY A 191 15.40 -5.99 -7.00
CA GLY A 191 16.25 -4.82 -6.99
C GLY A 191 16.38 -4.21 -8.38
N THR A 192 17.16 -3.13 -8.43
CA THR A 192 17.38 -2.41 -9.69
C THR A 192 18.74 -1.74 -9.65
N ILE A 193 19.58 -2.05 -10.64
CA ILE A 193 20.88 -1.44 -10.81
C ILE A 193 21.01 -0.96 -12.25
N ALA A 194 21.41 0.30 -12.42
CA ALA A 194 21.55 0.89 -13.75
C ALA A 194 22.87 1.64 -13.82
N ALA A 195 23.33 1.88 -15.04
CA ALA A 195 24.58 2.59 -15.28
C ALA A 195 24.30 4.05 -15.64
N ASP A 196 25.21 4.93 -15.21
CA ASP A 196 25.08 6.37 -15.46
C ASP A 196 25.61 6.66 -16.86
N ASP A 197 24.77 6.40 -17.85
CA ASP A 197 25.12 6.59 -19.25
C ASP A 197 23.82 6.70 -20.05
N ASP A 198 23.94 6.87 -21.36
CA ASP A 198 22.77 6.98 -22.23
C ASP A 198 22.18 5.63 -22.60
N TYR A 199 22.79 4.54 -22.14
CA TYR A 199 22.28 3.19 -22.38
C TYR A 199 21.49 2.63 -21.20
N GLY A 200 21.90 2.94 -19.97
CA GLY A 200 21.26 2.39 -18.80
C GLY A 200 20.06 3.20 -18.31
N ARG A 201 20.23 4.51 -18.18
CA ARG A 201 19.15 5.35 -17.67
C ARG A 201 17.90 5.32 -18.54
N PRO A 202 17.97 5.50 -19.87
CA PRO A 202 16.74 5.37 -20.68
C PRO A 202 16.17 3.96 -20.69
N GLY A 203 16.97 2.94 -20.41
CA GLY A 203 16.54 1.56 -20.41
C GLY A 203 15.96 1.07 -19.11
N ILE A 204 15.85 1.93 -18.09
CA ILE A 204 15.29 1.53 -16.81
C ILE A 204 13.94 2.19 -16.52
N GLU A 205 13.64 3.33 -17.15
CA GLU A 205 12.36 3.98 -16.93
C GLU A 205 11.21 3.10 -17.41
N LYS A 206 11.35 2.50 -18.60
CA LYS A 206 10.31 1.63 -19.12
C LYS A 206 10.14 0.39 -18.24
N PHE A 207 11.25 -0.18 -17.78
CA PHE A 207 11.17 -1.35 -16.91
C PHE A 207 10.46 -1.01 -15.59
N ARG A 208 10.78 0.14 -15.01
CA ARG A 208 10.13 0.54 -13.77
C ARG A 208 8.65 0.79 -14.00
N GLU A 209 8.29 1.42 -15.12
CA GLU A 209 6.88 1.66 -15.43
C GLU A 209 6.13 0.35 -15.59
N GLU A 210 6.73 -0.62 -16.29
CA GLU A 210 6.09 -1.93 -16.44
C GLU A 210 5.95 -2.64 -15.10
N ALA A 211 6.97 -2.55 -14.26
CA ALA A 211 6.89 -3.18 -12.94
C ALA A 211 5.78 -2.56 -12.09
N GLU A 212 5.66 -1.23 -12.13
CA GLU A 212 4.59 -0.57 -11.40
C GLU A 212 3.22 -0.94 -11.96
N GLU A 213 3.12 -1.05 -13.29
CA GLU A 213 1.86 -1.45 -13.89
C GLU A 213 1.46 -2.87 -13.51
N ARG A 214 2.44 -3.78 -13.44
CA ARG A 214 2.19 -5.17 -13.10
C ARG A 214 2.20 -5.41 -11.59
N ASP A 215 2.18 -4.36 -10.79
CA ASP A 215 2.15 -4.44 -9.33
C ASP A 215 3.38 -5.21 -8.81
N ILE A 216 4.55 -4.67 -9.14
CA ILE A 216 5.83 -5.23 -8.72
C ILE A 216 6.58 -4.15 -7.96
N CYS A 217 7.00 -4.46 -6.73
CA CYS A 217 7.73 -3.52 -5.91
C CYS A 217 9.23 -3.59 -6.19
N ILE A 218 9.90 -2.45 -6.00
CA ILE A 218 11.34 -2.33 -6.21
C ILE A 218 11.98 -1.94 -4.89
N ASP A 219 13.02 -2.68 -4.50
CA ASP A 219 13.68 -2.43 -3.22
C ASP A 219 14.57 -1.20 -3.27
N PHE A 220 15.59 -1.22 -4.13
CA PHE A 220 16.54 -0.13 -4.20
C PHE A 220 16.94 0.13 -5.64
N SER A 221 17.38 1.36 -5.91
CA SER A 221 17.87 1.74 -7.24
C SER A 221 19.18 2.50 -7.05
N GLU A 222 20.22 2.07 -7.75
CA GLU A 222 21.54 2.68 -7.64
C GLU A 222 22.14 2.88 -9.03
N LEU A 223 23.06 3.82 -9.11
CA LEU A 223 23.76 4.13 -10.35
C LEU A 223 25.27 3.95 -10.15
N ILE A 224 25.91 3.32 -11.13
CA ILE A 224 27.34 3.04 -11.10
C ILE A 224 27.97 3.51 -12.39
N SER A 225 29.29 3.66 -12.37
CA SER A 225 30.04 4.11 -13.53
C SER A 225 31.43 3.52 -13.50
N GLN A 226 32.08 3.50 -14.67
CA GLN A 226 33.44 2.95 -14.76
C GLN A 226 34.42 3.82 -14.01
N TYR A 227 34.23 5.14 -14.03
CA TYR A 227 35.14 6.08 -13.38
C TYR A 227 34.76 6.39 -11.95
N SER A 228 33.76 5.71 -11.41
CA SER A 228 33.35 5.93 -10.02
C SER A 228 34.47 5.53 -9.08
N ASP A 229 34.59 6.27 -7.98
CA ASP A 229 35.65 6.04 -7.00
C ASP A 229 35.26 4.89 -6.08
N GLU A 230 36.10 4.61 -5.09
CA GLU A 230 35.86 3.49 -4.18
C GLU A 230 34.68 3.75 -3.25
N GLU A 231 34.43 5.02 -2.90
CA GLU A 231 33.34 5.32 -1.97
C GLU A 231 31.99 4.94 -2.53
N GLU A 232 31.74 5.24 -3.81
CA GLU A 232 30.46 4.89 -4.42
C GLU A 232 30.29 3.37 -4.49
N ILE A 233 31.36 2.65 -4.84
CA ILE A 233 31.29 1.19 -4.90
C ILE A 233 30.99 0.61 -3.53
N GLN A 234 31.66 1.12 -2.50
CA GLN A 234 31.41 0.65 -1.14
C GLN A 234 29.98 0.93 -0.70
N HIS A 235 29.46 2.13 -1.03
CA HIS A 235 28.09 2.46 -0.68
C HIS A 235 27.10 1.54 -1.39
N VAL A 236 27.34 1.26 -2.67
CA VAL A 236 26.45 0.36 -3.42
C VAL A 236 26.48 -1.04 -2.83
N VAL A 237 27.68 -1.52 -2.47
CA VAL A 237 27.80 -2.85 -1.88
C VAL A 237 27.08 -2.91 -0.55
N GLU A 238 27.22 -1.87 0.28
CA GLU A 238 26.55 -1.84 1.57
C GLU A 238 25.03 -1.81 1.39
N VAL A 239 24.55 -1.05 0.41
CA VAL A 239 23.11 -1.00 0.14
C VAL A 239 22.61 -2.37 -0.31
N ILE A 240 23.36 -3.04 -1.19
CA ILE A 240 22.95 -4.35 -1.68
C ILE A 240 22.92 -5.36 -0.53
N GLN A 241 23.94 -5.34 0.32
CA GLN A 241 24.01 -6.30 1.43
C GLN A 241 22.87 -6.08 2.41
N ASN A 242 22.54 -4.83 2.71
CA ASN A 242 21.47 -4.49 3.65
C ASN A 242 20.12 -4.49 2.93
N SER A 243 19.77 -5.64 2.36
CA SER A 243 18.51 -5.80 1.65
C SER A 243 18.08 -7.25 1.71
N THR A 244 16.79 -7.48 1.52
CA THR A 244 16.21 -8.82 1.54
C THR A 244 15.83 -9.32 0.15
N ALA A 245 16.24 -8.61 -0.90
CA ALA A 245 15.92 -9.00 -2.26
C ALA A 245 16.98 -9.94 -2.82
N LYS A 246 16.52 -11.01 -3.48
CA LYS A 246 17.42 -11.98 -4.07
C LYS A 246 17.55 -11.86 -5.58
N VAL A 247 16.68 -11.10 -6.24
CA VAL A 247 16.71 -10.90 -7.68
C VAL A 247 17.12 -9.46 -7.96
N ILE A 248 18.16 -9.29 -8.77
CA ILE A 248 18.73 -7.99 -9.08
C ILE A 248 18.71 -7.78 -10.59
N VAL A 249 18.21 -6.63 -11.02
CA VAL A 249 18.18 -6.25 -12.43
C VAL A 249 19.35 -5.31 -12.69
N VAL A 250 20.18 -5.66 -13.66
CA VAL A 250 21.40 -4.91 -13.98
C VAL A 250 21.32 -4.43 -15.41
N PHE A 251 21.53 -3.13 -15.61
CA PHE A 251 21.56 -2.50 -16.93
C PHE A 251 22.89 -1.77 -17.06
N SER A 252 23.92 -2.48 -17.49
CA SER A 252 25.25 -1.91 -17.61
C SER A 252 26.06 -2.76 -18.58
N SER A 253 27.19 -2.21 -19.01
CA SER A 253 28.09 -2.89 -19.94
C SER A 253 29.11 -3.70 -19.15
N GLY A 254 30.09 -4.26 -19.85
CA GLY A 254 31.13 -5.07 -19.24
C GLY A 254 32.05 -4.28 -18.33
N PRO A 255 32.83 -3.35 -18.91
CA PRO A 255 33.74 -2.55 -18.10
C PRO A 255 33.04 -1.73 -17.02
N ASP A 256 31.81 -1.27 -17.28
CA ASP A 256 31.08 -0.50 -16.27
C ASP A 256 30.77 -1.36 -15.05
N LEU A 257 30.37 -2.61 -15.26
CA LEU A 257 30.02 -3.51 -14.17
C LEU A 257 31.23 -4.24 -13.59
N GLU A 258 32.39 -4.17 -14.24
CA GLU A 258 33.55 -4.92 -13.78
C GLU A 258 34.00 -4.54 -12.38
N PRO A 259 34.17 -3.26 -12.01
CA PRO A 259 34.59 -2.95 -10.64
C PRO A 259 33.60 -3.44 -9.58
N LEU A 260 32.30 -3.31 -9.85
CA LEU A 260 31.31 -3.79 -8.88
C LEU A 260 31.37 -5.29 -8.71
N ILE A 261 31.52 -6.02 -9.82
CA ILE A 261 31.64 -7.48 -9.75
C ILE A 261 32.89 -7.87 -8.98
N LYS A 262 34.00 -7.19 -9.24
CA LYS A 262 35.24 -7.50 -8.52
C LYS A 262 35.09 -7.23 -7.02
N GLU A 263 34.45 -6.11 -6.66
CA GLU A 263 34.25 -5.80 -5.25
C GLU A 263 33.34 -6.83 -4.58
N ILE A 264 32.28 -7.26 -5.28
CA ILE A 264 31.38 -8.27 -4.72
C ILE A 264 32.12 -9.59 -4.53
N VAL A 265 32.94 -9.98 -5.51
CA VAL A 265 33.71 -11.22 -5.39
C VAL A 265 34.69 -11.12 -4.22
N ARG A 266 35.30 -9.95 -4.02
CA ARG A 266 36.26 -9.79 -2.93
C ARG A 266 35.61 -9.99 -1.57
N ARG A 267 34.32 -9.63 -1.45
CA ARG A 267 33.60 -9.80 -0.19
C ARG A 267 32.91 -11.16 -0.08
N ASN A 268 32.96 -11.98 -1.13
CA ASN A 268 32.37 -13.32 -1.13
C ASN A 268 30.88 -13.28 -0.81
N ILE A 269 30.13 -12.57 -1.65
CA ILE A 269 28.68 -12.45 -1.49
C ILE A 269 28.02 -13.44 -2.44
N THR A 270 27.22 -14.36 -1.88
CA THR A 270 26.54 -15.37 -2.67
C THR A 270 25.04 -15.34 -2.43
N GLY A 271 24.33 -16.32 -2.96
CA GLY A 271 22.88 -16.40 -2.79
C GLY A 271 22.11 -15.28 -3.45
N LYS A 272 22.49 -14.90 -4.67
CA LYS A 272 21.83 -13.82 -5.40
C LYS A 272 21.50 -14.30 -6.81
N ILE A 273 20.37 -13.83 -7.32
CA ILE A 273 19.94 -14.13 -8.69
C ILE A 273 20.23 -12.91 -9.56
N TRP A 274 21.01 -13.11 -10.61
CA TRP A 274 21.45 -12.03 -11.49
C TRP A 274 20.74 -12.12 -12.82
N LEU A 275 20.18 -10.99 -13.26
CA LEU A 275 19.57 -10.86 -14.58
C LEU A 275 20.50 -10.03 -15.46
N ALA A 276 20.83 -10.55 -16.63
CA ALA A 276 21.82 -9.94 -17.52
C ALA A 276 21.14 -9.36 -18.75
N SER A 277 21.51 -8.14 -19.10
CA SER A 277 21.04 -7.51 -20.32
C SER A 277 21.85 -8.01 -21.52
N GLU A 278 21.38 -7.66 -22.72
CA GLU A 278 22.04 -8.13 -23.93
C GLU A 278 23.46 -7.61 -24.04
N ALA A 279 23.76 -6.45 -23.43
CA ALA A 279 25.09 -5.87 -23.54
C ALA A 279 26.15 -6.74 -22.86
N TRP A 280 25.83 -7.30 -21.69
CA TRP A 280 26.81 -8.05 -20.92
C TRP A 280 26.39 -9.49 -20.67
N ALA A 281 25.47 -10.02 -21.47
CA ALA A 281 25.07 -11.42 -21.33
C ALA A 281 26.11 -12.39 -21.86
N SER A 282 27.06 -11.92 -22.69
CA SER A 282 28.09 -12.79 -23.24
C SER A 282 29.47 -12.17 -23.19
N SER A 283 29.67 -11.09 -22.44
CA SER A 283 30.98 -10.46 -22.35
C SER A 283 31.95 -11.37 -21.61
N SER A 284 33.19 -11.41 -22.09
CA SER A 284 34.22 -12.24 -21.47
C SER A 284 34.92 -11.56 -20.30
N LEU A 285 34.67 -10.27 -20.08
CA LEU A 285 35.31 -9.58 -18.96
C LEU A 285 34.70 -9.98 -17.63
N ILE A 286 33.43 -10.36 -17.63
CA ILE A 286 32.72 -10.74 -16.41
C ILE A 286 32.53 -12.25 -16.33
N ALA A 287 32.24 -12.90 -17.45
CA ALA A 287 32.01 -14.34 -17.49
C ALA A 287 33.35 -15.06 -17.35
N MET A 288 33.75 -15.28 -16.10
CA MET A 288 34.98 -16.00 -15.78
C MET A 288 34.70 -17.07 -14.74
N PRO A 289 35.39 -18.21 -14.82
CA PRO A 289 35.16 -19.27 -13.83
C PRO A 289 35.48 -18.85 -12.41
N GLN A 290 36.49 -18.00 -12.21
CA GLN A 290 36.87 -17.59 -10.86
C GLN A 290 35.78 -16.75 -10.19
N TYR A 291 34.96 -16.07 -10.99
CA TYR A 291 33.78 -15.37 -10.48
C TYR A 291 32.51 -16.21 -10.60
N PHE A 292 32.61 -17.46 -11.05
CA PHE A 292 31.42 -18.26 -11.32
C PHE A 292 30.57 -18.45 -10.07
N HIS A 293 31.21 -18.76 -8.94
CA HIS A 293 30.48 -18.95 -7.69
C HIS A 293 29.78 -17.68 -7.20
N VAL A 294 29.92 -16.56 -7.91
CA VAL A 294 29.13 -15.38 -7.64
C VAL A 294 28.08 -15.11 -8.71
N VAL A 295 28.32 -15.54 -9.95
CA VAL A 295 27.41 -15.26 -11.06
C VAL A 295 26.84 -16.55 -11.67
N GLY A 296 26.83 -17.63 -10.90
CA GLY A 296 26.28 -18.87 -11.40
C GLY A 296 24.78 -18.78 -11.60
N GLY A 297 24.28 -19.48 -12.62
CA GLY A 297 22.87 -19.47 -12.94
C GLY A 297 22.37 -18.10 -13.36
N THR A 298 23.12 -17.43 -14.23
CA THR A 298 22.78 -16.09 -14.68
C THR A 298 21.99 -16.16 -15.97
N ILE A 299 20.84 -15.48 -16.00
CA ILE A 299 19.96 -15.44 -17.17
C ILE A 299 20.25 -14.18 -17.95
N GLY A 300 20.51 -14.33 -19.25
CA GLY A 300 20.84 -13.21 -20.11
C GLY A 300 20.09 -13.28 -21.43
N PHE A 301 20.20 -12.19 -22.18
CA PHE A 301 19.52 -12.03 -23.46
C PHE A 301 20.54 -12.04 -24.59
N ALA A 302 20.21 -12.73 -25.68
CA ALA A 302 21.07 -12.79 -26.85
C ALA A 302 20.22 -12.62 -28.10
N LEU A 303 20.86 -12.11 -29.15
CA LEU A 303 20.18 -11.85 -30.41
C LEU A 303 20.22 -13.09 -31.31
N LYS A 304 19.69 -12.96 -32.52
CA LYS A 304 19.65 -14.05 -33.47
C LYS A 304 20.96 -14.09 -34.26
N ALA A 305 21.62 -15.23 -34.23
CA ALA A 305 22.89 -15.38 -34.94
C ALA A 305 22.67 -15.51 -36.45
N GLY A 306 23.70 -15.14 -37.21
CA GLY A 306 23.68 -15.23 -38.65
C GLY A 306 24.77 -16.15 -39.17
N GLN A 307 24.75 -16.38 -40.48
CA GLN A 307 25.71 -17.24 -41.14
C GLN A 307 26.48 -16.45 -42.18
N ILE A 308 27.81 -16.50 -42.10
CA ILE A 308 28.68 -15.83 -43.06
C ILE A 308 29.65 -16.86 -43.64
N PRO A 309 29.31 -17.49 -44.75
CA PRO A 309 30.23 -18.49 -45.34
C PRO A 309 31.56 -17.87 -45.73
N GLY A 310 32.62 -18.63 -45.50
CA GLY A 310 33.96 -18.19 -45.84
C GLY A 310 34.59 -17.23 -44.84
N PHE A 311 33.91 -16.92 -43.74
CA PHE A 311 34.46 -15.97 -42.78
C PHE A 311 35.65 -16.56 -42.03
N ARG A 312 35.57 -17.84 -41.65
CA ARG A 312 36.65 -18.45 -40.86
C ARG A 312 37.93 -18.56 -41.69
N GLU A 313 37.81 -18.91 -42.97
CA GLU A 313 38.99 -19.00 -43.82
C GLU A 313 39.67 -17.65 -43.96
N PHE A 314 38.89 -16.58 -44.14
CA PHE A 314 39.47 -15.24 -44.22
C PHE A 314 40.06 -14.81 -42.88
N LEU A 315 39.48 -15.23 -41.77
CA LEU A 315 40.01 -14.89 -40.46
C LEU A 315 41.34 -15.59 -40.21
N LYS A 316 41.47 -16.83 -40.67
CA LYS A 316 42.65 -17.65 -40.40
C LYS A 316 43.82 -17.37 -41.35
N LYS A 317 43.78 -16.26 -42.10
CA LYS A 317 44.87 -15.92 -43.02
C LYS A 317 45.41 -14.52 -42.74
N VAL A 318 45.27 -14.05 -41.50
CA VAL A 318 45.77 -12.74 -41.12
C VAL A 318 47.28 -12.83 -40.92
N HIS A 319 47.99 -11.79 -41.37
CA HIS A 319 49.44 -11.72 -41.25
C HIS A 319 49.85 -10.28 -41.03
N PRO A 320 50.80 -10.02 -40.14
CA PRO A 320 51.21 -8.62 -39.87
C PRO A 320 52.02 -8.00 -40.99
N ARG A 321 52.48 -8.77 -41.97
CA ARG A 321 53.30 -8.25 -43.06
C ARG A 321 52.55 -8.14 -44.37
N LYS A 322 51.81 -9.18 -44.76
CA LYS A 322 51.09 -9.14 -46.02
C LYS A 322 49.87 -8.21 -45.98
N SER A 323 49.35 -7.91 -44.79
CA SER A 323 48.19 -7.03 -44.64
C SER A 323 48.67 -5.57 -44.57
N VAL A 324 49.10 -5.07 -45.74
CA VAL A 324 49.57 -3.69 -45.82
C VAL A 324 48.41 -2.72 -45.62
N HIS A 325 47.23 -3.06 -46.15
CA HIS A 325 46.08 -2.17 -46.02
C HIS A 325 45.60 -2.08 -44.58
N ASN A 326 45.60 -3.21 -43.86
CA ASN A 326 45.13 -3.25 -42.48
C ASN A 326 46.32 -2.99 -41.56
N GLY A 327 46.39 -1.79 -41.01
CA GLY A 327 47.46 -1.41 -40.10
C GLY A 327 47.25 -1.79 -38.66
N PHE A 328 46.14 -2.43 -38.33
CA PHE A 328 45.85 -2.82 -36.95
C PHE A 328 46.36 -4.22 -36.61
N ALA A 329 46.89 -4.96 -37.60
CA ALA A 329 47.39 -6.30 -37.33
C ALA A 329 48.72 -6.29 -36.57
N LYS A 330 49.50 -5.21 -36.69
CA LYS A 330 50.79 -5.15 -36.00
C LYS A 330 50.60 -5.19 -34.50
N GLU A 331 49.63 -4.45 -33.97
CA GLU A 331 49.35 -4.49 -32.54
C GLU A 331 48.63 -5.77 -32.13
N PHE A 332 47.75 -6.28 -33.01
CA PHE A 332 47.02 -7.51 -32.70
C PHE A 332 47.97 -8.69 -32.53
N TRP A 333 48.95 -8.81 -33.42
CA TRP A 333 49.92 -9.90 -33.32
C TRP A 333 50.70 -9.82 -32.00
N GLU A 334 51.16 -8.63 -31.64
CA GLU A 334 51.89 -8.47 -30.39
C GLU A 334 51.02 -8.79 -29.18
N GLU A 335 49.75 -8.36 -29.21
CA GLU A 335 48.86 -8.62 -28.08
C GLU A 335 48.54 -10.11 -27.95
N THR A 336 48.36 -10.79 -29.09
CA THR A 336 47.99 -12.21 -29.05
C THR A 336 49.19 -13.14 -28.92
N PHE A 337 50.41 -12.63 -29.05
CA PHE A 337 51.60 -13.48 -28.92
C PHE A 337 52.57 -12.99 -27.84
N ASN A 338 52.28 -11.86 -27.19
CA ASN A 338 53.12 -11.31 -26.12
C ASN A 338 54.56 -11.13 -26.60
N CYS A 339 54.72 -10.27 -27.60
CA CYS A 339 56.01 -10.03 -28.21
C CYS A 339 56.00 -8.63 -28.84
N HIS A 340 57.04 -8.31 -29.58
CA HIS A 340 57.12 -7.02 -30.27
C HIS A 340 58.06 -7.15 -31.45
N LEU A 341 57.94 -6.22 -32.38
CA LEU A 341 58.78 -6.21 -33.58
C LEU A 341 59.68 -4.97 -33.61
N ARG A 373 58.49 -9.07 -25.05
CA ARG A 373 59.90 -8.66 -25.03
C ARG A 373 60.82 -9.55 -25.89
N PRO A 374 60.68 -10.87 -25.82
CA PRO A 374 61.49 -11.73 -26.70
C PRO A 374 61.17 -11.45 -28.17
N LEU A 375 62.20 -11.57 -29.01
CA LEU A 375 62.04 -11.36 -30.43
C LEU A 375 61.16 -12.45 -31.04
N CYS A 376 60.33 -12.06 -32.00
CA CYS A 376 59.39 -12.95 -32.64
C CYS A 376 59.73 -13.10 -34.13
N THR A 377 59.11 -14.09 -34.76
CA THR A 377 59.28 -14.35 -36.18
C THR A 377 57.92 -14.62 -36.80
N GLY A 378 57.83 -14.36 -38.10
CA GLY A 378 56.58 -14.56 -38.82
C GLY A 378 56.37 -15.98 -39.28
N ASP A 379 56.43 -16.94 -38.36
CA ASP A 379 56.24 -18.34 -38.69
C ASP A 379 55.39 -19.08 -37.67
N GLU A 380 54.71 -18.37 -36.78
CA GLU A 380 53.89 -19.00 -35.76
C GLU A 380 52.49 -19.29 -36.28
N ASN A 381 51.68 -19.97 -35.47
CA ASN A 381 50.33 -20.36 -35.84
C ASN A 381 49.32 -19.61 -34.99
N ILE A 382 48.24 -19.13 -35.64
CA ILE A 382 47.16 -18.32 -34.98
C ILE A 382 46.21 -19.28 -34.28
N SER A 383 46.03 -20.46 -34.84
CA SER A 383 45.10 -21.46 -34.27
C SER A 383 45.56 -21.88 -32.87
N SER A 384 46.88 -21.95 -32.63
CA SER A 384 47.45 -22.38 -31.32
C SER A 384 46.90 -21.57 -30.15
N VAL A 385 47.25 -20.30 -30.04
CA VAL A 385 46.85 -19.49 -28.88
C VAL A 385 45.33 -19.41 -28.85
N GLU A 386 44.74 -19.70 -27.69
CA GLU A 386 43.30 -19.66 -27.51
C GLU A 386 42.87 -18.22 -27.24
N THR A 387 42.22 -17.61 -28.22
CA THR A 387 41.75 -16.23 -28.13
C THR A 387 40.32 -16.16 -28.63
N PRO A 388 39.54 -15.18 -28.15
CA PRO A 388 38.18 -14.99 -28.67
C PRO A 388 38.13 -14.61 -30.14
N TYR A 389 39.25 -14.23 -30.74
CA TYR A 389 39.26 -13.82 -32.14
C TYR A 389 38.82 -14.96 -33.05
N ILE A 390 39.27 -16.18 -32.78
CA ILE A 390 38.95 -17.34 -33.60
C ILE A 390 38.04 -18.34 -32.90
N ASP A 391 37.97 -18.31 -31.57
CA ASP A 391 37.14 -19.23 -30.80
C ASP A 391 35.78 -18.56 -30.55
N TYR A 392 34.78 -18.95 -31.32
CA TYR A 392 33.45 -18.41 -31.19
C TYR A 392 32.43 -19.44 -31.67
N THR A 393 31.18 -19.26 -31.25
CA THR A 393 30.10 -20.16 -31.63
C THR A 393 28.97 -19.49 -32.39
N HIS A 394 28.81 -18.17 -32.28
CA HIS A 394 27.73 -17.47 -32.98
C HIS A 394 28.22 -16.07 -33.36
N LEU A 395 27.58 -15.51 -34.38
CA LEU A 395 27.91 -14.18 -34.89
C LEU A 395 26.65 -13.34 -34.89
N ARG A 396 26.60 -12.32 -34.04
CA ARG A 396 25.45 -11.43 -33.94
C ARG A 396 25.80 -10.00 -34.37
N ILE A 397 26.81 -9.39 -33.75
CA ILE A 397 27.18 -8.04 -34.14
C ILE A 397 27.84 -8.03 -35.52
N SER A 398 28.66 -9.04 -35.81
CA SER A 398 29.28 -9.15 -37.12
C SER A 398 28.22 -9.31 -38.21
N TYR A 399 27.16 -10.07 -37.92
CA TYR A 399 26.05 -10.17 -38.86
C TYR A 399 25.37 -8.83 -39.07
N ASN A 400 25.24 -8.04 -37.99
CA ASN A 400 24.66 -6.71 -38.12
C ASN A 400 25.51 -5.82 -39.01
N VAL A 401 26.83 -5.87 -38.84
CA VAL A 401 27.73 -5.08 -39.69
C VAL A 401 27.62 -5.55 -41.14
N TYR A 402 27.57 -6.86 -41.36
CA TYR A 402 27.39 -7.38 -42.71
C TYR A 402 26.10 -6.88 -43.34
N LEU A 403 25.01 -6.91 -42.58
CA LEU A 403 23.72 -6.44 -43.10
C LEU A 403 23.76 -4.95 -43.40
N ALA A 404 24.41 -4.15 -42.55
CA ALA A 404 24.51 -2.72 -42.81
C ALA A 404 25.32 -2.44 -44.08
N VAL A 405 26.45 -3.13 -44.24
CA VAL A 405 27.27 -2.94 -45.43
C VAL A 405 26.51 -3.35 -46.68
N TYR A 406 25.80 -4.49 -46.63
CA TYR A 406 25.01 -4.90 -47.78
C TYR A 406 23.83 -3.98 -48.04
N SER A 407 23.26 -3.36 -47.00
CA SER A 407 22.21 -2.36 -47.22
C SER A 407 22.76 -1.15 -47.95
N ILE A 408 23.94 -0.69 -47.55
CA ILE A 408 24.57 0.43 -48.24
C ILE A 408 24.86 0.07 -49.69
N ALA A 409 25.37 -1.15 -49.91
CA ALA A 409 25.66 -1.60 -51.27
C ALA A 409 24.38 -1.67 -52.11
N HIS A 410 23.29 -2.16 -51.52
CA HIS A 410 22.03 -2.23 -52.25
C HIS A 410 21.50 -0.84 -52.58
N ALA A 411 21.66 0.11 -51.65
CA ALA A 411 21.26 1.48 -51.93
C ALA A 411 22.07 2.06 -53.08
N LEU A 412 23.38 1.82 -53.08
CA LEU A 412 24.22 2.29 -54.19
C LEU A 412 23.81 1.64 -55.50
N GLN A 413 23.49 0.35 -55.47
CA GLN A 413 23.05 -0.34 -56.69
C GLN A 413 21.73 0.22 -57.20
N ASP A 414 20.80 0.52 -56.29
CA ASP A 414 19.53 1.13 -56.70
C ASP A 414 19.75 2.51 -57.28
N ILE A 415 20.70 3.26 -56.72
CA ILE A 415 21.06 4.56 -57.29
C ILE A 415 21.60 4.38 -58.71
N TYR A 416 22.46 3.38 -58.91
CA TYR A 416 23.06 3.16 -60.22
C TYR A 416 22.02 2.71 -61.24
N THR A 417 21.08 1.86 -60.85
CA THR A 417 20.19 1.19 -61.79
C THR A 417 18.87 1.93 -62.00
N CYS A 418 18.71 3.12 -61.43
CA CYS A 418 17.46 3.86 -61.59
C CYS A 418 17.27 4.27 -63.05
N LEU A 419 16.01 4.18 -63.52
CA LEU A 419 15.65 4.54 -64.89
C LEU A 419 15.02 5.92 -64.92
N PRO A 420 15.25 6.67 -66.02
CA PRO A 420 14.67 8.02 -66.10
C PRO A 420 13.16 7.99 -66.16
N GLY A 421 12.55 9.05 -65.62
CA GLY A 421 11.11 9.20 -65.64
C GLY A 421 10.39 8.62 -64.44
N ARG A 422 11.08 7.87 -63.57
CA ARG A 422 10.47 7.31 -62.38
C ARG A 422 11.33 7.53 -61.14
N GLY A 423 12.20 8.53 -61.15
CA GLY A 423 13.04 8.80 -60.01
C GLY A 423 12.26 9.39 -58.85
N LEU A 424 12.86 9.30 -57.66
CA LEU A 424 12.23 9.80 -56.45
C LEU A 424 12.50 11.28 -56.20
N PHE A 425 13.32 11.92 -57.04
CA PHE A 425 13.61 13.33 -56.88
C PHE A 425 12.50 14.17 -57.53
N THR A 426 12.69 15.48 -57.56
CA THR A 426 11.68 16.37 -58.13
C THR A 426 11.59 16.19 -59.65
N ASN A 427 10.37 16.28 -60.17
CA ASN A 427 10.07 16.18 -61.60
C ASN A 427 10.53 14.85 -62.19
N GLY A 428 10.66 13.81 -61.37
CA GLY A 428 11.10 12.52 -61.87
C GLY A 428 12.55 12.43 -62.24
N SER A 429 13.37 13.40 -61.84
CA SER A 429 14.78 13.37 -62.18
C SER A 429 15.51 12.28 -61.40
N CYS A 430 16.62 11.82 -61.97
CA CYS A 430 17.43 10.77 -61.38
C CYS A 430 18.88 11.25 -61.24
N ALA A 431 19.53 10.78 -60.18
CA ALA A 431 20.92 11.16 -59.92
C ALA A 431 21.86 10.43 -60.86
N ASP A 432 23.09 10.92 -60.93
CA ASP A 432 24.14 10.34 -61.75
C ASP A 432 25.16 9.66 -60.86
N ILE A 433 25.55 8.43 -61.22
CA ILE A 433 26.49 7.68 -60.40
C ILE A 433 27.88 8.32 -60.42
N LYS A 434 28.19 9.12 -61.44
CA LYS A 434 29.50 9.77 -61.49
C LYS A 434 29.66 10.77 -60.35
N LYS A 435 28.62 11.54 -60.05
CA LYS A 435 28.64 12.53 -58.98
C LYS A 435 27.47 12.26 -58.04
N VAL A 436 27.75 11.69 -56.87
CA VAL A 436 26.74 11.35 -55.90
C VAL A 436 26.93 12.21 -54.66
N GLU A 437 25.82 12.50 -53.98
CA GLU A 437 25.83 13.35 -52.80
C GLU A 437 25.22 12.60 -51.62
N ALA A 438 25.57 13.07 -50.41
CA ALA A 438 25.14 12.37 -49.20
C ALA A 438 23.63 12.38 -49.03
N TRP A 439 22.98 13.52 -49.32
CA TRP A 439 21.55 13.61 -49.11
C TRP A 439 20.78 12.66 -50.03
N GLN A 440 21.25 12.47 -51.26
CA GLN A 440 20.61 11.51 -52.15
C GLN A 440 20.75 10.08 -51.61
N VAL A 441 21.92 9.73 -51.09
CA VAL A 441 22.12 8.42 -50.50
C VAL A 441 21.19 8.23 -49.31
N LEU A 442 21.06 9.25 -48.47
CA LEU A 442 20.15 9.17 -47.33
C LEU A 442 18.71 9.00 -47.78
N LYS A 443 18.30 9.73 -48.83
CA LYS A 443 16.93 9.62 -49.32
C LYS A 443 16.64 8.22 -49.84
N HIS A 444 17.57 7.65 -50.62
CA HIS A 444 17.36 6.29 -51.10
C HIS A 444 17.44 5.26 -49.98
N LEU A 445 18.22 5.54 -48.93
CA LEU A 445 18.30 4.60 -47.81
C LEU A 445 17.05 4.67 -46.94
N ARG A 446 16.35 5.81 -46.94
CA ARG A 446 15.13 5.91 -46.15
C ARG A 446 14.05 4.97 -46.68
N HIS A 447 14.05 4.69 -47.97
CA HIS A 447 13.10 3.77 -48.60
C HIS A 447 13.92 2.62 -49.19
N LEU A 448 14.18 1.60 -48.37
CA LEU A 448 14.97 0.45 -48.79
C LEU A 448 14.21 -0.83 -48.50
N ASN A 449 14.24 -1.77 -49.44
CA ASN A 449 13.56 -3.05 -49.28
C ASN A 449 14.31 -4.06 -50.14
N PHE A 450 14.94 -5.06 -49.51
CA PHE A 450 15.70 -6.06 -50.26
C PHE A 450 15.61 -7.39 -49.53
N THR A 451 16.37 -8.36 -50.03
CA THR A 451 16.39 -9.71 -49.49
C THR A 451 17.80 -10.09 -49.03
N ASN A 452 17.85 -10.98 -48.05
CA ASN A 452 19.11 -11.46 -47.49
C ASN A 452 19.54 -12.75 -48.16
N ASN A 453 20.76 -13.18 -47.81
CA ASN A 453 21.27 -14.45 -48.30
C ASN A 453 20.59 -15.65 -47.67
N MET A 454 19.84 -15.45 -46.58
CA MET A 454 19.12 -16.51 -45.89
C MET A 454 17.64 -16.52 -46.24
N GLY A 455 17.25 -15.86 -47.32
CA GLY A 455 15.85 -15.81 -47.71
C GLY A 455 14.97 -15.01 -46.76
N GLU A 456 15.46 -13.86 -46.29
CA GLU A 456 14.71 -13.00 -45.40
C GLU A 456 14.62 -11.60 -46.00
N GLN A 457 13.50 -10.92 -45.72
CA GLN A 457 13.25 -9.59 -46.24
C GLN A 457 13.70 -8.53 -45.23
N VAL A 458 14.47 -7.56 -45.71
CA VAL A 458 14.97 -6.48 -44.88
C VAL A 458 14.43 -5.17 -45.41
N THR A 459 13.78 -4.41 -44.53
CA THR A 459 13.22 -3.09 -44.84
C THR A 459 13.70 -2.10 -43.79
N PHE A 460 13.34 -0.83 -44.00
CA PHE A 460 13.66 0.24 -43.07
C PHE A 460 12.37 0.95 -42.64
N ASP A 461 12.23 1.16 -41.34
CA ASP A 461 11.06 1.82 -40.80
C ASP A 461 11.17 3.33 -40.99
N GLU A 462 10.12 4.05 -40.59
CA GLU A 462 10.12 5.51 -40.71
C GLU A 462 11.14 6.15 -39.77
N CYS A 463 11.46 5.49 -38.66
CA CYS A 463 12.44 5.98 -37.71
C CYS A 463 13.80 5.32 -37.87
N GLY A 464 13.99 4.54 -38.92
CA GLY A 464 15.25 3.83 -39.14
C GLY A 464 15.54 2.77 -38.09
N ASP A 465 14.52 2.03 -37.68
CA ASP A 465 14.66 0.97 -36.68
C ASP A 465 14.32 -0.38 -37.29
N LEU A 466 14.89 -1.43 -36.70
CA LEU A 466 14.66 -2.80 -37.15
C LEU A 466 14.15 -3.63 -35.98
N VAL A 467 13.42 -4.70 -36.31
CA VAL A 467 12.84 -5.59 -35.33
C VAL A 467 13.42 -6.99 -35.53
N GLY A 468 13.41 -7.78 -34.46
CA GLY A 468 13.94 -9.13 -34.53
C GLY A 468 13.57 -9.90 -33.28
N ASN A 469 13.79 -11.21 -33.35
CA ASN A 469 13.49 -12.09 -32.24
C ASN A 469 14.55 -11.97 -31.16
N TYR A 470 14.23 -12.51 -29.98
CA TYR A 470 15.15 -12.52 -28.85
C TYR A 470 15.29 -13.94 -28.32
N SER A 471 16.45 -14.22 -27.73
CA SER A 471 16.75 -15.53 -27.17
C SER A 471 17.21 -15.36 -25.72
N ILE A 472 16.89 -16.34 -24.89
CA ILE A 472 17.23 -16.33 -23.47
C ILE A 472 18.26 -17.42 -23.23
N ILE A 473 19.36 -17.07 -22.58
CA ILE A 473 20.46 -18.00 -22.33
C ILE A 473 20.73 -18.06 -20.84
N ASN A 474 21.27 -19.19 -20.40
CA ASN A 474 21.63 -19.43 -19.02
C ASN A 474 23.08 -19.88 -18.94
N TRP A 475 23.73 -19.56 -17.83
CA TRP A 475 25.14 -19.83 -17.64
C TRP A 475 25.33 -21.18 -16.95
N HIS A 476 26.20 -22.02 -17.52
CA HIS A 476 26.50 -23.33 -16.97
C HIS A 476 28.00 -23.53 -16.91
N LEU A 477 28.43 -24.47 -16.08
CA LEU A 477 29.83 -24.78 -15.89
C LEU A 477 30.20 -26.04 -16.68
N SER A 478 31.30 -25.96 -17.42
CA SER A 478 31.76 -27.12 -18.18
C SER A 478 32.20 -28.23 -17.24
N PRO A 479 31.91 -29.49 -17.57
CA PRO A 479 32.27 -30.60 -16.66
C PRO A 479 33.75 -30.93 -16.72
N GLU A 480 34.41 -30.63 -17.84
CA GLU A 480 35.83 -30.91 -17.99
C GLU A 480 36.67 -29.69 -18.34
N ASP A 481 36.13 -28.73 -19.10
CA ASP A 481 36.89 -27.55 -19.45
C ASP A 481 36.96 -26.57 -18.29
N GLY A 482 35.90 -26.48 -17.49
CA GLY A 482 35.85 -25.55 -16.38
C GLY A 482 35.45 -24.14 -16.74
N SER A 483 35.15 -23.86 -18.01
CA SER A 483 34.76 -22.53 -18.44
C SER A 483 33.24 -22.39 -18.41
N ILE A 484 32.79 -21.15 -18.56
CA ILE A 484 31.36 -20.82 -18.55
C ILE A 484 30.81 -20.98 -19.96
N VAL A 485 29.67 -21.66 -20.07
CA VAL A 485 29.01 -21.88 -21.35
C VAL A 485 27.58 -21.38 -21.26
N PHE A 486 27.00 -21.11 -22.43
CA PHE A 486 25.66 -20.58 -22.54
C PHE A 486 24.72 -21.64 -23.12
N LYS A 487 23.57 -21.83 -22.47
CA LYS A 487 22.59 -22.81 -22.90
C LYS A 487 21.25 -22.14 -23.12
N GLU A 488 20.58 -22.49 -24.21
CA GLU A 488 19.27 -21.92 -24.52
C GLU A 488 18.19 -22.62 -23.71
N VAL A 489 17.37 -21.84 -23.02
CA VAL A 489 16.35 -22.39 -22.14
C VAL A 489 14.99 -21.79 -22.47
N GLY A 490 14.93 -20.94 -23.49
CA GLY A 490 13.69 -20.31 -23.87
C GLY A 490 13.91 -19.22 -24.88
N TYR A 491 12.83 -18.52 -25.19
CA TYR A 491 12.88 -17.45 -26.18
C TYR A 491 11.73 -16.47 -25.95
N TYR A 492 11.86 -15.31 -26.60
CA TYR A 492 10.85 -14.26 -26.56
C TYR A 492 10.46 -13.89 -27.98
N ASN A 493 9.16 -13.79 -28.23
CA ASN A 493 8.64 -13.45 -29.54
C ASN A 493 8.28 -11.98 -29.61
N VAL A 494 8.24 -11.45 -30.83
CA VAL A 494 7.89 -10.06 -31.08
C VAL A 494 6.81 -9.90 -32.14
N TYR A 495 6.34 -11.00 -32.74
CA TYR A 495 5.32 -10.95 -33.77
C TYR A 495 3.99 -11.53 -33.32
N ALA A 496 3.80 -11.69 -32.00
CA ALA A 496 2.59 -12.27 -31.44
C ALA A 496 1.89 -11.24 -30.56
N LYS A 497 0.69 -11.60 -30.10
CA LYS A 497 -0.08 -10.73 -29.24
C LYS A 497 0.55 -10.65 -27.85
N LYS A 498 0.13 -9.63 -27.09
CA LYS A 498 0.66 -9.43 -25.75
C LYS A 498 0.24 -10.58 -24.84
N GLY A 499 1.19 -11.06 -24.04
CA GLY A 499 0.95 -12.16 -23.13
C GLY A 499 1.22 -13.53 -23.70
N GLU A 500 1.46 -13.65 -25.01
CA GLU A 500 1.78 -14.90 -25.66
C GLU A 500 3.05 -14.78 -26.47
N ARG A 501 4.05 -14.08 -25.92
CA ARG A 501 5.30 -13.83 -26.61
C ARG A 501 6.51 -14.52 -25.99
N LEU A 502 6.38 -15.05 -24.77
CA LEU A 502 7.50 -15.64 -24.04
C LEU A 502 7.30 -17.13 -23.88
N PHE A 503 8.34 -17.90 -24.14
CA PHE A 503 8.35 -19.34 -23.91
C PHE A 503 9.55 -19.69 -23.05
N ILE A 504 9.31 -20.37 -21.94
CA ILE A 504 10.34 -20.74 -20.98
C ILE A 504 10.25 -22.23 -20.71
N ASN A 505 11.40 -22.92 -20.79
CA ASN A 505 11.49 -24.34 -20.49
C ASN A 505 12.18 -24.49 -19.13
N GLU A 506 11.42 -24.88 -18.11
CA GLU A 506 11.95 -24.96 -16.75
C GLU A 506 12.89 -26.16 -16.57
N GLU A 507 12.77 -27.18 -17.40
CA GLU A 507 13.56 -28.40 -17.24
C GLU A 507 15.04 -28.21 -17.55
N LYS A 508 15.43 -27.07 -18.11
CA LYS A 508 16.84 -26.81 -18.43
C LYS A 508 17.45 -25.68 -17.65
N ILE A 509 16.68 -24.95 -16.85
CA ILE A 509 17.20 -23.83 -16.08
C ILE A 509 17.78 -24.36 -14.76
N LEU A 510 19.05 -24.07 -14.54
CA LEU A 510 19.75 -24.45 -13.30
C LEU A 510 20.05 -23.17 -12.52
N TRP A 511 19.42 -23.03 -11.36
CA TRP A 511 19.60 -21.85 -10.53
C TRP A 511 20.88 -21.95 -9.72
N SER A 512 21.61 -20.84 -9.62
CA SER A 512 22.85 -20.73 -8.87
C SER A 512 23.92 -21.71 -9.35
N GLY A 513 23.79 -22.22 -10.58
CA GLY A 513 24.77 -23.12 -11.14
C GLY A 513 24.57 -24.57 -10.76
N PHE A 514 24.11 -24.83 -9.53
CA PHE A 514 23.93 -26.19 -9.05
C PHE A 514 22.59 -26.45 -8.39
N SER A 515 21.88 -25.43 -7.91
CA SER A 515 20.61 -25.64 -7.24
C SER A 515 19.52 -26.00 -8.23
N ARG A 516 18.53 -26.74 -7.75
CA ARG A 516 17.39 -27.18 -8.55
C ARG A 516 16.07 -26.56 -8.13
N GLU A 517 15.86 -26.36 -6.83
CA GLU A 517 14.62 -25.77 -6.35
C GLU A 517 14.51 -24.32 -6.80
N VAL A 518 13.29 -23.92 -7.16
CA VAL A 518 13.05 -22.53 -7.61
C VAL A 518 13.30 -21.59 -6.44
N PRO A 519 14.09 -20.53 -6.63
CA PRO A 519 14.35 -19.60 -5.52
C PRO A 519 13.10 -18.86 -5.09
N PHE A 520 13.05 -18.53 -3.80
CA PHE A 520 11.92 -17.84 -3.20
C PHE A 520 12.36 -16.44 -2.82
N SER A 521 11.71 -15.42 -3.40
CA SER A 521 12.04 -14.03 -3.15
C SER A 521 10.74 -13.23 -2.99
N ASN A 522 10.24 -13.17 -1.77
CA ASN A 522 9.07 -12.38 -1.42
C ASN A 522 9.37 -11.58 -0.15
N CYS A 523 8.70 -10.44 -0.01
CA CYS A 523 8.90 -9.62 1.18
C CYS A 523 8.41 -10.34 2.42
N SER A 524 7.26 -10.99 2.34
CA SER A 524 6.71 -11.73 3.48
C SER A 524 5.87 -12.89 2.97
N ARG A 525 5.69 -13.88 3.81
CA ARG A 525 4.91 -15.05 3.46
C ARG A 525 3.43 -14.69 3.35
N ASP A 526 2.73 -15.36 2.43
CA ASP A 526 1.32 -15.09 2.23
C ASP A 526 0.49 -15.61 3.39
N CYS A 527 -0.63 -14.95 3.63
CA CYS A 527 -1.52 -15.34 4.73
C CYS A 527 -2.24 -16.64 4.39
N LEU A 528 -2.46 -17.47 5.40
CA LEU A 528 -3.13 -18.74 5.23
C LEU A 528 -4.64 -18.54 5.28
N ALA A 529 -5.39 -19.65 5.23
CA ALA A 529 -6.85 -19.56 5.29
C ALA A 529 -7.31 -19.09 6.66
N GLY A 530 -8.35 -18.27 6.67
CA GLY A 530 -8.85 -17.69 7.90
C GLY A 530 -8.03 -16.55 8.46
N THR A 531 -7.06 -16.04 7.70
CA THR A 531 -6.18 -14.97 8.16
C THR A 531 -6.18 -13.86 7.12
N ARG A 532 -6.38 -12.63 7.59
CA ARG A 532 -6.44 -11.45 6.73
C ARG A 532 -5.16 -10.64 6.85
N LYS A 533 -5.09 -9.57 6.06
CA LYS A 533 -3.92 -8.72 5.94
C LYS A 533 -3.95 -7.59 6.95
N GLY A 534 -2.76 -7.08 7.25
CA GLY A 534 -2.60 -5.93 8.13
C GLY A 534 -1.49 -5.02 7.67
N ILE A 535 -1.71 -3.71 7.77
CA ILE A 535 -0.79 -2.72 7.21
C ILE A 535 0.32 -2.44 8.20
N ILE A 536 1.54 -2.28 7.67
CA ILE A 536 2.70 -1.86 8.45
C ILE A 536 3.04 -0.44 8.04
N GLU A 537 3.23 0.43 9.02
CA GLU A 537 3.44 1.85 8.76
C GLU A 537 4.74 2.08 8.00
N GLY A 538 4.69 2.96 7.00
CA GLY A 538 5.86 3.30 6.23
C GLY A 538 6.42 2.17 5.41
N GLU A 539 5.55 1.30 4.88
CA GLU A 539 5.96 0.17 4.08
C GLU A 539 5.14 0.11 2.79
N PRO A 540 5.70 -0.46 1.73
CA PRO A 540 4.94 -0.57 0.47
C PRO A 540 3.83 -1.60 0.59
N THR A 541 2.91 -1.56 -0.39
CA THR A 541 1.77 -2.46 -0.38
C THR A 541 2.18 -3.92 -0.55
N CYS A 542 3.38 -4.19 -1.06
CA CYS A 542 3.87 -5.56 -1.20
C CYS A 542 4.27 -6.19 0.13
N CYS A 543 4.42 -5.39 1.18
CA CYS A 543 4.79 -5.87 2.50
C CYS A 543 3.65 -5.63 3.47
N PHE A 544 3.29 -6.66 4.23
CA PHE A 544 2.17 -6.59 5.16
C PHE A 544 2.39 -7.61 6.27
N GLU A 545 1.38 -7.78 7.11
CA GLU A 545 1.41 -8.78 8.18
C GLU A 545 0.13 -9.60 8.11
N CYS A 546 0.15 -10.76 8.76
CA CYS A 546 -0.98 -11.68 8.79
C CYS A 546 -1.62 -11.64 10.17
N VAL A 547 -2.93 -11.41 10.21
CA VAL A 547 -3.68 -11.36 11.47
C VAL A 547 -4.91 -12.25 11.34
N GLU A 548 -5.14 -13.08 12.36
CA GLU A 548 -6.23 -14.03 12.32
C GLU A 548 -7.59 -13.31 12.31
N CYS A 549 -8.51 -13.86 11.52
CA CYS A 549 -9.86 -13.31 11.47
C CYS A 549 -10.56 -13.52 12.81
N PRO A 550 -11.17 -12.48 13.36
CA PRO A 550 -11.87 -12.62 14.63
C PRO A 550 -13.20 -13.35 14.46
N ASP A 551 -13.85 -13.59 15.59
CA ASP A 551 -15.10 -14.35 15.61
C ASP A 551 -16.21 -13.56 14.92
N GLY A 552 -17.15 -14.28 14.31
CA GLY A 552 -18.30 -13.69 13.65
C GLY A 552 -18.20 -13.62 12.13
N GLU A 553 -17.02 -13.82 11.56
CA GLU A 553 -16.84 -13.81 10.12
C GLU A 553 -15.68 -14.74 9.75
N TYR A 554 -15.66 -15.16 8.49
CA TYR A 554 -14.73 -16.17 8.02
C TYR A 554 -14.16 -15.79 6.66
N SER A 555 -13.03 -16.41 6.32
CA SER A 555 -12.44 -16.27 5.00
C SER A 555 -11.92 -17.62 4.56
N ASP A 556 -12.28 -18.04 3.35
CA ASP A 556 -11.96 -19.37 2.85
C ASP A 556 -10.94 -19.32 1.70
N GLU A 557 -10.21 -18.22 1.58
CA GLU A 557 -9.20 -18.07 0.54
C GLU A 557 -7.91 -17.54 1.14
N THR A 558 -6.79 -17.95 0.54
CA THR A 558 -5.49 -17.49 1.01
C THR A 558 -5.23 -16.06 0.55
N ASP A 559 -4.44 -15.34 1.36
CA ASP A 559 -4.08 -13.94 1.09
C ASP A 559 -5.33 -13.08 0.90
N ALA A 560 -6.34 -13.34 1.73
CA ALA A 560 -7.59 -12.60 1.66
C ALA A 560 -7.41 -11.18 2.17
N SER A 561 -7.92 -10.20 1.42
CA SER A 561 -7.82 -8.81 1.84
C SER A 561 -8.62 -8.57 3.11
N ALA A 562 -9.82 -9.14 3.21
CA ALA A 562 -10.66 -8.97 4.38
C ALA A 562 -11.45 -10.25 4.61
N CYS A 563 -11.91 -10.43 5.84
CA CYS A 563 -12.70 -11.60 6.19
C CYS A 563 -14.14 -11.41 5.77
N ASN A 564 -14.68 -12.39 5.04
CA ASN A 564 -16.05 -12.29 4.54
C ASN A 564 -17.06 -12.46 5.67
N LYS A 565 -18.11 -11.64 5.62
CA LYS A 565 -19.14 -11.66 6.65
C LYS A 565 -19.99 -12.93 6.54
N CYS A 566 -20.29 -13.53 7.68
CA CYS A 566 -21.10 -14.73 7.71
C CYS A 566 -22.56 -14.42 7.37
N PRO A 567 -23.29 -15.37 6.80
CA PRO A 567 -24.72 -15.14 6.52
C PRO A 567 -25.55 -15.10 7.78
N ASP A 568 -26.84 -14.74 7.65
CA ASP A 568 -27.71 -14.60 8.81
C ASP A 568 -27.93 -15.93 9.51
N ASP A 569 -28.14 -17.00 8.74
CA ASP A 569 -28.48 -18.30 9.29
C ASP A 569 -27.25 -19.20 9.49
N PHE A 570 -26.06 -18.70 9.22
CA PHE A 570 -24.83 -19.47 9.39
C PHE A 570 -23.89 -18.76 10.34
N TRP A 571 -23.01 -19.54 10.96
CA TRP A 571 -22.07 -19.03 11.96
C TRP A 571 -20.66 -19.45 11.59
N SER A 572 -19.69 -18.63 12.02
CA SER A 572 -18.30 -18.91 11.71
C SER A 572 -17.83 -20.17 12.42
N ASN A 573 -16.99 -20.93 11.74
CA ASN A 573 -16.44 -22.16 12.31
C ASN A 573 -15.40 -21.84 13.38
N GLU A 574 -15.00 -22.89 14.11
CA GLU A 574 -13.99 -22.71 15.15
C GLU A 574 -12.66 -22.27 14.54
N ASN A 575 -12.28 -22.84 13.40
CA ASN A 575 -11.07 -22.44 12.70
C ASN A 575 -11.31 -21.31 11.71
N HIS A 576 -12.55 -20.82 11.60
CA HIS A 576 -12.93 -19.73 10.70
C HIS A 576 -12.68 -20.08 9.23
N THR A 577 -12.67 -21.37 8.90
CA THR A 577 -12.46 -21.78 7.51
C THR A 577 -13.68 -21.47 6.66
N SER A 578 -14.87 -21.79 7.15
CA SER A 578 -16.11 -21.56 6.41
C SER A 578 -17.25 -21.39 7.42
N CYS A 579 -18.47 -21.38 6.90
CA CYS A 579 -19.66 -21.20 7.72
C CYS A 579 -20.34 -22.54 7.96
N ILE A 580 -20.99 -22.65 9.12
CA ILE A 580 -21.73 -23.85 9.49
C ILE A 580 -23.15 -23.46 9.89
N ALA A 581 -24.09 -24.37 9.63
CA ALA A 581 -25.48 -24.11 9.97
C ALA A 581 -25.70 -24.25 11.47
N LYS A 582 -26.73 -23.56 11.97
CA LYS A 582 -27.08 -23.59 13.38
C LYS A 582 -28.04 -24.74 13.65
N GLU A 583 -28.50 -24.83 14.91
CA GLU A 583 -29.42 -25.86 15.33
C GLU A 583 -30.58 -25.23 16.10
N ILE A 584 -31.72 -25.91 16.09
CA ILE A 584 -32.93 -25.44 16.74
C ILE A 584 -33.38 -26.48 17.76
N GLU A 585 -33.72 -26.02 18.95
CA GLU A 585 -34.23 -26.87 20.02
C GLU A 585 -35.68 -26.48 20.30
N PHE A 586 -36.59 -27.45 20.22
CA PHE A 586 -38.00 -27.18 20.44
C PHE A 586 -38.69 -28.27 21.26
N LEU A 587 -37.92 -29.10 21.97
CA LEU A 587 -38.45 -30.19 22.79
C LEU A 587 -39.29 -31.13 21.91
N SER A 588 -38.58 -31.80 21.02
CA SER A 588 -39.21 -32.74 20.10
C SER A 588 -39.73 -33.96 20.86
N TRP A 589 -40.66 -34.67 20.21
CA TRP A 589 -41.24 -35.86 20.82
C TRP A 589 -40.20 -36.97 20.98
N THR A 590 -39.17 -36.97 20.14
CA THR A 590 -38.11 -37.97 20.24
C THR A 590 -37.13 -37.68 21.37
N GLU A 591 -37.19 -36.48 21.96
CA GLU A 591 -36.34 -36.16 23.09
C GLU A 591 -36.72 -37.04 24.28
N PRO A 592 -35.76 -37.45 25.12
CA PRO A 592 -36.11 -38.21 26.32
C PRO A 592 -37.15 -37.52 27.20
N PHE A 593 -37.07 -36.20 27.35
CA PHE A 593 -38.10 -35.49 28.09
C PHE A 593 -39.43 -35.51 27.35
N GLY A 594 -39.39 -35.36 26.02
CA GLY A 594 -40.62 -35.42 25.24
C GLY A 594 -41.27 -36.80 25.30
N ILE A 595 -40.48 -37.86 25.17
CA ILE A 595 -41.05 -39.20 25.25
C ILE A 595 -41.51 -39.50 26.68
N ALA A 596 -40.87 -38.91 27.69
CA ALA A 596 -41.35 -39.06 29.05
C ALA A 596 -42.72 -38.39 29.22
N LEU A 597 -42.87 -37.18 28.68
CA LEU A 597 -44.16 -36.51 28.72
C LEU A 597 -45.21 -37.34 27.99
N THR A 598 -44.83 -37.93 26.85
CA THR A 598 -45.76 -38.78 26.12
C THR A 598 -46.18 -40.00 26.94
N LEU A 599 -45.22 -40.63 27.65
CA LEU A 599 -45.57 -41.83 28.40
C LEU A 599 -46.46 -41.51 29.59
N PHE A 600 -46.20 -40.39 30.29
CA PHE A 600 -47.14 -39.97 31.33
C PHE A 600 -48.50 -39.63 30.75
N ALA A 601 -48.55 -38.97 29.59
CA ALA A 601 -49.82 -38.63 28.97
C ALA A 601 -50.62 -39.89 28.64
N VAL A 602 -49.98 -40.88 28.02
CA VAL A 602 -50.71 -42.09 27.65
C VAL A 602 -51.07 -42.91 28.87
N LEU A 603 -50.22 -42.91 29.91
CA LEU A 603 -50.58 -43.61 31.15
C LEU A 603 -51.81 -42.97 31.80
N GLY A 604 -51.85 -41.64 31.84
CA GLY A 604 -53.03 -40.96 32.36
C GLY A 604 -54.27 -41.24 31.52
N ILE A 605 -54.10 -41.26 30.19
CA ILE A 605 -55.23 -41.55 29.32
C ILE A 605 -55.77 -42.95 29.59
N PHE A 606 -54.88 -43.93 29.76
CA PHE A 606 -55.31 -45.30 30.07
C PHE A 606 -55.99 -45.36 31.44
N LEU A 607 -55.43 -44.68 32.44
CA LEU A 607 -56.03 -44.69 33.76
C LEU A 607 -57.42 -44.07 33.76
N THR A 608 -57.62 -43.01 32.98
CA THR A 608 -58.93 -42.38 32.89
C THR A 608 -59.91 -43.18 32.04
N ALA A 609 -59.43 -43.85 30.99
CA ALA A 609 -60.29 -44.75 30.23
C ALA A 609 -60.66 -45.99 31.02
N PHE A 610 -59.89 -46.33 32.05
CA PHE A 610 -60.30 -47.40 32.96
C PHE A 610 -61.64 -47.10 33.61
N VAL A 611 -61.99 -45.82 33.76
CA VAL A 611 -63.28 -45.41 34.31
C VAL A 611 -64.27 -45.04 33.20
N LEU A 612 -63.80 -44.30 32.19
CA LEU A 612 -64.69 -43.83 31.13
C LEU A 612 -64.85 -44.82 30.00
N GLY A 613 -63.76 -45.52 29.63
CA GLY A 613 -63.84 -46.41 28.47
C GLY A 613 -64.83 -47.54 28.66
N VAL A 614 -64.83 -48.15 29.84
CA VAL A 614 -65.76 -49.22 30.16
C VAL A 614 -66.99 -48.64 30.81
N PHE A 615 -68.17 -49.11 30.39
CA PHE A 615 -69.44 -48.61 30.92
C PHE A 615 -69.81 -49.44 32.16
N ILE A 616 -69.21 -49.05 33.28
CA ILE A 616 -69.51 -49.71 34.55
C ILE A 616 -70.94 -49.39 34.96
N LYS A 617 -71.57 -50.35 35.66
CA LYS A 617 -72.97 -50.20 36.02
C LYS A 617 -73.16 -49.08 37.04
N PHE A 618 -74.13 -48.21 36.78
CA PHE A 618 -74.47 -47.12 37.69
C PHE A 618 -75.91 -47.23 38.20
N ARG A 619 -76.49 -48.42 38.14
CA ARG A 619 -77.86 -48.60 38.63
C ARG A 619 -77.91 -48.40 40.13
N ASN A 620 -78.86 -47.57 40.58
CA ASN A 620 -79.14 -47.23 41.97
C ASN A 620 -77.89 -47.13 42.84
N THR A 621 -76.84 -46.53 42.29
CA THR A 621 -75.58 -46.44 43.01
C THR A 621 -75.69 -45.40 44.14
N PRO A 622 -75.14 -45.68 45.32
CA PRO A 622 -75.15 -44.70 46.41
C PRO A 622 -73.89 -43.84 46.51
N ILE A 623 -72.93 -44.02 45.60
CA ILE A 623 -71.68 -43.27 45.68
C ILE A 623 -71.93 -41.79 45.48
N VAL A 624 -72.75 -41.45 44.50
CA VAL A 624 -73.09 -40.06 44.18
C VAL A 624 -74.40 -39.70 44.86
N LYS A 625 -74.43 -38.52 45.49
CA LYS A 625 -75.63 -38.08 46.19
C LYS A 625 -76.80 -37.88 45.23
N ALA A 626 -76.54 -37.31 44.06
CA ALA A 626 -77.58 -37.08 43.07
C ALA A 626 -77.99 -38.38 42.40
N THR A 627 -79.29 -38.63 42.32
CA THR A 627 -79.78 -39.84 41.68
C THR A 627 -79.47 -39.85 40.19
N ASN A 628 -79.59 -38.69 39.54
CA ASN A 628 -79.33 -38.61 38.11
C ASN A 628 -77.87 -38.89 37.80
N ARG A 629 -77.63 -39.60 36.69
CA ARG A 629 -76.28 -39.93 36.26
C ARG A 629 -75.54 -38.75 35.66
N GLU A 630 -76.23 -37.64 35.42
CA GLU A 630 -75.58 -36.47 34.83
C GLU A 630 -74.65 -35.82 35.85
N LEU A 631 -73.97 -34.76 35.41
CA LEU A 631 -72.99 -34.00 36.18
C LEU A 631 -71.80 -34.86 36.63
N SER A 632 -71.66 -36.06 36.08
CA SER A 632 -70.52 -36.93 36.35
C SER A 632 -69.70 -37.24 35.11
N TYR A 633 -70.35 -37.50 33.97
CA TYR A 633 -69.63 -37.65 32.72
C TYR A 633 -69.02 -36.32 32.27
N LEU A 634 -69.58 -35.21 32.74
CA LEU A 634 -69.01 -33.90 32.42
C LEU A 634 -67.56 -33.81 32.87
N LEU A 635 -67.30 -34.15 34.14
CA LEU A 635 -65.93 -34.21 34.63
C LEU A 635 -65.11 -35.25 33.86
N LEU A 636 -65.74 -36.38 33.54
CA LEU A 636 -65.03 -37.49 32.92
C LEU A 636 -64.47 -37.10 31.55
N PHE A 637 -65.22 -36.33 30.77
CA PHE A 637 -64.69 -35.90 29.49
C PHE A 637 -63.94 -34.57 29.57
N SER A 638 -64.20 -33.76 30.61
CA SER A 638 -63.40 -32.56 30.79
C SER A 638 -61.96 -32.89 31.10
N LEU A 639 -61.73 -33.89 31.96
CA LEU A 639 -60.36 -34.31 32.24
C LEU A 639 -59.69 -34.88 30.99
N LEU A 640 -60.45 -35.61 30.17
CA LEU A 640 -59.89 -36.16 28.94
C LEU A 640 -59.49 -35.06 27.97
N CYS A 641 -60.35 -34.05 27.79
CA CYS A 641 -60.01 -32.97 26.89
C CYS A 641 -58.88 -32.11 27.44
N CYS A 642 -58.79 -31.97 28.76
CA CYS A 642 -57.66 -31.29 29.36
C CYS A 642 -56.35 -32.01 29.07
N PHE A 643 -56.37 -33.35 29.22
CA PHE A 643 -55.17 -34.13 28.90
C PHE A 643 -54.82 -34.03 27.42
N SER A 644 -55.83 -34.05 26.55
CA SER A 644 -55.57 -33.93 25.11
C SER A 644 -54.96 -32.57 24.79
N SER A 645 -55.49 -31.50 25.39
CA SER A 645 -54.93 -30.17 25.16
C SER A 645 -53.51 -30.05 25.68
N SER A 646 -53.24 -30.63 26.85
CA SER A 646 -51.88 -30.61 27.40
C SER A 646 -50.91 -31.36 26.50
N LEU A 647 -51.34 -32.51 25.97
CA LEU A 647 -50.50 -33.26 25.03
C LEU A 647 -50.26 -32.47 23.74
N PHE A 648 -51.30 -31.81 23.23
CA PHE A 648 -51.16 -31.05 21.99
C PHE A 648 -50.38 -29.76 22.19
N PHE A 649 -50.22 -29.30 23.42
CA PHE A 649 -49.51 -28.04 23.66
C PHE A 649 -48.06 -28.13 23.24
N ILE A 650 -47.40 -29.26 23.53
CA ILE A 650 -45.99 -29.39 23.19
C ILE A 650 -45.83 -29.55 21.68
N GLY A 651 -44.64 -29.23 21.20
CA GLY A 651 -44.30 -29.32 19.79
C GLY A 651 -43.96 -27.97 19.19
N GLU A 652 -43.64 -28.00 17.90
CA GLU A 652 -43.29 -26.78 17.19
C GLU A 652 -44.53 -25.90 17.04
N PRO A 653 -44.39 -24.58 17.13
CA PRO A 653 -45.54 -23.69 16.89
C PRO A 653 -46.11 -23.83 15.49
N GLN A 654 -45.28 -24.16 14.50
CA GLN A 654 -45.70 -24.33 13.12
C GLN A 654 -45.47 -25.77 12.65
N ASP A 655 -45.63 -26.73 13.56
CA ASP A 655 -45.49 -28.13 13.19
C ASP A 655 -46.56 -28.55 12.19
N TRP A 656 -47.79 -28.10 12.40
CA TRP A 656 -48.91 -28.38 11.51
C TRP A 656 -49.38 -27.08 10.87
N THR A 657 -49.46 -27.06 9.55
CA THR A 657 -49.85 -25.85 8.84
C THR A 657 -51.35 -25.58 8.92
N CYS A 658 -52.15 -26.58 9.33
CA CYS A 658 -53.59 -26.38 9.41
C CYS A 658 -53.95 -25.38 10.51
N ARG A 659 -53.41 -25.57 11.71
CA ARG A 659 -53.69 -24.68 12.83
C ARG A 659 -52.42 -24.51 13.66
N LEU A 660 -52.23 -23.29 14.15
CA LEU A 660 -51.12 -23.01 15.04
C LEU A 660 -51.50 -23.41 16.47
N ARG A 661 -50.51 -23.41 17.36
CA ARG A 661 -50.70 -23.87 18.74
C ARG A 661 -51.54 -22.90 19.56
N GLN A 662 -52.12 -21.88 18.93
CA GLN A 662 -52.90 -20.89 19.67
C GLN A 662 -54.00 -21.49 20.55
N PRO A 663 -54.85 -22.41 20.07
CA PRO A 663 -55.84 -23.00 20.99
C PRO A 663 -55.22 -23.67 22.19
N ALA A 664 -54.01 -24.23 22.04
CA ALA A 664 -53.35 -24.87 23.17
C ALA A 664 -53.13 -23.89 24.32
N PHE A 665 -52.99 -22.60 24.01
CA PHE A 665 -52.89 -21.60 25.07
C PHE A 665 -54.24 -21.31 25.70
N GLY A 666 -55.32 -21.32 24.92
CA GLY A 666 -56.63 -20.97 25.44
C GLY A 666 -57.37 -22.07 26.17
N ILE A 667 -57.67 -23.16 25.46
CA ILE A 667 -58.57 -24.18 26.02
C ILE A 667 -57.96 -24.80 27.27
N SER A 668 -56.64 -24.98 27.28
CA SER A 668 -55.98 -25.59 28.43
C SER A 668 -56.17 -24.77 29.70
N PHE A 669 -56.54 -23.50 29.58
CA PHE A 669 -56.83 -22.67 30.74
C PHE A 669 -58.31 -22.45 30.98
N VAL A 670 -59.19 -22.85 30.07
CA VAL A 670 -60.63 -22.69 30.23
C VAL A 670 -61.37 -24.02 30.12
N LEU A 671 -61.08 -24.80 29.08
CA LEU A 671 -61.74 -26.10 28.93
C LEU A 671 -61.27 -27.09 30.00
N CYS A 672 -60.01 -26.98 30.44
CA CYS A 672 -59.50 -27.90 31.43
C CYS A 672 -60.01 -27.58 32.82
N ILE A 673 -60.20 -26.31 33.14
CA ILE A 673 -60.51 -25.86 34.49
C ILE A 673 -62.00 -25.59 34.67
N SER A 674 -62.59 -24.78 33.80
CA SER A 674 -63.97 -24.32 34.02
C SER A 674 -64.95 -25.50 33.99
N CYS A 675 -64.77 -26.43 33.06
CA CYS A 675 -65.65 -27.58 33.01
C CYS A 675 -65.52 -28.42 34.29
N ILE A 676 -64.30 -28.56 34.79
CA ILE A 676 -64.11 -29.18 36.11
C ILE A 676 -64.65 -28.27 37.20
N LEU A 677 -64.48 -26.96 37.05
CA LEU A 677 -64.96 -25.99 38.03
C LEU A 677 -66.47 -26.00 38.15
N VAL A 678 -67.18 -26.60 37.20
CA VAL A 678 -68.64 -26.72 37.28
C VAL A 678 -69.04 -27.53 38.52
N LYS A 679 -68.27 -28.56 38.85
CA LYS A 679 -68.58 -29.34 40.05
C LYS A 679 -68.45 -28.50 41.31
N THR A 680 -67.40 -27.69 41.41
CA THR A 680 -67.25 -26.80 42.55
C THR A 680 -68.38 -25.79 42.60
N ASN A 681 -68.78 -25.27 41.42
CA ASN A 681 -69.89 -24.32 41.38
C ASN A 681 -71.18 -24.95 41.89
N ARG A 682 -71.46 -26.19 41.46
CA ARG A 682 -72.69 -26.85 41.90
C ARG A 682 -72.64 -27.18 43.39
N VAL A 683 -71.46 -27.56 43.91
CA VAL A 683 -71.39 -27.90 45.33
C VAL A 683 -71.50 -26.65 46.19
N LEU A 684 -70.94 -25.52 45.74
CA LEU A 684 -71.11 -24.28 46.49
C LEU A 684 -72.54 -23.77 46.40
N LEU A 685 -73.21 -23.99 45.26
CA LEU A 685 -74.64 -23.66 45.18
C LEU A 685 -75.45 -24.52 46.14
N VAL A 686 -75.10 -25.80 46.26
CA VAL A 686 -75.79 -26.67 47.22
C VAL A 686 -75.57 -26.18 48.64
N PHE A 687 -74.33 -25.81 48.96
CA PHE A 687 -74.05 -25.28 50.30
C PHE A 687 -74.78 -23.97 50.56
N GLU A 688 -74.95 -23.14 49.53
CA GLU A 688 -75.64 -21.87 49.72
C GLU A 688 -77.10 -22.08 50.12
N ALA A 689 -77.76 -23.05 49.51
CA ALA A 689 -79.16 -23.34 49.83
C ALA A 689 -79.29 -24.66 50.57
N ASN A 703 -82.86 -31.47 38.69
CA ASN A 703 -82.32 -31.04 37.40
C ASN A 703 -82.71 -29.59 37.10
N LEU A 704 -82.56 -28.73 38.11
CA LEU A 704 -82.87 -27.32 37.98
C LEU A 704 -81.65 -26.42 37.91
N GLN A 705 -80.60 -26.72 38.68
CA GLN A 705 -79.38 -25.94 38.67
C GLN A 705 -78.33 -26.48 37.70
N PHE A 706 -78.68 -27.53 36.93
CA PHE A 706 -77.71 -28.10 35.99
C PHE A 706 -77.35 -27.09 34.90
N LEU A 707 -78.33 -26.33 34.41
CA LEU A 707 -78.06 -25.34 33.39
C LEU A 707 -77.49 -24.04 33.96
N LEU A 708 -77.56 -23.85 35.28
CA LEU A 708 -77.10 -22.61 35.89
C LEU A 708 -75.62 -22.64 36.25
N VAL A 709 -74.95 -23.78 36.10
CA VAL A 709 -73.54 -23.91 36.47
C VAL A 709 -72.62 -23.92 35.25
N PHE A 710 -73.17 -23.73 34.05
CA PHE A 710 -72.38 -23.64 32.83
C PHE A 710 -72.04 -22.20 32.46
N LEU A 711 -72.42 -21.22 33.28
CA LEU A 711 -72.18 -19.82 32.95
C LEU A 711 -70.69 -19.51 32.92
N CYS A 712 -69.94 -20.01 33.90
CA CYS A 712 -68.52 -19.69 34.01
C CYS A 712 -67.77 -20.09 32.75
N THR A 713 -68.05 -21.28 32.23
CA THR A 713 -67.46 -21.72 30.97
C THR A 713 -67.84 -20.76 29.84
N PHE A 714 -69.08 -20.29 29.83
CA PHE A 714 -69.52 -19.37 28.78
C PHE A 714 -68.72 -18.07 28.81
N MET A 715 -68.61 -17.44 29.98
CA MET A 715 -67.85 -16.19 30.05
C MET A 715 -66.37 -16.42 29.75
N GLN A 716 -65.78 -17.50 30.26
CA GLN A 716 -64.37 -17.72 30.01
C GLN A 716 -64.10 -17.96 28.51
N ILE A 717 -64.95 -18.75 27.86
CA ILE A 717 -64.75 -19.02 26.44
C ILE A 717 -65.00 -17.78 25.60
N VAL A 718 -65.98 -16.94 25.96
CA VAL A 718 -66.21 -15.73 25.17
C VAL A 718 -65.07 -14.75 25.36
N ILE A 719 -64.50 -14.68 26.58
CA ILE A 719 -63.33 -13.83 26.79
C ILE A 719 -62.14 -14.34 25.98
N CYS A 720 -61.96 -15.66 25.94
CA CYS A 720 -60.87 -16.23 25.13
C CYS A 720 -61.07 -15.92 23.66
N VAL A 721 -62.30 -16.03 23.16
CA VAL A 721 -62.59 -15.72 21.76
C VAL A 721 -62.32 -14.24 21.47
N ILE A 722 -62.74 -13.37 22.39
CA ILE A 722 -62.51 -11.93 22.20
C ILE A 722 -61.02 -11.63 22.15
N TRP A 723 -60.24 -12.24 23.06
CA TRP A 723 -58.79 -12.04 23.04
C TRP A 723 -58.18 -12.57 21.74
N LEU A 724 -58.62 -13.74 21.29
CA LEU A 724 -58.05 -14.33 20.08
C LEU A 724 -58.32 -13.46 18.86
N TYR A 725 -59.55 -12.91 18.76
CA TYR A 725 -59.87 -12.07 17.62
C TYR A 725 -59.30 -10.65 17.75
N THR A 726 -59.00 -10.20 18.97
CA THR A 726 -58.43 -8.87 19.14
C THR A 726 -56.98 -8.81 18.67
N ALA A 727 -56.19 -9.82 19.06
CA ALA A 727 -54.78 -9.87 18.68
C ALA A 727 -54.32 -11.32 18.75
N PRO A 728 -54.38 -12.05 17.63
CA PRO A 728 -53.97 -13.45 17.63
C PRO A 728 -52.50 -13.59 17.98
N PRO A 729 -52.12 -14.62 18.73
CA PRO A 729 -50.71 -14.85 19.03
C PRO A 729 -49.91 -15.18 17.77
N SER A 730 -48.63 -14.81 17.80
CA SER A 730 -47.71 -15.04 16.69
C SER A 730 -46.58 -15.93 17.16
N SER A 731 -45.64 -16.20 16.25
CA SER A 731 -44.48 -17.04 16.53
C SER A 731 -43.21 -16.20 16.38
N TYR A 732 -42.34 -16.28 17.37
CA TYR A 732 -41.08 -15.56 17.38
C TYR A 732 -39.95 -16.54 17.10
N ARG A 733 -39.22 -16.31 16.00
CA ARG A 733 -38.17 -17.23 15.58
C ARG A 733 -36.81 -16.53 15.47
N ASN A 734 -36.69 -15.31 15.98
CA ASN A 734 -35.43 -14.61 15.95
C ASN A 734 -34.51 -15.12 17.05
N GLN A 735 -33.23 -14.75 16.97
CA GLN A 735 -32.25 -15.19 17.94
C GLN A 735 -32.36 -14.49 19.29
N GLU A 736 -33.14 -13.41 19.37
CA GLU A 736 -33.35 -12.59 20.58
C GLU A 736 -32.05 -12.24 21.28
N LEU A 737 -30.93 -12.24 20.55
CA LEU A 737 -29.61 -11.87 21.06
C LEU A 737 -29.19 -12.69 22.27
N GLU A 738 -29.80 -13.85 22.49
CA GLU A 738 -29.43 -14.67 23.64
C GLU A 738 -28.07 -15.32 23.44
N ASP A 739 -27.83 -15.88 22.26
CA ASP A 739 -26.57 -16.55 21.95
C ASP A 739 -26.54 -16.79 20.44
N GLU A 740 -25.47 -17.45 19.98
CA GLU A 740 -25.33 -17.74 18.56
C GLU A 740 -26.29 -18.81 18.08
N ILE A 741 -26.89 -19.58 18.99
CA ILE A 741 -27.82 -20.64 18.63
C ILE A 741 -29.21 -20.05 18.49
N ILE A 742 -29.86 -20.31 17.36
CA ILE A 742 -31.20 -19.80 17.10
C ILE A 742 -32.20 -20.61 17.93
N PHE A 743 -33.09 -19.90 18.62
CA PHE A 743 -34.12 -20.52 19.43
C PHE A 743 -35.50 -20.15 18.91
N ILE A 744 -36.46 -21.05 19.09
CA ILE A 744 -37.83 -20.86 18.65
C ILE A 744 -38.72 -20.70 19.87
N THR A 745 -39.58 -19.69 19.85
CA THR A 745 -40.49 -19.41 20.95
C THR A 745 -41.77 -18.81 20.40
N CYS A 746 -42.65 -18.39 21.31
CA CYS A 746 -43.94 -17.81 20.93
C CYS A 746 -44.14 -16.50 21.67
N HIS A 747 -44.69 -15.51 20.96
CA HIS A 747 -45.01 -14.22 21.54
C HIS A 747 -46.43 -13.83 21.13
N GLU A 748 -47.19 -13.30 22.08
CA GLU A 748 -48.57 -12.91 21.85
C GLU A 748 -48.78 -11.47 22.28
N GLY A 749 -49.60 -10.75 21.52
CA GLY A 749 -49.95 -9.40 21.90
C GLY A 749 -50.95 -9.37 23.04
N SER A 750 -50.86 -8.31 23.84
CA SER A 750 -51.71 -8.13 25.02
C SER A 750 -51.60 -9.33 25.95
N LEU A 751 -50.38 -9.55 26.45
CA LEU A 751 -50.12 -10.69 27.32
C LEU A 751 -50.85 -10.59 28.66
N MET A 752 -51.37 -9.41 29.01
CA MET A 752 -52.10 -9.25 30.26
C MET A 752 -53.42 -10.00 30.26
N ALA A 753 -53.92 -10.41 29.09
CA ALA A 753 -55.19 -11.14 29.03
C ALA A 753 -55.09 -12.48 29.74
N LEU A 754 -53.96 -13.18 29.56
CA LEU A 754 -53.77 -14.45 30.26
C LEU A 754 -53.73 -14.22 31.77
N GLY A 755 -53.03 -13.18 32.21
CA GLY A 755 -53.01 -12.86 33.64
C GLY A 755 -54.38 -12.55 34.19
N PHE A 756 -55.18 -11.79 33.44
CA PHE A 756 -56.54 -11.49 33.88
C PHE A 756 -57.41 -12.74 33.93
N LEU A 757 -57.26 -13.65 32.96
CA LEU A 757 -58.01 -14.89 32.99
C LEU A 757 -57.63 -15.75 34.20
N ILE A 758 -56.32 -15.84 34.48
CA ILE A 758 -55.86 -16.57 35.66
C ILE A 758 -56.39 -15.92 36.93
N GLY A 759 -56.42 -14.58 36.96
CA GLY A 759 -56.98 -13.90 38.11
C GLY A 759 -58.47 -14.15 38.30
N TYR A 760 -59.22 -14.20 37.20
CA TYR A 760 -60.64 -14.54 37.30
C TYR A 760 -60.82 -15.95 37.83
N THR A 761 -60.02 -16.90 37.34
CA THR A 761 -60.10 -18.27 37.85
C THR A 761 -59.75 -18.33 39.33
N CYS A 762 -58.72 -17.59 39.75
CA CYS A 762 -58.34 -17.57 41.15
C CYS A 762 -59.43 -16.96 42.02
N LEU A 763 -60.07 -15.89 41.53
CA LEU A 763 -61.17 -15.29 42.28
C LEU A 763 -62.35 -16.23 42.40
N LEU A 764 -62.66 -16.98 41.33
CA LEU A 764 -63.73 -17.96 41.40
C LEU A 764 -63.41 -19.06 42.41
N ALA A 765 -62.17 -19.55 42.40
CA ALA A 765 -61.77 -20.56 43.37
C ALA A 765 -61.81 -20.01 44.79
N ALA A 766 -61.43 -18.74 44.97
CA ALA A 766 -61.46 -18.13 46.29
C ALA A 766 -62.88 -17.97 46.81
N ILE A 767 -63.82 -17.57 45.94
CA ILE A 767 -65.20 -17.45 46.37
C ILE A 767 -65.78 -18.84 46.64
N CYS A 768 -65.34 -19.86 45.90
CA CYS A 768 -65.75 -21.22 46.22
C CYS A 768 -65.26 -21.63 47.61
N PHE A 769 -64.00 -21.29 47.93
CA PHE A 769 -63.46 -21.57 49.25
C PHE A 769 -64.24 -20.83 50.33
N PHE A 770 -64.59 -19.56 50.07
CA PHE A 770 -65.36 -18.80 51.04
C PHE A 770 -66.74 -19.42 51.26
N PHE A 771 -67.39 -19.89 50.19
CA PHE A 771 -68.70 -20.50 50.34
C PHE A 771 -68.63 -21.84 51.05
N ALA A 772 -67.59 -22.62 50.80
CA ALA A 772 -67.46 -23.96 51.37
C ALA A 772 -66.71 -23.97 52.70
N PHE A 773 -66.25 -22.82 53.18
CA PHE A 773 -65.49 -22.78 54.43
C PHE A 773 -66.33 -23.20 55.63
N LYS A 774 -67.59 -22.77 55.68
CA LYS A 774 -68.46 -23.05 56.81
C LYS A 774 -69.10 -24.44 56.73
N SER A 775 -68.89 -25.17 55.63
CA SER A 775 -69.47 -26.49 55.46
C SER A 775 -68.46 -27.62 55.58
N ARG A 776 -67.16 -27.33 55.45
CA ARG A 776 -66.14 -28.36 55.55
C ARG A 776 -65.75 -28.69 56.98
N LYS A 777 -66.18 -27.88 57.95
CA LYS A 777 -65.83 -28.14 59.35
C LYS A 777 -66.44 -29.44 59.85
N LEU A 778 -67.68 -29.73 59.46
CA LEU A 778 -68.33 -30.96 59.87
C LEU A 778 -68.22 -32.01 58.77
N PRO A 779 -67.81 -33.24 59.10
CA PRO A 779 -67.71 -34.27 58.06
C PRO A 779 -69.00 -35.04 57.85
N GLU A 780 -69.48 -35.09 56.61
CA GLU A 780 -70.68 -35.83 56.29
C GLU A 780 -70.72 -36.10 54.80
N ASN A 781 -71.54 -37.07 54.41
CA ASN A 781 -71.76 -37.44 53.00
C ASN A 781 -70.44 -37.80 52.31
N PHE A 782 -69.80 -38.85 52.84
CA PHE A 782 -68.56 -39.40 52.30
C PHE A 782 -67.42 -38.37 52.29
N ASN A 783 -67.51 -37.34 53.14
CA ASN A 783 -66.47 -36.32 53.27
C ASN A 783 -66.17 -35.65 51.92
N GLU A 784 -67.22 -35.44 51.12
CA GLU A 784 -67.02 -34.86 49.79
C GLU A 784 -66.51 -33.43 49.87
N ALA A 785 -67.07 -32.63 50.77
CA ALA A 785 -66.68 -31.22 50.87
C ALA A 785 -65.22 -31.08 51.27
N LYS A 786 -64.79 -31.86 52.26
CA LYS A 786 -63.41 -31.78 52.72
C LYS A 786 -62.44 -32.20 51.61
N PHE A 787 -62.78 -33.26 50.87
CA PHE A 787 -61.89 -33.71 49.80
C PHE A 787 -61.85 -32.71 48.65
N ILE A 788 -62.99 -32.07 48.34
CA ILE A 788 -63.00 -31.04 47.30
C ILE A 788 -62.13 -29.85 47.72
N THR A 789 -62.26 -29.44 48.98
CA THR A 789 -61.45 -28.32 49.48
C THR A 789 -59.97 -28.68 49.45
N PHE A 790 -59.63 -29.92 49.84
CA PHE A 790 -58.24 -30.35 49.80
C PHE A 790 -57.70 -30.40 48.38
N SER A 791 -58.53 -30.84 47.43
CA SER A 791 -58.12 -30.88 46.03
C SER A 791 -57.87 -29.47 45.50
N MET A 792 -58.73 -28.52 45.84
CA MET A 792 -58.54 -27.16 45.37
C MET A 792 -57.33 -26.51 46.05
N LEU A 793 -57.07 -26.86 47.31
CA LEU A 793 -55.85 -26.39 47.97
C LEU A 793 -54.62 -26.97 47.30
N ILE A 794 -54.68 -28.22 46.87
CA ILE A 794 -53.58 -28.81 46.10
C ILE A 794 -53.39 -28.06 44.79
N PHE A 795 -54.51 -27.68 44.14
CA PHE A 795 -54.41 -26.91 42.91
C PHE A 795 -53.72 -25.57 43.16
N PHE A 796 -54.09 -24.88 44.25
CA PHE A 796 -53.44 -23.62 44.59
C PHE A 796 -51.95 -23.82 44.86
N ILE A 797 -51.60 -24.85 45.63
CA ILE A 797 -50.20 -25.04 45.98
C ILE A 797 -49.38 -25.43 44.75
N VAL A 798 -49.99 -26.15 43.81
CA VAL A 798 -49.29 -26.48 42.57
C VAL A 798 -49.09 -25.23 41.71
N TRP A 799 -50.12 -24.39 41.62
CA TRP A 799 -50.01 -23.17 40.81
C TRP A 799 -48.97 -22.21 41.40
N ILE A 800 -48.94 -22.06 42.73
CA ILE A 800 -48.00 -21.14 43.35
C ILE A 800 -46.65 -21.77 43.63
N SER A 801 -46.50 -23.08 43.42
CA SER A 801 -45.22 -23.75 43.59
C SER A 801 -44.33 -23.66 42.36
N PHE A 802 -44.90 -23.44 41.18
CA PHE A 802 -44.15 -23.36 39.94
C PHE A 802 -44.00 -21.94 39.43
N ILE A 803 -44.28 -20.94 40.27
CA ILE A 803 -44.12 -19.54 39.90
C ILE A 803 -42.66 -19.18 39.56
N PRO A 804 -41.63 -19.64 40.29
CA PRO A 804 -40.28 -19.23 39.89
C PRO A 804 -39.81 -19.93 38.62
N ALA A 805 -40.33 -21.12 38.34
CA ALA A 805 -40.05 -21.77 37.06
C ALA A 805 -40.64 -20.96 35.90
N TYR A 806 -41.84 -20.43 36.08
CA TYR A 806 -42.42 -19.54 35.08
C TYR A 806 -41.59 -18.27 34.95
N ALA A 807 -41.15 -17.72 36.08
CA ALA A 807 -40.29 -16.53 36.04
C ALA A 807 -38.97 -16.81 35.35
N SER A 808 -38.37 -17.96 35.64
CA SER A 808 -37.10 -18.35 35.03
C SER A 808 -37.03 -19.87 34.96
N THR A 809 -36.73 -20.40 33.78
CA THR A 809 -36.68 -21.83 33.56
C THR A 809 -35.37 -22.20 32.88
N TYR A 810 -34.96 -23.45 33.07
CA TYR A 810 -33.71 -23.94 32.50
C TYR A 810 -33.85 -24.13 31.00
N GLY A 811 -32.88 -23.61 30.24
CA GLY A 811 -32.89 -23.76 28.80
C GLY A 811 -34.05 -23.11 28.10
N LYS A 812 -34.68 -22.11 28.72
CA LYS A 812 -35.84 -21.42 28.15
C LYS A 812 -36.95 -22.40 27.79
N PHE A 813 -37.13 -23.41 28.64
CA PHE A 813 -38.17 -24.43 28.42
C PHE A 813 -39.42 -24.06 29.21
N VAL A 814 -40.04 -22.96 28.79
CA VAL A 814 -41.29 -22.53 29.41
C VAL A 814 -42.40 -23.54 29.14
N SER A 815 -42.41 -24.11 27.93
CA SER A 815 -43.44 -25.09 27.59
C SER A 815 -43.33 -26.34 28.46
N ALA A 816 -42.09 -26.77 28.75
CA ALA A 816 -41.91 -27.93 29.62
C ALA A 816 -42.46 -27.67 31.02
N VAL A 817 -42.17 -26.49 31.58
CA VAL A 817 -42.68 -26.14 32.89
C VAL A 817 -44.20 -26.08 32.87
N GLU A 818 -44.77 -25.45 31.84
CA GLU A 818 -46.22 -25.33 31.76
C GLU A 818 -46.88 -26.70 31.66
N VAL A 819 -46.35 -27.59 30.83
CA VAL A 819 -46.98 -28.90 30.66
C VAL A 819 -46.81 -29.73 31.93
N ILE A 820 -45.66 -29.64 32.59
CA ILE A 820 -45.47 -30.37 33.83
C ILE A 820 -46.46 -29.90 34.90
N ALA A 821 -46.62 -28.58 35.02
CA ALA A 821 -47.57 -28.04 35.99
C ALA A 821 -49.00 -28.46 35.65
N ILE A 822 -49.37 -28.42 34.36
CA ILE A 822 -50.72 -28.78 33.96
C ILE A 822 -51.00 -30.24 34.29
N LEU A 823 -50.08 -31.14 33.95
CA LEU A 823 -50.28 -32.55 34.25
C LEU A 823 -50.33 -32.82 35.74
N ALA A 824 -49.44 -32.20 36.52
CA ALA A 824 -49.44 -32.42 37.96
C ALA A 824 -50.74 -31.93 38.59
N ALA A 825 -51.19 -30.74 38.20
CA ALA A 825 -52.43 -30.20 38.74
C ALA A 825 -53.63 -31.05 38.36
N SER A 826 -53.71 -31.47 37.09
CA SER A 826 -54.82 -32.29 36.66
C SER A 826 -54.83 -33.64 37.36
N PHE A 827 -53.66 -34.27 37.51
CA PHE A 827 -53.57 -35.56 38.18
C PHE A 827 -54.01 -35.45 39.63
N GLY A 828 -53.50 -34.44 40.35
CA GLY A 828 -53.92 -34.25 41.73
C GLY A 828 -55.41 -33.96 41.84
N LEU A 829 -55.93 -33.13 40.93
CA LEU A 829 -57.35 -32.79 40.94
C LEU A 829 -58.22 -34.04 40.75
N LEU A 830 -57.91 -34.84 39.73
CA LEU A 830 -58.72 -36.02 39.46
C LEU A 830 -58.56 -37.08 40.55
N ALA A 831 -57.37 -37.16 41.17
CA ALA A 831 -57.17 -38.15 42.22
C ALA A 831 -57.86 -37.76 43.51
N CYS A 832 -58.02 -36.45 43.76
CA CYS A 832 -58.59 -36.00 45.03
C CYS A 832 -60.09 -35.72 44.97
N ILE A 833 -60.62 -35.26 43.83
CA ILE A 833 -62.06 -35.02 43.77
C ILE A 833 -62.83 -36.34 43.76
N PHE A 834 -62.23 -37.39 43.21
CA PHE A 834 -62.85 -38.71 43.14
C PHE A 834 -62.27 -39.65 44.20
N PHE A 835 -61.93 -39.13 45.37
CA PHE A 835 -61.32 -39.95 46.41
C PHE A 835 -62.26 -41.06 46.86
N ASN A 836 -63.55 -40.75 47.04
CA ASN A 836 -64.53 -41.74 47.44
C ASN A 836 -65.23 -42.39 46.24
N LYS A 837 -65.14 -41.79 45.05
CA LYS A 837 -65.74 -42.37 43.86
C LYS A 837 -64.87 -43.45 43.22
N ILE A 838 -63.60 -43.56 43.61
CA ILE A 838 -62.72 -44.60 43.12
C ILE A 838 -62.25 -45.54 44.21
N TYR A 839 -62.56 -45.26 45.48
CA TYR A 839 -62.18 -46.16 46.56
C TYR A 839 -62.86 -47.51 46.39
N ILE A 840 -64.14 -47.52 46.05
CA ILE A 840 -64.89 -48.73 45.71
C ILE A 840 -65.51 -48.54 44.35
N ILE A 841 -65.37 -49.55 43.48
CA ILE A 841 -65.84 -49.42 42.11
C ILE A 841 -67.36 -49.36 42.05
N LEU A 842 -68.04 -50.13 42.91
CA LEU A 842 -69.49 -50.13 42.93
C LEU A 842 -70.02 -49.85 44.33
N PRO B 3 26.82 32.32 -41.25
CA PRO B 3 26.15 33.33 -40.44
C PRO B 3 26.54 34.76 -40.85
N ASP B 4 25.77 35.35 -41.75
CA ASP B 4 26.05 36.71 -42.19
C ASP B 4 25.90 37.71 -41.05
N GLN B 5 24.85 37.56 -40.25
CA GLN B 5 24.64 38.45 -39.11
C GLN B 5 25.58 38.07 -37.98
N ARG B 6 26.26 39.07 -37.42
CA ARG B 6 27.22 38.83 -36.35
C ARG B 6 27.44 40.13 -35.59
N ALA B 7 27.99 39.99 -34.38
CA ALA B 7 28.42 41.13 -33.57
C ALA B 7 29.91 41.01 -33.37
N GLN B 8 30.69 41.77 -34.14
CA GLN B 8 32.13 41.64 -34.17
C GLN B 8 32.79 42.96 -33.81
N LYS B 9 33.74 42.90 -32.88
CA LYS B 9 34.60 44.04 -32.56
C LYS B 9 36.02 43.54 -32.38
N LYS B 10 36.97 44.25 -32.98
CA LYS B 10 38.37 43.84 -32.97
C LYS B 10 38.99 44.14 -31.61
N GLY B 11 40.10 43.45 -31.34
CA GLY B 11 40.84 43.65 -30.11
C GLY B 11 42.02 42.72 -30.05
N ASP B 12 42.90 43.00 -29.08
CA ASP B 12 44.07 42.15 -28.89
C ASP B 12 43.70 40.75 -28.42
N ILE B 13 42.69 40.66 -27.55
CA ILE B 13 42.22 39.38 -27.03
C ILE B 13 40.76 39.21 -27.44
N ILE B 14 40.45 38.05 -28.01
CA ILE B 14 39.14 37.77 -28.58
C ILE B 14 38.37 36.82 -27.66
N LEU B 15 37.11 37.14 -27.43
CA LEU B 15 36.21 36.32 -26.64
C LEU B 15 35.10 35.77 -27.53
N GLY B 16 34.46 34.71 -27.07
CA GLY B 16 33.36 34.08 -27.79
C GLY B 16 32.08 34.18 -27.00
N GLY B 17 30.97 34.42 -27.71
CA GLY B 17 29.68 34.54 -27.08
C GLY B 17 28.56 33.88 -27.86
N LEU B 18 27.60 33.30 -27.14
CA LEU B 18 26.45 32.64 -27.77
C LEU B 18 25.22 32.97 -26.96
N PHE B 19 24.25 33.63 -27.61
CA PHE B 19 23.00 34.01 -26.97
C PHE B 19 21.82 33.64 -27.84
N PRO B 20 20.68 33.28 -27.24
CA PRO B 20 19.48 32.97 -28.03
C PRO B 20 18.72 34.24 -28.39
N ILE B 21 18.69 34.56 -29.68
CA ILE B 21 17.95 35.71 -30.17
C ILE B 21 16.58 35.33 -30.71
N HIS B 22 16.38 34.08 -31.12
CA HIS B 22 15.10 33.61 -31.63
C HIS B 22 14.67 32.38 -30.85
N PHE B 23 13.35 32.22 -30.71
CA PHE B 23 12.81 31.11 -29.93
C PHE B 23 12.93 29.78 -30.66
N GLY B 24 12.94 29.80 -31.98
CA GLY B 24 13.03 28.57 -32.74
C GLY B 24 13.23 28.82 -34.21
N VAL B 25 13.14 27.75 -34.99
CA VAL B 25 13.33 27.81 -36.43
C VAL B 25 12.04 27.38 -37.12
N ALA B 26 12.05 27.40 -38.45
CA ALA B 26 10.86 27.01 -39.21
C ALA B 26 10.51 25.55 -38.96
N ALA B 27 9.23 25.30 -38.71
CA ALA B 27 8.75 23.94 -38.44
C ALA B 27 8.22 23.31 -39.73
N LYS B 28 9.16 23.02 -40.63
CA LYS B 28 8.86 22.41 -41.91
C LYS B 28 9.72 21.18 -42.09
N ASP B 29 9.15 20.15 -42.73
CA ASP B 29 9.86 18.91 -42.99
C ASP B 29 10.43 18.91 -44.41
N GLN B 30 11.62 18.36 -44.55
CA GLN B 30 12.31 18.29 -45.84
C GLN B 30 12.27 16.86 -46.37
N ASP B 31 11.80 16.71 -47.61
CA ASP B 31 11.74 15.42 -48.26
C ASP B 31 13.02 15.09 -49.03
N LEU B 32 14.00 16.00 -49.06
CA LEU B 32 15.29 15.79 -49.71
C LEU B 32 15.12 15.47 -51.19
N LYS B 33 14.13 16.08 -51.83
CA LYS B 33 13.98 15.95 -53.28
C LYS B 33 14.97 16.84 -54.03
N SER B 34 15.52 17.86 -53.38
CA SER B 34 16.51 18.75 -53.98
C SER B 34 17.57 19.05 -52.93
N ARG B 35 18.43 20.01 -53.25
CA ARG B 35 19.49 20.41 -52.33
C ARG B 35 18.90 21.16 -51.15
N PRO B 36 19.09 20.70 -49.92
CA PRO B 36 18.52 21.41 -48.76
C PRO B 36 19.20 22.75 -48.53
N GLU B 37 18.45 23.67 -47.94
CA GLU B 37 18.92 25.00 -47.61
C GLU B 37 18.89 25.21 -46.11
N SER B 38 19.41 26.36 -45.67
CA SER B 38 19.43 26.70 -44.27
C SER B 38 18.04 27.05 -43.77
N VAL B 39 17.83 26.88 -42.46
CA VAL B 39 16.55 27.18 -41.85
C VAL B 39 16.42 28.70 -41.66
N GLU B 40 15.19 29.13 -41.38
CA GLU B 40 14.88 30.54 -41.18
C GLU B 40 14.10 30.72 -39.89
N CYS B 41 14.38 31.82 -39.18
CA CYS B 41 13.76 32.07 -37.90
C CYS B 41 12.31 32.50 -38.07
N ILE B 42 11.49 32.18 -37.06
CA ILE B 42 10.07 32.47 -37.07
C ILE B 42 9.68 33.47 -35.99
N ARG B 43 10.31 33.41 -34.82
CA ARG B 43 9.98 34.27 -33.70
C ARG B 43 11.21 35.04 -33.25
N TYR B 44 10.96 36.10 -32.47
CA TYR B 44 12.01 36.96 -31.96
C TYR B 44 11.99 36.98 -30.44
N ASN B 45 13.16 37.04 -29.82
CA ASN B 45 13.31 37.08 -28.38
C ASN B 45 13.97 38.38 -27.97
N PHE B 46 13.52 38.96 -26.86
CA PHE B 46 14.04 40.22 -26.37
C PHE B 46 15.01 40.06 -25.20
N ARG B 47 14.88 39.00 -24.41
CA ARG B 47 15.77 38.81 -23.27
C ARG B 47 17.19 38.50 -23.74
N GLY B 48 17.33 37.74 -24.83
CA GLY B 48 18.65 37.50 -25.38
C GLY B 48 19.35 38.77 -25.82
N PHE B 49 18.58 39.70 -26.41
CA PHE B 49 19.14 40.99 -26.77
C PHE B 49 19.60 41.76 -25.53
N ARG B 50 18.83 41.67 -24.45
CA ARG B 50 19.24 42.32 -23.20
C ARG B 50 20.53 41.73 -22.67
N TRP B 51 20.66 40.40 -22.72
CA TRP B 51 21.90 39.75 -22.27
C TRP B 51 23.08 40.17 -23.14
N LEU B 52 22.87 40.24 -24.45
CA LEU B 52 23.93 40.67 -25.36
C LEU B 52 24.36 42.10 -25.07
N GLN B 53 23.38 42.99 -24.84
CA GLN B 53 23.70 44.37 -24.50
C GLN B 53 24.45 44.46 -23.18
N ALA B 54 24.05 43.65 -22.19
CA ALA B 54 24.75 43.65 -20.92
C ALA B 54 26.19 43.18 -21.08
N MET B 55 26.42 42.15 -21.88
CA MET B 55 27.79 41.67 -22.10
C MET B 55 28.61 42.73 -22.83
N ILE B 56 28.02 43.41 -23.81
CA ILE B 56 28.74 44.47 -24.52
C ILE B 56 29.09 45.61 -23.57
N PHE B 57 28.15 45.98 -22.69
CA PHE B 57 28.42 47.03 -21.72
C PHE B 57 29.54 46.62 -20.77
N ALA B 58 29.53 45.37 -20.32
CA ALA B 58 30.59 44.89 -19.43
C ALA B 58 31.94 44.93 -20.13
N ILE B 59 31.99 44.50 -21.39
CA ILE B 59 33.25 44.53 -22.14
C ILE B 59 33.74 45.96 -22.31
N GLU B 60 32.83 46.88 -22.63
CA GLU B 60 33.21 48.28 -22.79
C GLU B 60 33.73 48.87 -21.48
N GLU B 61 33.07 48.55 -20.36
CA GLU B 61 33.54 49.03 -19.07
C GLU B 61 34.90 48.45 -18.73
N ILE B 62 35.15 47.20 -19.13
CA ILE B 62 36.47 46.60 -18.93
C ILE B 62 37.52 47.36 -19.74
N ASN B 63 37.21 47.66 -21.00
CA ASN B 63 38.15 48.39 -21.85
C ASN B 63 38.33 49.84 -21.42
N SER B 64 37.37 50.40 -20.68
CA SER B 64 37.44 51.79 -20.25
C SER B 64 38.01 51.96 -18.84
N SER B 65 38.44 50.86 -18.20
CA SER B 65 38.97 50.95 -16.85
C SER B 65 40.47 50.74 -16.88
N PRO B 66 41.28 51.78 -16.74
CA PRO B 66 42.74 51.59 -16.71
C PRO B 66 43.22 50.73 -15.57
N ALA B 67 42.57 50.80 -14.40
CA ALA B 67 43.00 50.01 -13.26
C ALA B 67 42.84 48.51 -13.51
N LEU B 68 41.72 48.11 -14.10
CA LEU B 68 41.50 46.71 -14.39
C LEU B 68 42.46 46.20 -15.46
N LEU B 69 42.72 47.01 -16.48
CA LEU B 69 43.67 46.65 -17.53
C LEU B 69 44.29 47.91 -18.11
N PRO B 70 45.61 48.09 -17.95
CA PRO B 70 46.24 49.36 -18.37
C PRO B 70 46.20 49.60 -19.87
N ASN B 71 46.67 48.64 -20.67
CA ASN B 71 46.79 48.84 -22.10
C ASN B 71 46.19 47.72 -22.95
N LEU B 72 45.60 46.71 -22.33
CA LEU B 72 45.04 45.58 -23.09
C LEU B 72 43.65 45.93 -23.62
N THR B 73 43.45 45.70 -24.92
CA THR B 73 42.18 45.92 -25.57
C THR B 73 41.56 44.58 -25.94
N LEU B 74 40.30 44.37 -25.56
CA LEU B 74 39.62 43.11 -25.75
C LEU B 74 38.51 43.26 -26.79
N GLY B 75 38.50 42.37 -27.77
CA GLY B 75 37.43 42.30 -28.74
C GLY B 75 36.49 41.14 -28.46
N TYR B 76 35.50 41.00 -29.35
CA TYR B 76 34.52 39.94 -29.17
C TYR B 76 33.91 39.57 -30.52
N ARG B 77 33.39 38.34 -30.57
CA ARG B 77 32.66 37.83 -31.73
C ARG B 77 31.45 37.07 -31.21
N ILE B 78 30.25 37.53 -31.55
CA ILE B 78 29.01 36.97 -31.05
C ILE B 78 28.15 36.55 -32.23
N PHE B 79 27.64 35.33 -32.18
CA PHE B 79 26.76 34.76 -33.19
C PHE B 79 25.38 34.48 -32.57
N ASP B 80 24.52 33.83 -33.35
CA ASP B 80 23.18 33.49 -32.91
C ASP B 80 22.99 31.98 -32.93
N THR B 81 22.24 31.48 -31.95
CA THR B 81 21.97 30.05 -31.84
C THR B 81 20.52 29.68 -32.12
N CYS B 82 19.55 30.55 -31.77
CA CYS B 82 18.13 30.31 -32.01
C CYS B 82 17.64 29.03 -31.32
N ASN B 83 18.28 28.67 -30.21
CA ASN B 83 17.96 27.44 -29.48
C ASN B 83 18.04 26.22 -30.39
N THR B 84 19.01 26.23 -31.28
CA THR B 84 19.20 25.15 -32.25
C THR B 84 20.60 24.58 -32.10
N VAL B 85 20.68 23.25 -32.08
CA VAL B 85 21.97 22.58 -31.92
C VAL B 85 22.86 22.85 -33.13
N SER B 86 22.29 22.82 -34.33
CA SER B 86 23.09 22.97 -35.54
C SER B 86 23.77 24.35 -35.61
N LYS B 87 23.03 25.41 -35.28
CA LYS B 87 23.61 26.74 -35.34
C LYS B 87 24.74 26.91 -34.34
N ALA B 88 24.55 26.41 -33.11
CA ALA B 88 25.60 26.50 -32.10
C ALA B 88 26.82 25.67 -32.50
N LEU B 89 26.59 24.49 -33.08
CA LEU B 89 27.71 23.68 -33.54
C LEU B 89 28.48 24.38 -34.65
N GLU B 90 27.77 25.01 -35.58
CA GLU B 90 28.44 25.76 -36.64
C GLU B 90 29.24 26.92 -36.07
N ALA B 91 28.67 27.65 -35.11
CA ALA B 91 29.39 28.76 -34.49
C ALA B 91 30.64 28.27 -33.76
N THR B 92 30.52 27.15 -33.03
CA THR B 92 31.68 26.62 -32.32
C THR B 92 32.76 26.16 -33.30
N LEU B 93 32.35 25.51 -34.40
CA LEU B 93 33.32 25.08 -35.40
C LEU B 93 34.03 26.28 -36.02
N SER B 94 33.29 27.36 -36.28
CA SER B 94 33.93 28.59 -36.77
C SER B 94 34.87 29.17 -35.73
N PHE B 95 34.54 29.04 -34.44
CA PHE B 95 35.40 29.57 -33.38
C PHE B 95 36.73 28.82 -33.33
N VAL B 96 36.71 27.50 -33.49
CA VAL B 96 37.89 26.68 -33.27
C VAL B 96 38.57 26.28 -34.58
N ALA B 97 38.33 27.04 -35.66
CA ALA B 97 38.95 26.72 -36.93
C ALA B 97 40.47 26.82 -36.85
N GLN B 98 40.98 27.86 -36.20
CA GLN B 98 42.43 28.03 -36.07
C GLN B 98 43.04 26.89 -35.27
N ASN B 99 42.37 26.46 -34.21
CA ASN B 99 42.86 25.32 -33.43
C ASN B 99 42.68 24.01 -34.20
N LYS B 100 41.59 23.89 -34.95
CA LYS B 100 41.31 22.66 -35.68
C LYS B 100 42.36 22.43 -36.77
N ILE B 101 42.73 23.48 -37.51
CA ILE B 101 43.66 23.29 -38.61
C ILE B 101 45.06 22.94 -38.09
N ASP B 102 45.41 23.39 -36.89
CA ASP B 102 46.77 23.20 -36.37
C ASP B 102 46.89 21.93 -35.54
N SER B 103 46.09 21.82 -34.47
CA SER B 103 46.23 20.69 -33.55
C SER B 103 45.51 19.43 -34.05
N LEU B 104 44.70 19.54 -35.10
CA LEU B 104 43.93 18.42 -35.62
C LEU B 104 44.12 18.36 -37.13
N ASN B 105 43.72 17.23 -37.72
CA ASN B 105 43.95 16.94 -39.13
C ASN B 105 45.44 16.91 -39.45
N LEU B 106 46.17 16.05 -38.73
CA LEU B 106 47.59 15.88 -38.98
C LEU B 106 47.87 14.94 -40.16
N ASP B 107 46.87 14.19 -40.61
CA ASP B 107 47.07 13.28 -41.73
C ASP B 107 47.34 14.05 -43.02
N GLU B 108 46.62 15.13 -43.24
CA GLU B 108 46.74 15.92 -44.46
C GLU B 108 47.03 17.38 -44.10
N PHE B 109 47.79 18.04 -44.96
CA PHE B 109 48.20 19.42 -44.72
C PHE B 109 47.03 20.36 -44.96
N CYS B 110 46.69 21.16 -43.96
CA CYS B 110 45.60 22.12 -44.04
C CYS B 110 46.17 23.52 -43.83
N ASN B 111 45.89 24.42 -44.77
CA ASN B 111 46.37 25.80 -44.72
C ASN B 111 45.17 26.74 -44.72
N CYS B 112 45.22 27.75 -43.84
CA CYS B 112 44.15 28.73 -43.74
C CYS B 112 44.77 30.11 -43.57
N SER B 113 43.94 31.13 -43.79
CA SER B 113 44.40 32.51 -43.64
C SER B 113 44.73 32.81 -42.19
N GLU B 114 45.80 33.60 -41.99
CA GLU B 114 46.21 33.98 -40.65
C GLU B 114 45.41 35.16 -40.11
N HIS B 115 44.65 35.84 -40.96
CA HIS B 115 43.93 37.04 -40.52
C HIS B 115 42.86 36.72 -39.49
N ILE B 116 42.28 35.53 -39.55
CA ILE B 116 41.23 35.16 -38.60
C ILE B 116 41.83 35.04 -37.20
N PRO B 117 41.24 35.67 -36.19
CA PRO B 117 41.76 35.57 -34.83
C PRO B 117 41.28 34.30 -34.13
N SER B 118 41.88 34.04 -32.97
CA SER B 118 41.54 32.89 -32.15
C SER B 118 40.95 33.36 -30.83
N THR B 119 39.79 32.82 -30.47
CA THR B 119 39.13 33.17 -29.23
C THR B 119 39.76 32.41 -28.06
N ILE B 120 39.76 33.04 -26.89
CA ILE B 120 40.31 32.38 -25.70
C ILE B 120 39.22 31.68 -24.89
N ALA B 121 37.98 32.16 -24.95
CA ALA B 121 36.89 31.54 -24.22
C ALA B 121 35.59 31.78 -24.98
N VAL B 122 34.60 30.94 -24.71
CA VAL B 122 33.30 31.00 -25.36
C VAL B 122 32.23 31.01 -24.28
N VAL B 123 31.30 31.97 -24.37
CA VAL B 123 30.18 32.02 -23.45
C VAL B 123 29.20 30.90 -23.77
N GLY B 124 28.80 30.15 -22.75
CA GLY B 124 27.93 29.02 -22.94
C GLY B 124 26.53 29.42 -23.36
N ALA B 125 25.76 28.42 -23.79
CA ALA B 125 24.40 28.63 -24.26
C ALA B 125 23.43 28.58 -23.08
N THR B 126 22.14 28.73 -23.38
CA THR B 126 21.10 28.73 -22.36
C THR B 126 20.60 27.33 -22.04
N GLY B 127 20.23 26.56 -23.06
CA GLY B 127 19.71 25.24 -22.84
C GLY B 127 20.76 24.26 -22.34
N SER B 128 20.30 23.24 -21.62
CA SER B 128 21.19 22.23 -21.07
C SER B 128 21.60 21.16 -22.07
N GLY B 129 20.90 21.06 -23.20
CA GLY B 129 21.25 20.09 -24.21
C GLY B 129 22.22 20.63 -25.24
N VAL B 130 21.98 21.86 -25.70
CA VAL B 130 22.88 22.50 -26.65
C VAL B 130 24.23 22.76 -25.99
N SER B 131 24.23 23.23 -24.74
CA SER B 131 25.48 23.49 -24.04
C SER B 131 26.28 22.20 -23.86
N THR B 132 25.59 21.07 -23.68
CA THR B 132 26.29 19.80 -23.55
C THR B 132 27.08 19.47 -24.81
N ALA B 133 26.45 19.62 -25.99
CA ALA B 133 27.15 19.36 -27.24
C ALA B 133 28.28 20.37 -27.47
N VAL B 134 28.04 21.63 -27.13
CA VAL B 134 29.06 22.66 -27.30
C VAL B 134 30.29 22.33 -26.44
N ALA B 135 30.06 21.96 -25.18
CA ALA B 135 31.16 21.58 -24.30
C ALA B 135 31.86 20.32 -24.78
N ASN B 136 31.11 19.34 -25.28
CA ASN B 136 31.72 18.12 -25.79
C ASN B 136 32.63 18.42 -26.97
N LEU B 137 32.20 19.31 -27.86
CA LEU B 137 33.04 19.67 -29.00
C LEU B 137 34.21 20.56 -28.60
N LEU B 138 34.03 21.40 -27.58
CA LEU B 138 35.10 22.30 -27.15
C LEU B 138 36.16 21.62 -26.30
N GLY B 139 35.82 20.49 -25.66
CA GLY B 139 36.77 19.83 -24.78
C GLY B 139 37.99 19.28 -25.48
N LEU B 140 37.92 19.05 -26.80
CA LEU B 140 39.07 18.54 -27.52
C LEU B 140 40.22 19.55 -27.53
N PHE B 141 39.91 20.83 -27.68
CA PHE B 141 40.93 21.87 -27.77
C PHE B 141 41.22 22.53 -26.43
N TYR B 142 40.60 22.06 -25.34
CA TYR B 142 40.83 22.60 -24.00
C TYR B 142 40.54 24.09 -23.93
N ILE B 143 39.50 24.52 -24.63
CA ILE B 143 39.06 25.92 -24.62
C ILE B 143 38.01 26.07 -23.54
N PRO B 144 38.21 26.94 -22.55
CA PRO B 144 37.22 27.10 -21.48
C PRO B 144 35.91 27.65 -22.00
N GLN B 145 34.81 27.19 -21.41
CA GLN B 145 33.48 27.65 -21.75
C GLN B 145 32.71 27.92 -20.46
N VAL B 146 32.13 29.12 -20.36
CA VAL B 146 31.38 29.54 -19.18
C VAL B 146 29.94 29.78 -19.59
N SER B 147 29.01 29.09 -18.94
CA SER B 147 27.59 29.23 -19.18
C SER B 147 26.94 30.07 -18.09
N TYR B 148 25.75 30.58 -18.40
CA TYR B 148 25.03 31.45 -17.48
C TYR B 148 23.65 30.95 -17.10
N ALA B 149 23.12 29.92 -17.78
CA ALA B 149 21.77 29.45 -17.50
C ALA B 149 21.66 27.93 -17.41
N SER B 150 22.76 27.20 -17.49
CA SER B 150 22.73 25.73 -17.44
C SER B 150 22.95 25.26 -16.00
N SER B 151 21.92 24.66 -15.41
CA SER B 151 22.02 24.11 -14.06
C SER B 151 21.84 22.60 -14.04
N SER B 152 21.96 21.95 -15.19
CA SER B 152 21.79 20.50 -15.26
C SER B 152 22.96 19.79 -14.58
N ARG B 153 22.66 18.67 -13.93
CA ARG B 153 23.68 17.90 -13.23
C ARG B 153 24.56 17.11 -14.19
N LEU B 154 24.07 16.80 -15.40
CA LEU B 154 24.85 16.03 -16.36
C LEU B 154 26.11 16.75 -16.80
N LEU B 155 26.14 18.08 -16.66
CA LEU B 155 27.32 18.87 -16.99
C LEU B 155 28.30 18.97 -15.83
N SER B 156 28.00 18.36 -14.69
CA SER B 156 28.87 18.39 -13.52
C SER B 156 29.89 17.27 -13.51
N ASN B 157 29.88 16.39 -14.51
CA ASN B 157 30.82 15.29 -14.58
C ASN B 157 32.13 15.79 -15.16
N LYS B 158 33.19 15.79 -14.34
CA LYS B 158 34.49 16.28 -14.80
C LYS B 158 35.20 15.28 -15.69
N ASN B 159 34.79 14.01 -15.68
CA ASN B 159 35.43 13.01 -16.54
C ASN B 159 35.17 13.28 -18.01
N GLN B 160 33.94 13.71 -18.34
CA GLN B 160 33.58 13.96 -19.74
C GLN B 160 33.81 15.41 -20.14
N PHE B 161 33.55 16.35 -19.24
CA PHE B 161 33.73 17.77 -19.51
C PHE B 161 34.87 18.29 -18.64
N LYS B 162 35.87 18.91 -19.27
CA LYS B 162 37.06 19.37 -18.56
C LYS B 162 37.18 20.88 -18.50
N SER B 163 36.50 21.62 -19.38
CA SER B 163 36.63 23.07 -19.46
C SER B 163 35.25 23.72 -19.47
N PHE B 164 34.37 23.27 -18.57
CA PHE B 164 33.03 23.82 -18.46
C PHE B 164 32.84 24.42 -17.08
N LEU B 165 32.44 25.70 -17.04
CA LEU B 165 32.12 26.40 -15.80
C LEU B 165 30.75 27.05 -15.95
N ARG B 166 30.11 27.32 -14.82
CA ARG B 166 28.82 27.98 -14.84
C ARG B 166 28.74 28.99 -13.70
N THR B 167 27.96 30.05 -13.93
CA THR B 167 27.75 31.11 -12.94
C THR B 167 26.33 31.09 -12.38
N ILE B 168 25.64 29.97 -12.53
CA ILE B 168 24.28 29.83 -12.02
C ILE B 168 24.27 28.70 -10.98
N PRO B 169 23.63 28.90 -9.83
CA PRO B 169 23.60 27.84 -8.81
C PRO B 169 22.93 26.58 -9.33
N ASN B 170 23.47 25.43 -8.92
CA ASN B 170 22.92 24.15 -9.31
C ASN B 170 21.51 24.00 -8.76
N ASP B 171 20.59 23.47 -9.57
CA ASP B 171 19.20 23.32 -9.19
C ASP B 171 18.90 21.98 -8.54
N GLU B 172 19.94 21.29 -8.04
CA GLU B 172 19.71 20.05 -7.31
C GLU B 172 18.98 20.28 -6.00
N HIS B 173 19.15 21.46 -5.39
CA HIS B 173 18.42 21.78 -4.17
C HIS B 173 16.99 22.23 -4.47
N GLN B 174 16.66 22.50 -5.73
CA GLN B 174 15.29 22.89 -6.08
C GLN B 174 14.32 21.75 -5.82
N ALA B 175 14.72 20.51 -6.15
CA ALA B 175 13.86 19.36 -5.88
C ALA B 175 13.65 19.19 -4.37
N THR B 176 14.70 19.38 -3.58
CA THR B 176 14.56 19.31 -2.13
C THR B 176 13.64 20.39 -1.60
N ALA B 177 13.76 21.61 -2.14
CA ALA B 177 12.88 22.70 -1.72
C ALA B 177 11.43 22.40 -2.08
N MET B 178 11.19 21.85 -3.27
CA MET B 178 9.82 21.49 -3.66
C MET B 178 9.27 20.39 -2.78
N ALA B 179 10.10 19.40 -2.42
CA ALA B 179 9.67 18.34 -1.52
C ALA B 179 9.32 18.91 -0.14
N ASP B 180 10.13 19.85 0.35
CA ASP B 180 9.84 20.50 1.62
C ASP B 180 8.55 21.30 1.55
N ILE B 181 8.30 21.96 0.42
CA ILE B 181 7.06 22.70 0.24
C ILE B 181 5.87 21.75 0.27
N ILE B 182 5.98 20.61 -0.40
CA ILE B 182 4.91 19.62 -0.39
C ILE B 182 4.69 19.09 1.02
N GLU B 183 5.78 18.85 1.76
CA GLU B 183 5.65 18.36 3.13
C GLU B 183 4.99 19.38 4.04
N TYR B 184 5.31 20.68 3.85
CA TYR B 184 4.73 21.72 4.69
C TYR B 184 3.22 21.79 4.50
N PHE B 185 2.76 21.84 3.26
CA PHE B 185 1.33 21.75 2.95
C PHE B 185 1.01 20.28 2.72
N ARG B 186 0.75 19.58 3.82
CA ARG B 186 0.71 18.11 3.82
C ARG B 186 -0.21 17.57 2.74
N TRP B 187 0.39 16.88 1.77
CA TRP B 187 -0.33 16.23 0.69
C TRP B 187 0.33 14.89 0.42
N ASN B 188 -0.44 13.99 -0.22
CA ASN B 188 0.07 12.68 -0.58
C ASN B 188 -0.24 12.26 -2.01
N TRP B 189 -1.04 13.01 -2.74
CA TRP B 189 -1.39 12.69 -4.13
C TRP B 189 -0.95 13.85 -5.01
N VAL B 190 0.10 13.62 -5.81
CA VAL B 190 0.66 14.64 -6.68
C VAL B 190 0.92 14.03 -8.05
N GLY B 191 1.09 14.90 -9.04
CA GLY B 191 1.40 14.49 -10.40
C GLY B 191 2.85 14.76 -10.77
N THR B 192 3.15 14.48 -12.03
CA THR B 192 4.51 14.65 -12.55
C THR B 192 4.46 14.85 -14.05
N ILE B 193 4.89 16.01 -14.52
CA ILE B 193 5.00 16.31 -15.94
C ILE B 193 6.40 16.88 -16.19
N ALA B 194 7.09 16.33 -17.19
CA ALA B 194 8.45 16.74 -17.50
C ALA B 194 8.59 16.91 -19.01
N ALA B 195 9.76 17.38 -19.43
CA ALA B 195 10.08 17.58 -20.83
C ALA B 195 11.17 16.61 -21.26
N ASP B 196 11.04 16.10 -22.49
CA ASP B 196 12.00 15.14 -23.03
C ASP B 196 13.22 15.89 -23.54
N ASP B 197 14.12 16.18 -22.60
CA ASP B 197 15.36 16.89 -22.90
C ASP B 197 16.38 16.57 -21.81
N ASP B 198 17.50 17.27 -21.82
CA ASP B 198 18.57 17.07 -20.85
C ASP B 198 18.35 17.89 -19.58
N TYR B 199 17.28 18.68 -19.51
CA TYR B 199 16.99 19.49 -18.34
C TYR B 199 15.85 18.94 -17.49
N GLY B 200 14.85 18.34 -18.10
CA GLY B 200 13.69 17.84 -17.37
C GLY B 200 13.86 16.45 -16.81
N ARG B 201 14.34 15.53 -17.64
CA ARG B 201 14.50 14.14 -17.20
C ARG B 201 15.45 13.99 -16.02
N PRO B 202 16.68 14.54 -16.04
CA PRO B 202 17.53 14.40 -14.85
C PRO B 202 16.99 15.14 -13.63
N GLY B 203 16.19 16.19 -13.82
CA GLY B 203 15.67 16.95 -12.71
C GLY B 203 14.48 16.35 -12.01
N ILE B 204 13.88 15.30 -12.58
CA ILE B 204 12.72 14.66 -11.96
C ILE B 204 13.10 13.41 -11.17
N GLU B 205 14.25 12.78 -11.45
CA GLU B 205 14.67 11.61 -10.69
C GLU B 205 14.93 11.95 -9.24
N LYS B 206 15.61 13.08 -8.99
CA LYS B 206 15.87 13.51 -7.62
C LYS B 206 14.58 13.82 -6.88
N PHE B 207 13.63 14.49 -7.56
CA PHE B 207 12.35 14.79 -6.94
C PHE B 207 11.59 13.51 -6.59
N ARG B 208 11.59 12.54 -7.50
CA ARG B 208 10.91 11.27 -7.22
C ARG B 208 11.58 10.53 -6.06
N GLU B 209 12.91 10.54 -6.02
CA GLU B 209 13.62 9.90 -4.91
C GLU B 209 13.29 10.57 -3.59
N GLU B 210 13.24 11.90 -3.57
CA GLU B 210 12.88 12.62 -2.35
C GLU B 210 11.45 12.32 -1.93
N ALA B 211 10.53 12.24 -2.90
CA ALA B 211 9.14 11.91 -2.58
C ALA B 211 9.03 10.50 -2.01
N GLU B 212 9.76 9.54 -2.58
CA GLU B 212 9.75 8.19 -2.05
C GLU B 212 10.35 8.13 -0.65
N GLU B 213 11.42 8.90 -0.41
CA GLU B 213 12.01 8.93 0.92
C GLU B 213 11.07 9.52 1.95
N ARG B 214 10.24 10.48 1.55
CA ARG B 214 9.27 11.12 2.44
C ARG B 214 7.92 10.42 2.42
N ASP B 215 7.81 9.28 1.72
CA ASP B 215 6.57 8.52 1.61
C ASP B 215 5.46 9.37 0.99
N ILE B 216 5.73 9.84 -0.23
CA ILE B 216 4.78 10.63 -1.02
C ILE B 216 4.45 9.85 -2.27
N CYS B 217 3.15 9.62 -2.50
CA CYS B 217 2.69 8.85 -3.64
C CYS B 217 2.59 9.74 -4.88
N ILE B 218 2.88 9.16 -6.04
CA ILE B 218 2.81 9.84 -7.32
C ILE B 218 1.75 9.15 -8.17
N ASP B 219 0.82 9.93 -8.70
CA ASP B 219 -0.28 9.36 -9.47
C ASP B 219 0.14 9.02 -10.89
N PHE B 220 0.55 10.04 -11.66
CA PHE B 220 0.92 9.85 -13.05
C PHE B 220 2.18 10.64 -13.37
N SER B 221 2.97 10.13 -14.31
CA SER B 221 4.15 10.80 -14.80
C SER B 221 4.11 10.82 -16.32
N GLU B 222 4.30 11.99 -16.91
CA GLU B 222 4.22 12.16 -18.35
C GLU B 222 5.38 13.02 -18.83
N LEU B 223 5.74 12.82 -20.09
CA LEU B 223 6.78 13.58 -20.76
C LEU B 223 6.21 14.24 -22.01
N ILE B 224 6.57 15.51 -22.22
CA ILE B 224 6.07 16.29 -23.35
C ILE B 224 7.26 16.87 -24.11
N SER B 225 6.98 17.34 -25.32
CA SER B 225 8.01 17.94 -26.16
C SER B 225 7.38 19.02 -27.03
N GLN B 226 8.23 19.94 -27.50
CA GLN B 226 7.74 21.04 -28.33
C GLN B 226 7.27 20.56 -29.69
N TYR B 227 7.95 19.58 -30.28
CA TYR B 227 7.65 19.10 -31.62
C TYR B 227 6.60 18.00 -31.63
N SER B 228 6.08 17.61 -30.48
CA SER B 228 5.04 16.59 -30.43
C SER B 228 3.74 17.12 -31.06
N ASP B 229 3.06 16.26 -31.80
CA ASP B 229 1.83 16.64 -32.48
C ASP B 229 0.64 16.44 -31.54
N GLU B 230 -0.57 16.47 -32.10
CA GLU B 230 -1.78 16.49 -31.28
C GLU B 230 -1.97 15.19 -30.49
N GLU B 231 -1.37 14.09 -30.93
CA GLU B 231 -1.64 12.80 -30.30
C GLU B 231 -1.16 12.78 -28.85
N GLU B 232 0.11 13.13 -28.62
CA GLU B 232 0.64 13.09 -27.26
C GLU B 232 0.00 14.15 -26.38
N ILE B 233 -0.29 15.33 -26.94
CA ILE B 233 -0.93 16.38 -26.16
C ILE B 233 -2.32 15.92 -25.71
N GLN B 234 -3.09 15.31 -26.62
CA GLN B 234 -4.41 14.81 -26.27
C GLN B 234 -4.33 13.69 -25.25
N HIS B 235 -3.34 12.80 -25.39
CA HIS B 235 -3.18 11.73 -24.42
C HIS B 235 -2.86 12.29 -23.03
N VAL B 236 -1.97 13.28 -22.96
CA VAL B 236 -1.62 13.88 -21.68
C VAL B 236 -2.82 14.58 -21.07
N VAL B 237 -3.61 15.28 -21.90
CA VAL B 237 -4.80 15.96 -21.39
C VAL B 237 -5.80 14.95 -20.85
N GLU B 238 -5.99 13.83 -21.57
CA GLU B 238 -6.91 12.80 -21.10
C GLU B 238 -6.43 12.18 -19.80
N VAL B 239 -5.12 11.94 -19.67
CA VAL B 239 -4.58 11.40 -18.43
C VAL B 239 -4.80 12.37 -17.28
N ILE B 240 -4.56 13.65 -17.52
CA ILE B 240 -4.74 14.66 -16.47
C ILE B 240 -6.20 14.72 -16.04
N GLN B 241 -7.12 14.73 -17.01
CA GLN B 241 -8.54 14.81 -16.70
C GLN B 241 -9.03 13.56 -15.96
N ASN B 242 -8.44 12.40 -16.25
CA ASN B 242 -8.84 11.14 -15.63
C ASN B 242 -8.08 10.86 -14.33
N SER B 243 -7.57 11.90 -13.68
CA SER B 243 -6.84 11.75 -12.43
C SER B 243 -7.42 12.70 -11.39
N THR B 244 -7.37 12.27 -10.12
CA THR B 244 -7.90 13.05 -9.01
C THR B 244 -6.85 13.92 -8.33
N ALA B 245 -5.62 13.93 -8.83
CA ALA B 245 -4.57 14.73 -8.23
C ALA B 245 -4.77 16.21 -8.57
N LYS B 246 -4.75 17.05 -7.55
CA LYS B 246 -4.93 18.49 -7.73
C LYS B 246 -3.61 19.25 -7.76
N VAL B 247 -2.49 18.57 -7.53
CA VAL B 247 -1.17 19.19 -7.54
C VAL B 247 -0.35 18.57 -8.66
N ILE B 248 0.19 19.41 -9.52
CA ILE B 248 0.98 18.97 -10.68
C ILE B 248 2.35 19.62 -10.60
N VAL B 249 3.39 18.80 -10.72
CA VAL B 249 4.78 19.27 -10.74
C VAL B 249 5.24 19.31 -12.19
N VAL B 250 5.72 20.48 -12.62
CA VAL B 250 6.10 20.72 -14.01
C VAL B 250 7.59 21.04 -14.06
N PHE B 251 8.32 20.29 -14.87
CA PHE B 251 9.75 20.53 -15.12
C PHE B 251 9.90 20.72 -16.64
N SER B 252 9.71 21.95 -17.11
CA SER B 252 9.75 22.23 -18.54
C SER B 252 10.04 23.72 -18.73
N SER B 253 10.23 24.09 -19.99
CA SER B 253 10.52 25.46 -20.36
C SER B 253 9.24 26.15 -20.84
N GLY B 254 9.38 27.38 -21.34
CA GLY B 254 8.28 28.15 -21.82
C GLY B 254 7.66 27.61 -23.09
N PRO B 255 8.42 27.67 -24.19
CA PRO B 255 7.89 27.15 -25.47
C PRO B 255 7.56 25.67 -25.43
N ASP B 256 8.29 24.88 -24.63
CA ASP B 256 7.99 23.45 -24.53
C ASP B 256 6.61 23.21 -23.92
N LEU B 257 6.26 23.98 -22.89
CA LEU B 257 4.97 23.84 -22.22
C LEU B 257 3.87 24.66 -22.88
N GLU B 258 4.21 25.52 -23.83
CA GLU B 258 3.21 26.39 -24.45
C GLU B 258 2.08 25.62 -25.13
N PRO B 259 2.34 24.59 -25.97
CA PRO B 259 1.21 23.86 -26.57
C PRO B 259 0.30 23.20 -25.55
N LEU B 260 0.87 22.66 -24.48
CA LEU B 260 0.04 22.02 -23.45
C LEU B 260 -0.85 23.05 -22.75
N ILE B 261 -0.30 24.23 -22.43
CA ILE B 261 -1.08 25.28 -21.81
C ILE B 261 -2.18 25.74 -22.75
N LYS B 262 -1.87 25.90 -24.04
CA LYS B 262 -2.88 26.32 -25.00
C LYS B 262 -4.00 25.29 -25.12
N GLU B 263 -3.65 24.00 -25.15
CA GLU B 263 -4.67 22.96 -25.23
C GLU B 263 -5.54 22.94 -23.97
N ILE B 264 -4.91 23.10 -22.80
CA ILE B 264 -5.67 23.12 -21.56
C ILE B 264 -6.63 24.31 -21.52
N VAL B 265 -6.17 25.48 -21.97
CA VAL B 265 -7.03 26.65 -22.02
C VAL B 265 -8.18 26.42 -23.00
N ARG B 266 -7.90 25.80 -24.14
CA ARG B 266 -8.95 25.51 -25.11
C ARG B 266 -9.99 24.56 -24.53
N ARG B 267 -9.54 23.56 -23.77
CA ARG B 267 -10.45 22.62 -23.11
C ARG B 267 -11.02 23.16 -21.80
N ASN B 268 -10.60 24.35 -21.37
CA ASN B 268 -11.12 25.01 -20.17
C ASN B 268 -10.98 24.12 -18.94
N ILE B 269 -9.80 23.56 -18.74
CA ILE B 269 -9.53 22.75 -17.56
C ILE B 269 -9.04 23.65 -16.44
N THR B 270 -9.73 23.60 -15.29
CA THR B 270 -9.39 24.45 -14.16
C THR B 270 -9.32 23.65 -12.87
N GLY B 271 -9.13 24.32 -11.74
CA GLY B 271 -9.06 23.65 -10.47
C GLY B 271 -7.80 22.87 -10.22
N LYS B 272 -6.70 23.23 -10.88
CA LYS B 272 -5.43 22.54 -10.73
C LYS B 272 -4.37 23.49 -10.18
N ILE B 273 -3.42 22.94 -9.44
CA ILE B 273 -2.32 23.69 -8.87
C ILE B 273 -1.08 23.43 -9.72
N TRP B 274 -0.44 24.51 -10.17
CA TRP B 274 0.72 24.44 -11.04
C TRP B 274 1.97 24.79 -10.25
N LEU B 275 2.95 23.90 -10.27
CA LEU B 275 4.25 24.15 -9.65
C LEU B 275 5.26 24.48 -10.74
N ALA B 276 5.92 25.62 -10.61
CA ALA B 276 6.81 26.14 -11.64
C ALA B 276 8.25 26.11 -11.15
N SER B 277 9.15 25.64 -12.01
CA SER B 277 10.57 25.69 -11.73
C SER B 277 11.13 27.04 -12.18
N GLU B 278 12.43 27.24 -11.99
CA GLU B 278 13.05 28.51 -12.35
C GLU B 278 13.05 28.75 -13.86
N ALA B 279 12.91 27.70 -14.66
CA ALA B 279 12.97 27.85 -16.11
C ALA B 279 11.78 28.66 -16.64
N TRP B 280 10.58 28.38 -16.14
CA TRP B 280 9.37 29.00 -16.67
C TRP B 280 8.57 29.74 -15.60
N ALA B 281 9.21 30.16 -14.52
CA ALA B 281 8.52 30.92 -13.48
C ALA B 281 8.33 32.38 -13.85
N SER B 282 9.02 32.88 -14.87
CA SER B 282 8.88 34.27 -15.28
C SER B 282 8.81 34.45 -16.78
N SER B 283 8.59 33.38 -17.55
CA SER B 283 8.51 33.50 -18.99
C SER B 283 7.25 34.26 -19.40
N SER B 284 7.40 35.13 -20.40
CA SER B 284 6.28 35.93 -20.88
C SER B 284 5.38 35.20 -21.86
N LEU B 285 5.81 34.05 -22.38
CA LEU B 285 4.98 33.31 -23.32
C LEU B 285 3.83 32.60 -22.62
N ILE B 286 4.02 32.22 -21.35
CA ILE B 286 2.98 31.51 -20.60
C ILE B 286 2.20 32.46 -19.70
N ALA B 287 2.89 33.37 -19.02
CA ALA B 287 2.22 34.30 -18.12
C ALA B 287 1.50 35.40 -18.91
N MET B 288 0.24 35.13 -19.27
CA MET B 288 -0.59 36.08 -19.99
C MET B 288 -1.94 36.20 -19.31
N PRO B 289 -2.57 37.37 -19.38
CA PRO B 289 -3.89 37.53 -18.74
C PRO B 289 -4.94 36.57 -19.27
N GLN B 290 -4.92 36.28 -20.58
CA GLN B 290 -5.91 35.37 -21.15
C GLN B 290 -5.82 33.98 -20.54
N TYR B 291 -4.62 33.57 -20.14
CA TYR B 291 -4.42 32.27 -19.48
C TYR B 291 -4.49 32.36 -17.97
N PHE B 292 -4.77 33.55 -17.41
CA PHE B 292 -4.72 33.72 -15.97
C PHE B 292 -5.74 32.84 -15.24
N HIS B 293 -6.79 32.42 -15.94
CA HIS B 293 -7.81 31.57 -15.32
C HIS B 293 -7.42 30.09 -15.34
N VAL B 294 -6.25 29.74 -15.87
CA VAL B 294 -5.81 28.35 -15.89
C VAL B 294 -4.56 28.20 -15.04
N VAL B 295 -3.75 29.24 -14.98
CA VAL B 295 -2.48 29.17 -14.24
C VAL B 295 -2.46 30.22 -13.14
N GLY B 296 -3.64 30.57 -12.63
CA GLY B 296 -3.71 31.53 -11.53
C GLY B 296 -3.17 30.95 -10.24
N GLY B 297 -2.54 31.81 -9.45
CA GLY B 297 -1.96 31.39 -8.19
C GLY B 297 -0.84 30.38 -8.34
N THR B 298 0.05 30.61 -9.32
CA THR B 298 1.14 29.69 -9.59
C THR B 298 2.35 30.05 -8.74
N ILE B 299 2.95 29.05 -8.10
CA ILE B 299 4.13 29.22 -7.27
C ILE B 299 5.35 28.80 -8.07
N GLY B 300 6.35 29.68 -8.15
CA GLY B 300 7.53 29.42 -8.94
C GLY B 300 8.80 29.79 -8.17
N PHE B 301 9.93 29.47 -8.78
CA PHE B 301 11.24 29.71 -8.21
C PHE B 301 11.99 30.75 -9.05
N ALA B 302 12.74 31.62 -8.37
CA ALA B 302 13.49 32.67 -9.02
C ALA B 302 14.85 32.82 -8.34
N LEU B 303 15.79 33.39 -9.08
CA LEU B 303 17.14 33.59 -8.58
C LEU B 303 17.22 34.90 -7.78
N LYS B 304 18.44 35.25 -7.36
CA LYS B 304 18.68 36.46 -6.58
C LYS B 304 18.95 37.63 -7.52
N ALA B 305 18.27 38.74 -7.28
CA ALA B 305 18.42 39.91 -8.14
C ALA B 305 19.80 40.56 -7.95
N GLY B 306 20.33 41.11 -9.04
CA GLY B 306 21.59 41.82 -9.02
C GLY B 306 21.42 43.29 -9.33
N GLN B 307 22.56 43.99 -9.34
CA GLN B 307 22.58 45.42 -9.62
C GLN B 307 23.70 45.71 -10.60
N ILE B 308 23.36 46.39 -11.69
CA ILE B 308 24.32 46.80 -12.70
C ILE B 308 24.18 48.30 -12.93
N PRO B 309 25.01 49.13 -12.27
CA PRO B 309 24.88 50.58 -12.46
C PRO B 309 25.22 50.99 -13.89
N GLY B 310 24.55 52.03 -14.36
CA GLY B 310 24.81 52.55 -15.69
C GLY B 310 24.30 51.68 -16.82
N PHE B 311 23.36 50.79 -16.55
CA PHE B 311 22.82 49.89 -17.56
C PHE B 311 21.53 50.41 -18.20
N ARG B 312 20.65 51.01 -17.41
CA ARG B 312 19.39 51.53 -17.95
C ARG B 312 19.65 52.66 -18.95
N GLU B 313 20.58 53.55 -18.63
CA GLU B 313 20.92 54.63 -19.55
C GLU B 313 21.55 54.08 -20.83
N PHE B 314 22.40 53.06 -20.71
CA PHE B 314 23.03 52.47 -21.89
C PHE B 314 22.02 51.76 -22.77
N LEU B 315 21.00 51.14 -22.17
CA LEU B 315 20.00 50.42 -22.94
C LEU B 315 19.19 51.34 -23.85
N LYS B 316 19.10 52.63 -23.52
CA LYS B 316 18.36 53.59 -24.32
C LYS B 316 19.22 54.26 -25.40
N LYS B 317 20.51 53.93 -25.46
CA LYS B 317 21.42 54.54 -26.43
C LYS B 317 21.46 53.79 -27.75
N VAL B 318 20.81 52.62 -27.84
CA VAL B 318 20.87 51.82 -29.05
C VAL B 318 20.16 52.55 -30.18
N HIS B 319 20.77 52.51 -31.37
CA HIS B 319 20.23 53.14 -32.57
C HIS B 319 20.70 52.34 -33.78
N PRO B 320 19.83 52.08 -34.75
CA PRO B 320 20.23 51.26 -35.90
C PRO B 320 21.15 51.98 -36.88
N ARG B 321 21.36 53.28 -36.73
CA ARG B 321 22.18 54.05 -37.67
C ARG B 321 23.61 54.27 -37.18
N LYS B 322 23.80 54.53 -35.89
CA LYS B 322 25.12 54.85 -35.36
C LYS B 322 25.78 53.66 -34.65
N SER B 323 25.20 52.47 -34.79
CA SER B 323 25.74 51.26 -34.16
C SER B 323 26.17 50.31 -35.28
N VAL B 324 27.42 50.44 -35.72
CA VAL B 324 27.94 49.56 -36.76
C VAL B 324 28.48 48.26 -36.18
N HIS B 325 28.95 48.27 -34.93
CA HIS B 325 29.46 47.06 -34.32
C HIS B 325 28.36 46.01 -34.14
N ASN B 326 27.16 46.45 -33.75
CA ASN B 326 26.04 45.55 -33.53
C ASN B 326 25.25 45.41 -34.82
N GLY B 327 25.09 44.18 -35.29
CA GLY B 327 24.34 43.92 -36.51
C GLY B 327 22.91 43.53 -36.27
N PHE B 328 22.54 43.33 -35.00
CA PHE B 328 21.19 42.94 -34.62
C PHE B 328 20.30 44.14 -34.32
N ALA B 329 20.83 45.36 -34.42
CA ALA B 329 20.02 46.54 -34.10
C ALA B 329 18.90 46.74 -35.11
N LYS B 330 19.17 46.50 -36.39
CA LYS B 330 18.15 46.70 -37.42
C LYS B 330 16.98 45.75 -37.25
N GLU B 331 17.27 44.47 -37.00
CA GLU B 331 16.21 43.49 -36.81
C GLU B 331 15.40 43.80 -35.56
N PHE B 332 16.07 44.20 -34.47
CA PHE B 332 15.36 44.55 -33.25
C PHE B 332 14.45 45.76 -33.47
N TRP B 333 14.95 46.78 -34.19
CA TRP B 333 14.14 47.95 -34.48
C TRP B 333 12.92 47.58 -35.33
N GLU B 334 13.13 46.75 -36.36
CA GLU B 334 12.02 46.34 -37.22
C GLU B 334 10.98 45.54 -36.44
N GLU B 335 11.43 44.64 -35.57
CA GLU B 335 10.49 43.85 -34.78
C GLU B 335 9.74 44.71 -33.78
N THR B 336 10.41 45.70 -33.18
CA THR B 336 9.76 46.54 -32.19
C THR B 336 8.73 47.47 -32.81
N PHE B 337 9.10 48.13 -33.92
CA PHE B 337 8.21 49.11 -34.53
C PHE B 337 7.36 48.54 -35.66
N ASN B 338 7.54 47.27 -36.01
CA ASN B 338 6.71 46.58 -37.00
C ASN B 338 6.66 47.34 -38.32
N CYS B 339 7.83 47.54 -38.91
CA CYS B 339 7.94 48.23 -40.18
C CYS B 339 9.21 47.77 -40.89
N HIS B 340 9.44 48.32 -42.08
CA HIS B 340 10.59 47.97 -42.90
C HIS B 340 11.55 49.14 -42.96
N LEU B 341 12.83 48.83 -43.14
CA LEU B 341 13.87 49.84 -43.23
C LEU B 341 14.46 49.91 -44.64
N ARG B 373 5.55 47.67 -43.00
CA ARG B 373 5.28 48.09 -44.37
C ARG B 373 5.79 49.51 -44.70
N PRO B 374 5.36 50.53 -43.95
CA PRO B 374 5.78 51.90 -44.31
C PRO B 374 7.24 52.15 -43.96
N LEU B 375 7.85 53.10 -44.66
CA LEU B 375 9.24 53.45 -44.41
C LEU B 375 9.39 54.09 -43.04
N CYS B 376 10.47 53.75 -42.36
CA CYS B 376 10.75 54.25 -41.01
C CYS B 376 12.06 55.02 -41.01
N THR B 377 12.04 56.21 -40.40
CA THR B 377 13.23 57.01 -40.23
C THR B 377 13.77 56.82 -38.81
N GLY B 378 14.87 57.49 -38.51
CA GLY B 378 15.48 57.41 -37.20
C GLY B 378 15.03 58.52 -36.27
N ASP B 379 13.73 58.62 -36.02
CA ASP B 379 13.20 59.70 -35.18
C ASP B 379 12.09 59.21 -34.26
N GLU B 380 12.17 57.96 -33.80
CA GLU B 380 11.18 57.42 -32.88
C GLU B 380 11.73 57.46 -31.45
N ASN B 381 10.97 56.88 -30.52
CA ASN B 381 11.36 56.81 -29.12
C ASN B 381 11.34 55.35 -28.68
N ILE B 382 12.42 54.84 -28.08
CA ILE B 382 12.46 53.39 -27.72
C ILE B 382 11.56 53.15 -26.52
N SER B 383 11.25 54.20 -25.77
CA SER B 383 10.48 54.04 -24.51
C SER B 383 8.98 54.18 -24.74
N SER B 384 8.56 54.59 -25.94
CA SER B 384 7.12 54.66 -26.25
C SER B 384 6.54 53.24 -26.29
N VAL B 385 7.09 52.36 -27.14
CA VAL B 385 6.52 51.02 -27.29
C VAL B 385 6.81 50.22 -26.03
N GLU B 386 5.77 49.58 -25.49
CA GLU B 386 5.91 48.78 -24.28
C GLU B 386 6.39 47.39 -24.66
N THR B 387 7.69 47.16 -24.53
CA THR B 387 8.32 45.88 -24.81
C THR B 387 9.18 45.48 -23.63
N PRO B 388 9.38 44.17 -23.41
CA PRO B 388 10.17 43.74 -22.26
C PRO B 388 11.61 44.23 -22.26
N TYR B 389 12.11 44.71 -23.40
CA TYR B 389 13.49 45.19 -23.47
C TYR B 389 13.69 46.43 -22.60
N ILE B 390 12.67 47.29 -22.50
CA ILE B 390 12.84 48.60 -21.88
C ILE B 390 12.48 48.57 -20.40
N ASP B 391 11.57 47.70 -20.00
CA ASP B 391 11.11 47.63 -18.62
C ASP B 391 11.50 46.30 -18.00
N TYR B 392 11.98 46.33 -16.75
CA TYR B 392 12.36 45.14 -16.02
C TYR B 392 12.34 45.45 -14.53
N THR B 393 12.28 44.39 -13.73
CA THR B 393 12.27 44.51 -12.28
C THR B 393 13.50 43.94 -11.60
N HIS B 394 14.08 42.88 -12.16
CA HIS B 394 15.26 42.26 -11.57
C HIS B 394 16.14 41.72 -12.69
N LEU B 395 17.45 41.77 -12.48
CA LEU B 395 18.44 41.29 -13.45
C LEU B 395 19.16 40.10 -12.82
N ARG B 396 18.74 38.90 -13.21
CA ARG B 396 19.34 37.66 -12.68
C ARG B 396 20.31 37.04 -13.68
N ILE B 397 19.83 36.72 -14.89
CA ILE B 397 20.71 36.13 -15.90
C ILE B 397 21.71 37.15 -16.42
N SER B 398 21.28 38.40 -16.60
CA SER B 398 22.21 39.45 -17.00
C SER B 398 23.30 39.64 -15.95
N TYR B 399 22.94 39.55 -14.67
CA TYR B 399 23.93 39.61 -13.61
C TYR B 399 24.89 38.42 -13.68
N ASN B 400 24.37 37.25 -14.05
CA ASN B 400 25.24 36.08 -14.20
C ASN B 400 26.25 36.29 -15.32
N VAL B 401 25.81 36.81 -16.46
CA VAL B 401 26.73 37.11 -17.56
C VAL B 401 27.75 38.15 -17.14
N TYR B 402 27.29 39.18 -16.43
CA TYR B 402 28.17 40.23 -15.92
C TYR B 402 29.26 39.66 -15.01
N LEU B 403 28.86 38.77 -14.10
CA LEU B 403 29.81 38.14 -13.19
C LEU B 403 30.79 37.25 -13.95
N ALA B 404 30.31 36.53 -14.97
CA ALA B 404 31.20 35.69 -15.76
C ALA B 404 32.22 36.53 -16.53
N VAL B 405 31.78 37.64 -17.11
CA VAL B 405 32.69 38.50 -17.87
C VAL B 405 33.76 39.08 -16.95
N TYR B 406 33.36 39.55 -15.76
CA TYR B 406 34.38 40.04 -14.84
C TYR B 406 35.24 38.92 -14.27
N SER B 407 34.73 37.69 -14.19
CA SER B 407 35.57 36.57 -13.78
C SER B 407 36.67 36.33 -14.80
N ILE B 408 36.32 36.37 -16.09
CA ILE B 408 37.34 36.25 -17.14
C ILE B 408 38.32 37.42 -17.07
N ALA B 409 37.82 38.63 -16.84
CA ALA B 409 38.70 39.79 -16.72
C ALA B 409 39.66 39.65 -15.54
N HIS B 410 39.16 39.13 -14.42
CA HIS B 410 40.01 38.94 -13.25
C HIS B 410 41.05 37.83 -13.49
N ALA B 411 40.67 36.78 -14.19
CA ALA B 411 41.65 35.76 -14.56
C ALA B 411 42.75 36.35 -15.44
N LEU B 412 42.36 37.20 -16.40
CA LEU B 412 43.36 37.86 -17.24
C LEU B 412 44.26 38.77 -16.40
N GLN B 413 43.68 39.50 -15.45
CA GLN B 413 44.46 40.37 -14.59
C GLN B 413 45.44 39.57 -13.74
N ASP B 414 45.01 38.43 -13.20
CA ASP B 414 45.91 37.58 -12.44
C ASP B 414 47.03 37.02 -13.32
N ILE B 415 46.72 36.69 -14.57
CA ILE B 415 47.76 36.27 -15.51
C ILE B 415 48.77 37.39 -15.71
N TYR B 416 48.27 38.63 -15.89
CA TYR B 416 49.16 39.77 -16.10
C TYR B 416 50.04 40.05 -14.89
N THR B 417 49.49 39.93 -13.68
CA THR B 417 50.19 40.29 -12.46
C THR B 417 50.98 39.14 -11.85
N CYS B 418 51.14 38.03 -12.57
CA CYS B 418 51.93 36.92 -12.05
C CYS B 418 53.37 37.34 -11.83
N LEU B 419 53.92 36.98 -10.66
CA LEU B 419 55.27 37.39 -10.32
C LEU B 419 56.25 36.25 -10.54
N PRO B 420 57.47 36.56 -10.99
CA PRO B 420 58.47 35.50 -11.19
C PRO B 420 58.82 34.80 -9.88
N GLY B 421 59.05 33.49 -9.97
CA GLY B 421 59.39 32.68 -8.83
C GLY B 421 58.20 32.13 -8.06
N ARG B 422 57.00 32.65 -8.28
CA ARG B 422 55.79 32.19 -7.62
C ARG B 422 54.70 32.08 -8.68
N GLY B 423 54.59 30.90 -9.30
CA GLY B 423 53.60 30.69 -10.34
C GLY B 423 52.84 29.39 -10.17
N LEU B 424 51.86 29.15 -11.04
CA LEU B 424 51.05 27.95 -11.00
C LEU B 424 51.47 26.88 -12.00
N PHE B 425 52.52 27.13 -12.78
CA PHE B 425 53.01 26.18 -13.77
C PHE B 425 54.14 25.35 -13.17
N THR B 426 54.75 24.51 -13.99
CA THR B 426 55.82 23.64 -13.50
C THR B 426 57.09 24.44 -13.21
N ASN B 427 57.79 24.03 -12.16
CA ASN B 427 59.06 24.66 -11.75
C ASN B 427 58.89 26.16 -11.53
N GLY B 428 57.75 26.56 -10.98
CA GLY B 428 57.49 27.98 -10.72
C GLY B 428 57.55 28.86 -11.94
N SER B 429 57.02 28.38 -13.07
CA SER B 429 57.08 29.13 -14.31
C SER B 429 56.02 30.23 -14.34
N CYS B 430 56.12 31.12 -15.31
CA CYS B 430 55.19 32.22 -15.47
C CYS B 430 54.79 32.33 -16.94
N ALA B 431 53.59 32.87 -17.17
CA ALA B 431 53.08 33.04 -18.52
C ALA B 431 53.41 34.44 -19.04
N ASP B 432 53.21 34.61 -20.34
CA ASP B 432 53.45 35.88 -21.01
C ASP B 432 52.12 36.49 -21.43
N ILE B 433 51.92 37.77 -21.10
CA ILE B 433 50.67 38.43 -21.45
C ILE B 433 50.55 38.62 -22.95
N LYS B 434 51.68 38.71 -23.66
CA LYS B 434 51.63 38.89 -25.10
C LYS B 434 51.10 37.64 -25.80
N LYS B 435 51.49 36.46 -25.32
CA LYS B 435 51.08 35.19 -25.91
C LYS B 435 50.39 34.37 -24.82
N VAL B 436 49.06 34.34 -24.85
CA VAL B 436 48.25 33.65 -23.85
C VAL B 436 47.49 32.53 -24.55
N GLU B 437 47.56 31.33 -23.99
CA GLU B 437 46.92 30.15 -24.55
C GLU B 437 45.68 29.79 -23.73
N ALA B 438 44.81 28.99 -24.36
CA ALA B 438 43.53 28.64 -23.73
C ALA B 438 43.72 27.81 -22.47
N TRP B 439 44.67 26.87 -22.50
CA TRP B 439 44.88 25.99 -21.35
C TRP B 439 45.37 26.78 -20.13
N GLN B 440 46.21 27.78 -20.34
CA GLN B 440 46.64 28.63 -19.22
C GLN B 440 45.46 29.38 -18.62
N VAL B 441 44.57 29.89 -19.48
CA VAL B 441 43.38 30.58 -18.98
C VAL B 441 42.50 29.63 -18.18
N LEU B 442 42.33 28.40 -18.68
CA LEU B 442 41.53 27.41 -17.94
C LEU B 442 42.17 27.08 -16.59
N LYS B 443 43.49 26.91 -16.57
CA LYS B 443 44.17 26.60 -15.31
C LYS B 443 44.03 27.74 -14.31
N HIS B 444 44.16 28.99 -14.77
CA HIS B 444 44.00 30.12 -13.87
C HIS B 444 42.55 30.29 -13.43
N LEU B 445 41.59 29.90 -14.28
CA LEU B 445 40.19 29.97 -13.88
C LEU B 445 39.82 28.87 -12.90
N ARG B 446 40.58 27.75 -12.91
CA ARG B 446 40.31 26.69 -11.94
C ARG B 446 40.50 27.17 -10.51
N HIS B 447 41.54 27.96 -10.27
CA HIS B 447 41.82 28.54 -8.96
C HIS B 447 41.59 30.05 -9.07
N LEU B 448 40.34 30.46 -8.85
CA LEU B 448 39.96 31.87 -8.95
C LEU B 448 39.17 32.27 -7.72
N ASN B 449 39.49 33.46 -7.20
CA ASN B 449 38.79 34.01 -6.04
C ASN B 449 38.94 35.52 -6.05
N PHE B 450 37.83 36.24 -6.01
CA PHE B 450 37.85 37.69 -6.04
C PHE B 450 36.64 38.23 -5.28
N THR B 451 36.52 39.55 -5.28
CA THR B 451 35.46 40.25 -4.56
C THR B 451 34.48 40.85 -5.56
N ASN B 452 33.20 40.59 -5.36
CA ASN B 452 32.17 41.15 -6.23
C ASN B 452 31.98 42.64 -5.94
N ASN B 453 31.34 43.33 -6.88
CA ASN B 453 31.11 44.77 -6.75
C ASN B 453 30.16 45.11 -5.60
N MET B 454 29.42 44.13 -5.08
CA MET B 454 28.53 44.34 -3.94
C MET B 454 29.16 43.91 -2.62
N GLY B 455 30.45 43.62 -2.62
CA GLY B 455 31.13 43.18 -1.41
C GLY B 455 31.15 41.68 -1.19
N GLU B 456 30.48 40.91 -2.05
CA GLU B 456 30.47 39.46 -1.91
C GLU B 456 31.78 38.86 -2.44
N GLN B 457 32.03 37.62 -2.05
CA GLN B 457 33.20 36.87 -2.48
C GLN B 457 32.78 35.83 -3.51
N VAL B 458 33.49 35.80 -4.64
CA VAL B 458 33.18 34.90 -5.74
C VAL B 458 34.38 33.99 -5.97
N THR B 459 34.13 32.69 -5.94
CA THR B 459 35.16 31.68 -6.18
C THR B 459 34.51 30.48 -6.84
N PHE B 460 35.34 29.67 -7.51
CA PHE B 460 34.88 28.52 -8.27
C PHE B 460 35.24 27.24 -7.53
N ASP B 461 34.24 26.37 -7.35
CA ASP B 461 34.47 25.08 -6.73
C ASP B 461 35.18 24.14 -7.69
N GLU B 462 35.73 23.05 -7.14
CA GLU B 462 36.43 22.07 -7.97
C GLU B 462 35.51 21.34 -8.94
N CYS B 463 34.19 21.42 -8.73
CA CYS B 463 33.23 20.91 -9.70
C CYS B 463 32.77 21.97 -10.68
N GLY B 464 33.30 23.19 -10.59
CA GLY B 464 32.86 24.26 -11.47
C GLY B 464 31.42 24.67 -11.26
N ASP B 465 30.98 24.73 -10.01
CA ASP B 465 29.60 25.07 -9.68
C ASP B 465 29.57 26.16 -8.62
N LEU B 466 28.52 26.97 -8.64
CA LEU B 466 28.31 28.03 -7.66
C LEU B 466 27.13 27.68 -6.76
N VAL B 467 27.08 28.36 -5.62
CA VAL B 467 26.02 28.18 -4.64
C VAL B 467 25.35 29.51 -4.39
N GLY B 468 24.02 29.52 -4.44
CA GLY B 468 23.27 30.75 -4.25
C GLY B 468 21.88 30.45 -3.74
N ASN B 469 21.21 31.52 -3.32
CA ASN B 469 19.88 31.40 -2.75
C ASN B 469 18.84 31.19 -3.84
N TYR B 470 17.80 30.43 -3.51
CA TYR B 470 16.63 30.24 -4.35
C TYR B 470 15.44 30.89 -3.65
N SER B 471 14.66 31.66 -4.41
CA SER B 471 13.55 32.42 -3.86
C SER B 471 12.23 31.91 -4.43
N ILE B 472 11.17 32.04 -3.62
CA ILE B 472 9.84 31.57 -3.97
C ILE B 472 8.98 32.78 -4.30
N ILE B 473 8.28 32.71 -5.44
CA ILE B 473 7.42 33.79 -5.89
C ILE B 473 6.04 33.22 -6.23
N ASN B 474 5.04 34.11 -6.19
CA ASN B 474 3.67 33.76 -6.49
C ASN B 474 3.09 34.75 -7.50
N TRP B 475 2.14 34.27 -8.28
CA TRP B 475 1.55 35.04 -9.37
C TRP B 475 0.26 35.71 -8.88
N HIS B 476 0.16 37.02 -9.07
CA HIS B 476 -1.01 37.79 -8.70
C HIS B 476 -1.45 38.65 -9.89
N LEU B 477 -2.67 39.16 -9.80
CA LEU B 477 -3.25 39.99 -10.84
C LEU B 477 -3.29 41.44 -10.36
N SER B 478 -2.77 42.34 -11.19
CA SER B 478 -2.76 43.76 -10.85
C SER B 478 -4.14 44.36 -11.11
N PRO B 479 -4.81 44.93 -10.10
CA PRO B 479 -6.13 45.53 -10.34
C PRO B 479 -6.10 46.73 -11.26
N GLU B 480 -4.94 47.36 -11.47
CA GLU B 480 -4.89 48.58 -12.27
C GLU B 480 -5.11 48.28 -13.75
N ASP B 481 -4.23 47.47 -14.34
CA ASP B 481 -4.28 47.20 -15.78
C ASP B 481 -4.46 45.72 -16.09
N GLY B 482 -4.74 44.88 -15.09
CA GLY B 482 -4.94 43.47 -15.33
C GLY B 482 -3.73 42.75 -15.86
N SER B 483 -2.57 43.00 -15.26
CA SER B 483 -1.32 42.39 -15.67
C SER B 483 -0.82 41.45 -14.57
N ILE B 484 -0.18 40.36 -14.99
CA ILE B 484 0.33 39.37 -14.05
C ILE B 484 1.62 39.90 -13.44
N VAL B 485 1.70 39.84 -12.10
CA VAL B 485 2.86 40.30 -11.36
C VAL B 485 3.32 39.18 -10.44
N PHE B 486 4.58 39.29 -10.01
CA PHE B 486 5.20 38.30 -9.14
C PHE B 486 5.46 38.92 -7.77
N LYS B 487 5.05 38.23 -6.71
CA LYS B 487 5.22 38.69 -5.35
C LYS B 487 6.00 37.65 -4.55
N GLU B 488 6.93 38.13 -3.73
CA GLU B 488 7.74 37.23 -2.91
C GLU B 488 6.95 36.82 -1.67
N VAL B 489 6.86 35.52 -1.43
CA VAL B 489 6.09 34.99 -0.31
C VAL B 489 6.95 34.03 0.50
N GLY B 490 8.26 34.07 0.29
CA GLY B 490 9.16 33.21 1.02
C GLY B 490 10.50 33.11 0.32
N TYR B 491 11.35 32.25 0.88
CA TYR B 491 12.69 32.04 0.35
C TYR B 491 13.20 30.68 0.80
N TYR B 492 14.27 30.23 0.15
CA TYR B 492 14.93 28.97 0.46
C TYR B 492 16.39 29.24 0.78
N ASN B 493 16.88 28.67 1.87
CA ASN B 493 18.26 28.84 2.31
C ASN B 493 19.06 27.58 2.00
N VAL B 494 20.32 27.76 1.63
CA VAL B 494 21.23 26.66 1.33
C VAL B 494 22.45 26.66 2.22
N TYR B 495 22.50 27.55 3.23
CA TYR B 495 23.61 27.63 4.17
C TYR B 495 23.22 27.14 5.56
N ALA B 496 22.16 26.35 5.66
CA ALA B 496 21.68 25.85 6.94
C ALA B 496 21.46 24.34 6.85
N LYS B 497 21.30 23.72 8.01
CA LYS B 497 21.08 22.29 8.07
C LYS B 497 19.71 21.92 7.50
N LYS B 498 19.59 20.68 7.05
CA LYS B 498 18.34 20.21 6.47
C LYS B 498 17.23 20.18 7.52
N GLY B 499 16.03 20.60 7.11
CA GLY B 499 14.87 20.63 7.98
C GLY B 499 14.30 22.02 8.20
N GLU B 500 15.18 23.03 8.23
CA GLU B 500 14.78 24.42 8.41
C GLU B 500 15.44 25.30 7.35
N ARG B 501 15.52 24.79 6.13
CA ARG B 501 16.19 25.50 5.04
C ARG B 501 15.26 26.41 4.26
N LEU B 502 13.95 26.38 4.53
CA LEU B 502 12.99 27.17 3.76
C LEU B 502 12.09 27.93 4.71
N PHE B 503 11.76 29.16 4.34
CA PHE B 503 10.81 29.98 5.07
C PHE B 503 9.71 30.42 4.11
N ILE B 504 8.46 30.41 4.59
CA ILE B 504 7.31 30.74 3.76
C ILE B 504 6.28 31.48 4.62
N ASN B 505 5.57 32.40 3.98
CA ASN B 505 4.51 33.18 4.63
C ASN B 505 3.19 32.83 3.95
N GLU B 506 2.32 32.12 4.67
CA GLU B 506 1.08 31.63 4.07
C GLU B 506 0.06 32.75 3.88
N GLU B 507 0.07 33.77 4.75
CA GLU B 507 -0.95 34.81 4.68
C GLU B 507 -0.86 35.63 3.41
N LYS B 508 0.30 35.67 2.76
CA LYS B 508 0.49 36.42 1.52
C LYS B 508 0.25 35.57 0.27
N ILE B 509 -0.13 34.32 0.42
CA ILE B 509 -0.35 33.41 -0.70
C ILE B 509 -1.84 33.30 -0.97
N LEU B 510 -2.24 33.58 -2.21
CA LEU B 510 -3.62 33.47 -2.64
C LEU B 510 -3.75 32.27 -3.56
N TRP B 511 -4.36 31.20 -3.06
CA TRP B 511 -4.50 29.98 -3.85
C TRP B 511 -5.52 30.18 -4.97
N SER B 512 -5.21 29.63 -6.13
CA SER B 512 -6.06 29.69 -7.32
C SER B 512 -6.35 31.12 -7.76
N GLY B 513 -5.49 32.07 -7.37
CA GLY B 513 -5.63 33.45 -7.74
C GLY B 513 -6.52 34.27 -6.81
N PHE B 514 -7.59 33.67 -6.28
CA PHE B 514 -8.52 34.39 -5.41
C PHE B 514 -8.87 33.66 -4.13
N SER B 515 -8.74 32.34 -4.07
CA SER B 515 -9.10 31.60 -2.87
C SER B 515 -8.02 31.76 -1.80
N ARG B 516 -8.47 31.78 -0.54
CA ARG B 516 -7.58 31.90 0.61
C ARG B 516 -7.40 30.61 1.37
N GLU B 517 -8.45 29.79 1.46
CA GLU B 517 -8.37 28.53 2.18
C GLU B 517 -7.43 27.55 1.46
N VAL B 518 -6.77 26.72 2.25
CA VAL B 518 -5.82 25.73 1.72
C VAL B 518 -6.60 24.63 1.03
N PRO B 519 -6.31 24.35 -0.25
CA PRO B 519 -7.03 23.29 -0.95
C PRO B 519 -6.72 21.91 -0.38
N PHE B 520 -7.71 21.02 -0.50
CA PHE B 520 -7.60 19.65 -0.02
C PHE B 520 -7.32 18.73 -1.20
N SER B 521 -6.15 18.08 -1.18
CA SER B 521 -5.74 17.16 -2.24
C SER B 521 -5.19 15.89 -1.60
N ASN B 522 -6.08 14.94 -1.33
CA ASN B 522 -5.71 13.64 -0.78
C ASN B 522 -6.48 12.55 -1.52
N CYS B 523 -5.88 11.35 -1.55
CA CYS B 523 -6.53 10.23 -2.22
C CYS B 523 -7.82 9.84 -1.49
N SER B 524 -7.79 9.82 -0.16
CA SER B 524 -8.97 9.45 0.62
C SER B 524 -8.92 10.19 1.95
N ARG B 525 -10.11 10.30 2.56
CA ARG B 525 -10.21 10.98 3.85
C ARG B 525 -9.57 10.15 4.96
N ASP B 526 -8.99 10.84 5.94
CA ASP B 526 -8.36 10.17 7.05
C ASP B 526 -9.40 9.47 7.92
N CYS B 527 -9.03 8.30 8.44
CA CYS B 527 -9.93 7.54 9.29
C CYS B 527 -10.17 8.27 10.60
N LEU B 528 -11.43 8.29 11.04
CA LEU B 528 -11.79 8.95 12.29
C LEU B 528 -11.59 7.99 13.47
N ALA B 529 -11.94 8.47 14.67
CA ALA B 529 -11.83 7.65 15.86
C ALA B 529 -12.79 6.48 15.80
N GLY B 530 -12.35 5.33 16.30
CA GLY B 530 -13.15 4.12 16.28
C GLY B 530 -13.10 3.34 14.99
N THR B 531 -12.30 3.77 14.01
CA THR B 531 -12.18 3.09 12.73
C THR B 531 -10.72 2.82 12.44
N ARG B 532 -10.47 1.74 11.71
CA ARG B 532 -9.12 1.33 11.32
C ARG B 532 -9.01 1.30 9.80
N LYS B 533 -7.78 1.04 9.34
CA LYS B 533 -7.47 1.08 7.92
C LYS B 533 -7.72 -0.28 7.26
N GLY B 534 -8.06 -0.24 5.98
CA GLY B 534 -8.28 -1.43 5.20
C GLY B 534 -7.71 -1.31 3.80
N ILE B 535 -7.09 -2.39 3.32
CA ILE B 535 -6.40 -2.37 2.04
C ILE B 535 -7.39 -2.56 0.90
N ILE B 536 -7.21 -1.79 -0.17
CA ILE B 536 -7.98 -1.94 -1.40
C ILE B 536 -7.06 -2.55 -2.44
N GLU B 537 -7.53 -3.62 -3.10
CA GLU B 537 -6.69 -4.37 -4.02
C GLU B 537 -6.21 -3.50 -5.17
N GLY B 538 -4.94 -3.65 -5.52
CA GLY B 538 -4.33 -2.91 -6.62
C GLY B 538 -4.24 -1.42 -6.40
N GLU B 539 -3.97 -0.99 -5.16
CA GLU B 539 -3.85 0.42 -4.83
C GLU B 539 -2.61 0.63 -3.98
N PRO B 540 -2.01 1.81 -4.04
CA PRO B 540 -0.81 2.07 -3.23
C PRO B 540 -1.15 2.23 -1.76
N THR B 541 -0.10 2.43 -0.96
CA THR B 541 -0.27 2.56 0.49
C THR B 541 -1.05 3.81 0.84
N CYS B 542 -0.85 4.90 0.10
CA CYS B 542 -1.52 6.17 0.39
C CYS B 542 -3.03 6.09 0.23
N CYS B 543 -3.55 5.09 -0.48
CA CYS B 543 -4.98 4.93 -0.69
C CYS B 543 -5.46 3.71 0.07
N PHE B 544 -6.52 3.88 0.86
CA PHE B 544 -7.06 2.82 1.70
C PHE B 544 -8.53 3.11 1.96
N GLU B 545 -9.14 2.35 2.87
CA GLU B 545 -10.52 2.55 3.27
C GLU B 545 -10.63 2.53 4.78
N CYS B 546 -11.73 3.06 5.28
CA CYS B 546 -12.00 3.08 6.72
C CYS B 546 -13.02 2.00 7.07
N VAL B 547 -12.72 1.20 8.07
CA VAL B 547 -13.58 0.10 8.50
C VAL B 547 -13.79 0.17 10.00
N GLU B 548 -15.05 0.01 10.42
CA GLU B 548 -15.37 0.05 11.84
C GLU B 548 -14.83 -1.18 12.55
N CYS B 549 -14.18 -0.97 13.70
CA CYS B 549 -13.66 -2.07 14.48
C CYS B 549 -14.81 -2.85 15.14
N PRO B 550 -14.65 -4.15 15.32
CA PRO B 550 -15.69 -4.95 15.96
C PRO B 550 -15.73 -4.73 17.46
N ASP B 551 -16.59 -5.49 18.13
CA ASP B 551 -16.71 -5.39 19.59
C ASP B 551 -15.44 -5.88 20.27
N GLY B 552 -15.13 -5.26 21.40
CA GLY B 552 -13.93 -5.58 22.14
C GLY B 552 -12.67 -4.88 21.65
N GLU B 553 -12.79 -4.00 20.65
CA GLU B 553 -11.66 -3.28 20.09
C GLU B 553 -11.91 -1.78 20.21
N TYR B 554 -10.88 -1.04 20.61
CA TYR B 554 -10.99 0.40 20.77
C TYR B 554 -9.76 1.07 20.18
N SER B 555 -9.94 2.32 19.74
CA SER B 555 -8.86 3.11 19.18
C SER B 555 -9.13 4.58 19.44
N ASP B 556 -8.12 5.29 19.95
CA ASP B 556 -8.24 6.70 20.29
C ASP B 556 -7.58 7.62 19.27
N GLU B 557 -6.39 7.28 18.80
CA GLU B 557 -5.69 8.12 17.83
C GLU B 557 -6.29 7.93 16.44
N THR B 558 -6.42 9.03 15.71
CA THR B 558 -6.97 8.99 14.37
C THR B 558 -5.95 8.40 13.39
N ASP B 559 -6.45 7.84 12.30
CA ASP B 559 -5.63 7.21 11.27
C ASP B 559 -4.71 6.15 11.87
N ALA B 560 -5.26 5.35 12.79
CA ALA B 560 -4.48 4.31 13.44
C ALA B 560 -4.38 3.08 12.56
N SER B 561 -3.17 2.52 12.50
CA SER B 561 -2.96 1.30 11.71
C SER B 561 -3.74 0.13 12.27
N ALA B 562 -3.76 -0.03 13.59
CA ALA B 562 -4.49 -1.11 14.23
C ALA B 562 -5.03 -0.64 15.57
N CYS B 563 -6.12 -1.27 15.99
CA CYS B 563 -6.77 -0.93 17.26
C CYS B 563 -6.26 -1.83 18.38
N ASN B 564 -6.29 -1.29 19.60
CA ASN B 564 -5.85 -2.04 20.76
C ASN B 564 -6.79 -3.22 21.01
N LYS B 565 -6.20 -4.37 21.33
CA LYS B 565 -6.94 -5.61 21.50
C LYS B 565 -7.27 -5.92 22.96
N CYS B 566 -6.34 -5.67 23.88
CA CYS B 566 -6.55 -6.00 25.28
C CYS B 566 -6.88 -4.75 26.06
N PRO B 567 -8.11 -4.59 26.56
CA PRO B 567 -8.47 -3.41 27.35
C PRO B 567 -8.05 -3.47 28.80
N ASP B 568 -7.27 -4.46 29.20
CA ASP B 568 -6.81 -4.61 30.59
C ASP B 568 -7.99 -4.74 31.55
N ASP B 569 -8.75 -5.83 31.39
CA ASP B 569 -9.88 -6.19 32.23
C ASP B 569 -11.03 -5.18 32.14
N PHE B 570 -11.04 -4.35 31.11
CA PHE B 570 -12.11 -3.40 30.85
C PHE B 570 -12.86 -3.80 29.59
N TRP B 571 -13.87 -3.00 29.24
CA TRP B 571 -14.72 -3.32 28.09
C TRP B 571 -14.70 -2.17 27.09
N SER B 572 -14.90 -2.52 25.82
CA SER B 572 -14.97 -1.52 24.77
C SER B 572 -16.25 -0.71 24.88
N ASN B 573 -16.15 0.59 24.64
CA ASN B 573 -17.30 1.47 24.69
C ASN B 573 -18.19 1.25 23.46
N GLU B 574 -19.38 1.86 23.50
CA GLU B 574 -20.30 1.76 22.37
C GLU B 574 -19.70 2.37 21.11
N ASN B 575 -19.06 3.53 21.25
CA ASN B 575 -18.37 4.18 20.14
C ASN B 575 -16.92 3.73 19.99
N HIS B 576 -16.45 2.84 20.87
CA HIS B 576 -15.07 2.34 20.85
C HIS B 576 -14.06 3.48 21.00
N THR B 577 -14.46 4.57 21.65
CA THR B 577 -13.55 5.69 21.85
C THR B 577 -12.52 5.38 22.93
N SER B 578 -12.94 4.76 24.02
CA SER B 578 -12.05 4.45 25.13
C SER B 578 -12.55 3.21 25.84
N CYS B 579 -11.99 2.93 27.01
CA CYS B 579 -12.34 1.75 27.79
C CYS B 579 -13.30 2.13 28.92
N ILE B 580 -14.11 1.16 29.32
CA ILE B 580 -15.09 1.33 30.39
C ILE B 580 -14.86 0.26 31.45
N ALA B 581 -14.86 0.67 32.71
CA ALA B 581 -14.71 -0.28 33.81
C ALA B 581 -15.91 -1.20 33.89
N LYS B 582 -15.66 -2.46 34.25
CA LYS B 582 -16.73 -3.44 34.35
C LYS B 582 -17.60 -3.18 35.57
N GLU B 583 -18.80 -3.74 35.57
CA GLU B 583 -19.76 -3.61 36.64
C GLU B 583 -19.82 -4.90 37.45
N ILE B 584 -19.82 -4.77 38.77
CA ILE B 584 -19.87 -5.91 39.68
C ILE B 584 -21.29 -6.04 40.21
N GLU B 585 -21.94 -7.14 39.87
CA GLU B 585 -23.31 -7.41 40.29
C GLU B 585 -23.34 -8.63 41.21
N PHE B 586 -23.86 -8.44 42.42
CA PHE B 586 -24.01 -9.55 43.36
C PHE B 586 -25.02 -9.15 44.43
N LEU B 587 -25.48 -10.15 45.18
CA LEU B 587 -26.46 -9.92 46.23
C LEU B 587 -25.78 -9.28 47.43
N SER B 588 -26.16 -8.04 47.74
CA SER B 588 -25.60 -7.30 48.85
C SER B 588 -26.71 -6.57 49.59
N TRP B 589 -26.46 -6.28 50.87
CA TRP B 589 -27.44 -5.56 51.68
C TRP B 589 -27.53 -4.09 51.30
N THR B 590 -26.62 -3.58 50.48
CA THR B 590 -26.67 -2.17 50.08
C THR B 590 -27.89 -1.89 49.19
N GLU B 591 -28.21 -2.81 48.29
CA GLU B 591 -29.35 -2.61 47.39
C GLU B 591 -30.66 -2.73 48.17
N PRO B 592 -31.74 -2.13 47.66
CA PRO B 592 -33.03 -2.20 48.37
C PRO B 592 -33.48 -3.62 48.66
N PHE B 593 -33.28 -4.55 47.72
CA PHE B 593 -33.64 -5.94 47.96
C PHE B 593 -32.83 -6.53 49.10
N GLY B 594 -31.53 -6.24 49.13
CA GLY B 594 -30.68 -6.77 50.19
C GLY B 594 -31.02 -6.20 51.55
N ILE B 595 -31.25 -4.88 51.63
CA ILE B 595 -31.59 -4.28 52.90
C ILE B 595 -32.96 -4.76 53.38
N ALA B 596 -33.91 -4.95 52.45
CA ALA B 596 -35.20 -5.50 52.83
C ALA B 596 -35.07 -6.93 53.35
N LEU B 597 -34.22 -7.74 52.71
CA LEU B 597 -34.02 -9.10 53.16
C LEU B 597 -33.36 -9.13 54.55
N THR B 598 -32.39 -8.26 54.78
CA THR B 598 -31.76 -8.18 56.10
C THR B 598 -32.75 -7.71 57.16
N LEU B 599 -33.62 -6.76 56.80
CA LEU B 599 -34.64 -6.32 57.74
C LEU B 599 -35.60 -7.45 58.07
N PHE B 600 -35.99 -8.24 57.07
CA PHE B 600 -36.85 -9.39 57.33
C PHE B 600 -36.14 -10.41 58.21
N ALA B 601 -34.86 -10.64 57.98
CA ALA B 601 -34.11 -11.60 58.79
C ALA B 601 -34.02 -11.15 60.24
N VAL B 602 -33.71 -9.87 60.47
CA VAL B 602 -33.61 -9.39 61.84
C VAL B 602 -34.99 -9.34 62.50
N LEU B 603 -36.04 -9.07 61.73
CA LEU B 603 -37.39 -9.16 62.27
C LEU B 603 -37.72 -10.57 62.71
N GLY B 604 -37.37 -11.57 61.89
CA GLY B 604 -37.57 -12.94 62.29
C GLY B 604 -36.75 -13.34 63.50
N ILE B 605 -35.53 -12.79 63.61
CA ILE B 605 -34.72 -13.02 64.81
C ILE B 605 -35.41 -12.43 66.04
N PHE B 606 -36.00 -11.25 65.88
CA PHE B 606 -36.72 -10.63 67.00
C PHE B 606 -37.97 -11.41 67.38
N LEU B 607 -38.72 -11.93 66.39
CA LEU B 607 -39.96 -12.64 66.67
C LEU B 607 -39.76 -13.99 67.33
N THR B 608 -38.56 -14.56 67.28
CA THR B 608 -38.27 -15.77 68.04
C THR B 608 -37.70 -15.48 69.42
N ALA B 609 -37.50 -14.20 69.74
CA ALA B 609 -37.02 -13.77 71.05
C ALA B 609 -38.14 -13.35 71.98
N PHE B 610 -39.41 -13.49 71.56
CA PHE B 610 -40.52 -13.13 72.44
C PHE B 610 -40.63 -14.05 73.65
N VAL B 611 -39.97 -15.22 73.60
CA VAL B 611 -39.78 -16.03 74.79
C VAL B 611 -38.32 -16.08 75.21
N LEU B 612 -37.38 -16.15 74.27
CA LEU B 612 -35.97 -16.18 74.62
C LEU B 612 -35.52 -14.87 75.26
N GLY B 613 -35.81 -13.75 74.61
CA GLY B 613 -35.42 -12.46 75.16
C GLY B 613 -36.13 -12.14 76.47
N VAL B 614 -37.44 -12.33 76.49
CA VAL B 614 -38.25 -12.14 77.68
C VAL B 614 -39.02 -13.43 77.93
N PHE B 615 -38.73 -14.10 79.03
CA PHE B 615 -39.25 -15.43 79.31
C PHE B 615 -40.32 -15.36 80.40
N ILE B 616 -41.43 -16.06 80.18
CA ILE B 616 -42.46 -16.24 81.20
C ILE B 616 -41.92 -17.23 82.23
N LYS B 617 -42.62 -17.34 83.36
CA LYS B 617 -42.17 -18.24 84.42
C LYS B 617 -42.10 -19.67 83.90
N PHE B 618 -40.97 -20.34 84.16
CA PHE B 618 -40.77 -21.70 83.72
C PHE B 618 -41.02 -22.73 84.83
N ARG B 619 -41.00 -22.30 86.09
CA ARG B 619 -41.31 -23.19 87.19
C ARG B 619 -42.78 -23.57 87.14
N ASN B 620 -43.06 -24.84 87.48
CA ASN B 620 -44.41 -25.42 87.54
C ASN B 620 -45.32 -24.87 86.45
N THR B 621 -44.81 -24.89 85.23
CA THR B 621 -45.52 -24.34 84.08
C THR B 621 -46.79 -25.16 83.81
N PRO B 622 -47.98 -24.54 83.79
CA PRO B 622 -49.21 -25.32 83.62
C PRO B 622 -49.60 -25.55 82.17
N ILE B 623 -49.20 -24.65 81.27
CA ILE B 623 -49.63 -24.74 79.88
C ILE B 623 -49.02 -25.96 79.19
N VAL B 624 -47.76 -26.27 79.52
CA VAL B 624 -47.05 -27.40 78.91
C VAL B 624 -46.65 -28.36 80.01
N LYS B 625 -46.84 -29.66 79.76
CA LYS B 625 -46.48 -30.67 80.74
C LYS B 625 -44.97 -30.79 80.94
N ALA B 626 -44.17 -30.23 80.02
CA ALA B 626 -42.72 -30.26 80.13
C ALA B 626 -42.30 -29.24 81.18
N THR B 627 -42.39 -29.66 82.45
CA THR B 627 -42.04 -28.77 83.56
C THR B 627 -40.56 -28.43 83.54
N ASN B 628 -39.71 -29.42 83.25
CA ASN B 628 -38.27 -29.18 83.24
C ASN B 628 -37.88 -28.16 82.18
N ARG B 629 -37.05 -27.20 82.57
CA ARG B 629 -36.61 -26.17 81.63
C ARG B 629 -35.73 -26.76 80.53
N GLU B 630 -34.84 -27.69 80.89
CA GLU B 630 -33.96 -28.30 79.91
C GLU B 630 -34.74 -29.14 78.92
N LEU B 631 -34.17 -29.30 77.73
CA LEU B 631 -34.72 -30.00 76.57
C LEU B 631 -35.93 -29.28 75.98
N SER B 632 -36.39 -28.19 76.58
CA SER B 632 -37.43 -27.34 76.01
C SER B 632 -36.96 -25.91 75.78
N TYR B 633 -36.18 -25.36 76.73
CA TYR B 633 -35.54 -24.08 76.52
C TYR B 633 -34.50 -24.12 75.41
N LEU B 634 -34.00 -25.31 75.07
CA LEU B 634 -33.05 -25.44 73.98
C LEU B 634 -33.65 -24.97 72.66
N LEU B 635 -34.96 -25.18 72.47
CA LEU B 635 -35.61 -24.81 71.22
C LEU B 635 -35.54 -23.30 70.99
N LEU B 636 -35.48 -22.50 72.05
CA LEU B 636 -35.43 -21.05 71.90
C LEU B 636 -34.18 -20.62 71.12
N PHE B 637 -33.00 -20.88 71.68
CA PHE B 637 -31.79 -20.51 70.95
C PHE B 637 -31.56 -21.40 69.74
N SER B 638 -32.21 -22.57 69.68
CA SER B 638 -32.17 -23.35 68.44
C SER B 638 -32.81 -22.58 67.29
N LEU B 639 -34.03 -22.08 67.50
CA LEU B 639 -34.67 -21.24 66.49
C LEU B 639 -33.91 -19.95 66.27
N LEU B 640 -33.31 -19.41 67.34
CA LEU B 640 -32.48 -18.21 67.18
C LEU B 640 -31.34 -18.46 66.21
N CYS B 641 -30.64 -19.58 66.35
CA CYS B 641 -29.57 -19.94 65.43
C CYS B 641 -30.11 -20.25 64.04
N CYS B 642 -31.27 -20.90 63.94
CA CYS B 642 -31.87 -21.17 62.64
C CYS B 642 -32.14 -19.88 61.88
N PHE B 643 -32.62 -18.85 62.59
CA PHE B 643 -32.86 -17.56 61.95
C PHE B 643 -31.55 -16.85 61.64
N SER B 644 -30.58 -16.90 62.55
CA SER B 644 -29.36 -16.10 62.40
C SER B 644 -28.45 -16.66 61.32
N SER B 645 -28.48 -17.98 61.10
CA SER B 645 -27.58 -18.59 60.13
C SER B 645 -27.90 -18.19 58.69
N SER B 646 -29.06 -17.58 58.43
CA SER B 646 -29.41 -17.13 57.10
C SER B 646 -28.57 -15.94 56.63
N LEU B 647 -27.84 -15.29 57.54
CA LEU B 647 -27.04 -14.12 57.18
C LEU B 647 -25.69 -14.48 56.59
N PHE B 648 -25.35 -15.76 56.49
CA PHE B 648 -24.09 -16.15 55.87
C PHE B 648 -24.10 -15.90 54.36
N PHE B 649 -25.24 -16.19 53.70
CA PHE B 649 -25.29 -16.07 52.25
C PHE B 649 -25.38 -14.61 51.80
N ILE B 650 -25.94 -13.73 52.63
CA ILE B 650 -26.09 -12.33 52.24
C ILE B 650 -24.72 -11.67 52.15
N GLY B 651 -24.61 -10.69 51.24
CA GLY B 651 -23.37 -9.97 51.06
C GLY B 651 -22.39 -10.71 50.16
N GLU B 652 -21.26 -10.05 49.91
CA GLU B 652 -20.22 -10.65 49.09
C GLU B 652 -19.58 -11.83 49.82
N PRO B 653 -19.34 -12.94 49.12
CA PRO B 653 -18.67 -14.07 49.79
C PRO B 653 -17.29 -13.75 50.30
N GLN B 654 -16.55 -12.84 49.65
CA GLN B 654 -15.19 -12.50 50.03
C GLN B 654 -15.08 -11.03 50.45
N ASP B 655 -16.15 -10.47 51.02
CA ASP B 655 -16.12 -9.07 51.44
C ASP B 655 -15.12 -8.85 52.56
N TRP B 656 -15.07 -9.76 53.53
CA TRP B 656 -14.19 -9.65 54.69
C TRP B 656 -13.13 -10.73 54.65
N THR B 657 -11.91 -10.38 55.07
CA THR B 657 -10.81 -11.34 55.04
C THR B 657 -10.94 -12.36 56.16
N CYS B 658 -11.07 -11.89 57.41
CA CYS B 658 -11.21 -12.80 58.54
C CYS B 658 -12.51 -13.59 58.44
N ARG B 659 -13.60 -12.93 58.10
CA ARG B 659 -14.90 -13.60 57.95
C ARG B 659 -15.14 -13.95 56.48
N LEU B 660 -14.20 -14.74 55.94
CA LEU B 660 -14.31 -15.20 54.56
C LEU B 660 -15.33 -16.31 54.40
N ARG B 661 -15.80 -16.89 55.52
CA ARG B 661 -16.85 -17.91 55.58
C ARG B 661 -16.63 -19.00 54.52
N GLN B 662 -15.54 -19.75 54.69
CA GLN B 662 -15.31 -20.90 53.82
C GLN B 662 -16.41 -21.94 53.95
N PRO B 663 -16.84 -22.36 55.16
CA PRO B 663 -18.07 -23.14 55.28
C PRO B 663 -19.27 -22.20 55.36
N ALA B 664 -20.18 -22.29 54.39
CA ALA B 664 -21.32 -21.41 54.33
C ALA B 664 -22.66 -22.13 54.22
N PHE B 665 -22.68 -23.29 53.56
CA PHE B 665 -23.95 -23.95 53.27
C PHE B 665 -24.44 -24.81 54.42
N GLY B 666 -23.65 -25.80 54.82
CA GLY B 666 -24.15 -26.85 55.70
C GLY B 666 -24.17 -26.52 57.19
N ILE B 667 -23.60 -25.39 57.60
CA ILE B 667 -23.58 -25.05 59.03
C ILE B 667 -25.01 -24.84 59.54
N SER B 668 -25.83 -24.14 58.77
CA SER B 668 -27.21 -23.91 59.19
C SER B 668 -27.97 -25.22 59.34
N PHE B 669 -27.84 -26.11 58.36
CA PHE B 669 -28.56 -27.37 58.39
C PHE B 669 -28.09 -28.24 59.55
N VAL B 670 -26.78 -28.39 59.72
CA VAL B 670 -26.25 -29.35 60.69
C VAL B 670 -26.71 -29.03 62.10
N LEU B 671 -27.00 -27.75 62.39
CA LEU B 671 -27.52 -27.42 63.71
C LEU B 671 -29.04 -27.40 63.74
N CYS B 672 -29.69 -26.83 62.72
CA CYS B 672 -31.12 -26.62 62.82
C CYS B 672 -31.88 -27.93 62.64
N ILE B 673 -31.46 -28.76 61.68
CA ILE B 673 -32.07 -30.07 61.50
C ILE B 673 -31.82 -30.96 62.70
N SER B 674 -30.63 -30.85 63.30
CA SER B 674 -30.35 -31.64 64.50
C SER B 674 -31.25 -31.23 65.66
N CYS B 675 -31.47 -29.92 65.83
CA CYS B 675 -32.37 -29.46 66.87
C CYS B 675 -33.80 -29.93 66.61
N ILE B 676 -34.24 -29.88 65.36
CA ILE B 676 -35.58 -30.37 65.02
C ILE B 676 -35.68 -31.86 65.33
N LEU B 677 -34.63 -32.62 64.99
CA LEU B 677 -34.64 -34.06 65.22
C LEU B 677 -34.69 -34.40 66.71
N VAL B 678 -33.91 -33.69 67.52
CA VAL B 678 -33.92 -33.97 68.96
C VAL B 678 -35.25 -33.56 69.58
N LYS B 679 -35.85 -32.46 69.09
CA LYS B 679 -37.17 -32.08 69.57
C LYS B 679 -38.22 -33.14 69.21
N THR B 680 -38.18 -33.65 67.99
CA THR B 680 -39.12 -34.69 67.59
C THR B 680 -38.90 -35.96 68.40
N ASN B 681 -37.64 -36.31 68.66
CA ASN B 681 -37.36 -37.49 69.49
C ASN B 681 -37.90 -37.33 70.90
N ARG B 682 -37.72 -36.14 71.48
CA ARG B 682 -38.26 -35.88 72.81
C ARG B 682 -39.77 -35.96 72.82
N VAL B 683 -40.42 -35.43 71.78
CA VAL B 683 -41.88 -35.52 71.70
C VAL B 683 -42.32 -36.98 71.58
N LEU B 684 -41.63 -37.76 70.75
CA LEU B 684 -42.05 -39.13 70.46
C LEU B 684 -41.74 -40.08 71.60
N LEU B 685 -40.75 -39.77 72.44
CA LEU B 685 -40.40 -40.68 73.54
C LEU B 685 -41.59 -40.88 74.47
N VAL B 686 -42.38 -39.83 74.70
CA VAL B 686 -43.56 -39.96 75.55
C VAL B 686 -44.63 -40.81 74.86
N PHE B 687 -44.86 -40.57 73.57
CA PHE B 687 -45.94 -41.24 72.84
C PHE B 687 -45.48 -42.53 72.19
N GLU B 688 -44.50 -42.46 71.28
CA GLU B 688 -44.06 -43.65 70.56
C GLU B 688 -43.42 -44.66 71.50
N ALA B 689 -42.60 -44.20 72.43
CA ALA B 689 -41.93 -45.09 73.37
C ALA B 689 -42.67 -45.13 74.70
N ASN B 703 -31.46 -37.15 83.92
CA ASN B 703 -32.22 -37.56 82.74
C ASN B 703 -31.29 -37.97 81.60
N LEU B 704 -31.41 -39.22 81.15
CA LEU B 704 -30.59 -39.73 80.07
C LEU B 704 -31.08 -39.32 78.69
N GLN B 705 -32.25 -38.68 78.60
CA GLN B 705 -32.77 -38.26 77.30
C GLN B 705 -31.89 -37.21 76.66
N PHE B 706 -31.29 -36.32 77.47
CA PHE B 706 -30.42 -35.29 76.93
C PHE B 706 -29.21 -35.88 76.22
N LEU B 707 -28.61 -36.93 76.81
CA LEU B 707 -27.50 -37.61 76.16
C LEU B 707 -27.97 -38.50 75.01
N LEU B 708 -29.20 -39.05 75.12
CA LEU B 708 -29.68 -39.98 74.10
C LEU B 708 -30.05 -39.27 72.80
N VAL B 709 -30.56 -38.04 72.89
CA VAL B 709 -31.00 -37.36 71.68
C VAL B 709 -29.81 -36.97 70.81
N PHE B 710 -28.65 -36.70 71.41
CA PHE B 710 -27.53 -36.15 70.64
C PHE B 710 -26.82 -37.23 69.82
N LEU B 711 -26.92 -38.50 70.20
CA LEU B 711 -26.15 -39.53 69.52
C LEU B 711 -26.61 -39.73 68.08
N CYS B 712 -27.92 -39.62 67.83
CA CYS B 712 -28.41 -39.79 66.47
C CYS B 712 -27.95 -38.67 65.56
N THR B 713 -27.94 -37.44 66.06
CA THR B 713 -27.51 -36.29 65.26
C THR B 713 -25.99 -36.10 65.24
N PHE B 714 -25.26 -36.85 66.06
CA PHE B 714 -23.80 -36.71 66.09
C PHE B 714 -23.17 -37.05 64.74
N MET B 715 -23.81 -37.92 63.95
CA MET B 715 -23.24 -38.28 62.65
C MET B 715 -23.21 -37.09 61.71
N GLN B 716 -24.28 -36.27 61.72
CA GLN B 716 -24.30 -35.07 60.90
C GLN B 716 -23.16 -34.13 61.28
N ILE B 717 -22.97 -33.92 62.58
CA ILE B 717 -21.96 -32.95 63.02
C ILE B 717 -20.55 -33.45 62.72
N VAL B 718 -20.31 -34.77 62.87
CA VAL B 718 -18.97 -35.28 62.58
C VAL B 718 -18.69 -35.24 61.08
N ILE B 719 -19.71 -35.55 60.25
CA ILE B 719 -19.52 -35.47 58.82
C ILE B 719 -19.23 -34.04 58.39
N CYS B 720 -19.98 -33.07 58.93
CA CYS B 720 -19.75 -31.68 58.57
C CYS B 720 -18.39 -31.19 59.06
N VAL B 721 -17.98 -31.60 60.26
CA VAL B 721 -16.67 -31.20 60.78
C VAL B 721 -15.57 -31.76 59.89
N ILE B 722 -15.70 -33.02 59.47
CA ILE B 722 -14.71 -33.61 58.56
C ILE B 722 -14.70 -32.84 57.25
N TRP B 723 -15.87 -32.45 56.74
CA TRP B 723 -15.94 -31.78 55.45
C TRP B 723 -15.28 -30.39 55.50
N LEU B 724 -15.64 -29.59 56.51
CA LEU B 724 -15.28 -28.17 56.45
C LEU B 724 -13.84 -27.91 56.89
N TYR B 725 -13.23 -28.83 57.65
CA TYR B 725 -11.82 -28.71 58.02
C TYR B 725 -10.89 -29.49 57.12
N THR B 726 -11.07 -30.81 56.99
CA THR B 726 -10.16 -31.62 56.20
C THR B 726 -10.19 -31.22 54.73
N ALA B 727 -11.38 -30.97 54.19
CA ALA B 727 -11.51 -30.56 52.80
C ALA B 727 -11.66 -29.05 52.72
N PRO B 728 -10.69 -28.33 52.15
CA PRO B 728 -10.78 -26.87 52.09
C PRO B 728 -11.61 -26.43 50.91
N PRO B 729 -12.73 -25.75 51.15
CA PRO B 729 -13.56 -25.24 50.04
C PRO B 729 -12.89 -24.06 49.35
N SER B 730 -13.32 -23.83 48.11
CA SER B 730 -12.80 -22.75 47.28
C SER B 730 -13.96 -21.90 46.78
N SER B 731 -13.65 -20.99 45.86
CA SER B 731 -14.66 -20.11 45.29
C SER B 731 -14.29 -19.80 43.84
N TYR B 732 -15.30 -19.41 43.06
CA TYR B 732 -15.14 -19.09 41.65
C TYR B 732 -15.12 -17.58 41.50
N ARG B 733 -13.98 -17.03 41.08
CA ARG B 733 -13.78 -15.58 41.09
C ARG B 733 -14.62 -14.90 40.00
N ASN B 734 -14.57 -15.41 38.78
CA ASN B 734 -15.21 -14.75 37.65
C ASN B 734 -15.89 -15.80 36.78
N GLN B 735 -17.08 -15.47 36.26
CA GLN B 735 -17.89 -16.41 35.51
C GLN B 735 -17.68 -16.18 34.01
N GLU B 736 -16.92 -17.07 33.37
CA GLU B 736 -16.84 -17.34 31.94
C GLU B 736 -16.38 -16.14 31.11
N LEU B 737 -16.15 -14.99 31.75
CA LEU B 737 -15.43 -13.84 31.18
C LEU B 737 -15.84 -13.54 29.74
N GLU B 738 -17.12 -13.20 29.56
CA GLU B 738 -17.61 -12.79 28.25
C GLU B 738 -18.12 -11.35 28.22
N ASP B 739 -19.03 -11.00 29.11
CA ASP B 739 -19.69 -9.70 29.06
C ASP B 739 -19.08 -8.73 30.07
N GLU B 740 -19.53 -7.47 29.98
CA GLU B 740 -19.04 -6.45 30.90
C GLU B 740 -19.57 -6.67 32.32
N ILE B 741 -20.67 -7.40 32.46
CA ILE B 741 -21.23 -7.69 33.78
C ILE B 741 -20.47 -8.87 34.37
N ILE B 742 -19.74 -8.63 35.45
CA ILE B 742 -18.94 -9.66 36.10
C ILE B 742 -19.78 -10.32 37.19
N PHE B 743 -19.47 -11.58 37.48
CA PHE B 743 -20.21 -12.36 38.47
C PHE B 743 -19.25 -12.91 39.51
N ILE B 744 -19.67 -12.86 40.77
CA ILE B 744 -18.92 -13.43 41.89
C ILE B 744 -19.82 -14.43 42.60
N THR B 745 -19.26 -15.58 42.94
CA THR B 745 -20.02 -16.63 43.60
C THR B 745 -19.06 -17.51 44.41
N CYS B 746 -19.62 -18.25 45.35
CA CYS B 746 -18.86 -19.14 46.21
C CYS B 746 -19.24 -20.59 45.85
N HIS B 747 -18.41 -21.23 45.04
CA HIS B 747 -18.61 -22.62 44.65
C HIS B 747 -17.74 -23.48 45.55
N GLU B 748 -18.35 -24.06 46.57
CA GLU B 748 -17.61 -24.87 47.54
C GLU B 748 -17.07 -26.12 46.88
N GLY B 749 -15.82 -26.47 47.21
CA GLY B 749 -15.22 -27.68 46.67
C GLY B 749 -15.88 -28.93 47.21
N SER B 750 -15.89 -29.96 46.38
CA SER B 750 -16.47 -31.26 46.71
C SER B 750 -17.95 -31.11 47.09
N LEU B 751 -18.74 -30.65 46.10
CA LEU B 751 -20.18 -30.50 46.30
C LEU B 751 -20.87 -31.84 46.52
N MET B 752 -20.22 -32.95 46.16
CA MET B 752 -20.79 -34.27 46.43
C MET B 752 -20.98 -34.50 47.93
N ALA B 753 -20.02 -34.03 48.73
CA ALA B 753 -20.17 -34.12 50.18
C ALA B 753 -21.36 -33.31 50.68
N LEU B 754 -21.56 -32.12 50.11
CA LEU B 754 -22.72 -31.31 50.48
C LEU B 754 -24.01 -32.03 50.14
N GLY B 755 -24.08 -32.60 48.93
CA GLY B 755 -25.27 -33.36 48.56
C GLY B 755 -25.50 -34.55 49.46
N PHE B 756 -24.43 -35.25 49.84
CA PHE B 756 -24.55 -36.40 50.73
C PHE B 756 -25.07 -35.99 52.10
N LEU B 757 -24.55 -34.89 52.65
CA LEU B 757 -25.00 -34.47 53.98
C LEU B 757 -26.44 -33.98 53.95
N ILE B 758 -26.83 -33.25 52.88
CA ILE B 758 -28.23 -32.86 52.75
C ILE B 758 -29.13 -34.07 52.63
N GLY B 759 -28.69 -35.08 51.85
CA GLY B 759 -29.47 -36.30 51.74
C GLY B 759 -29.59 -37.04 53.06
N TYR B 760 -28.52 -37.07 53.85
CA TYR B 760 -28.58 -37.70 55.16
C TYR B 760 -29.55 -36.98 56.08
N THR B 761 -29.51 -35.64 56.08
CA THR B 761 -30.45 -34.88 56.90
C THR B 761 -31.89 -35.13 56.45
N CYS B 762 -32.13 -35.16 55.14
CA CYS B 762 -33.47 -35.43 54.64
C CYS B 762 -33.93 -36.82 55.00
N LEU B 763 -33.03 -37.80 54.94
CA LEU B 763 -33.38 -39.17 55.31
C LEU B 763 -33.74 -39.27 56.80
N LEU B 764 -32.96 -38.61 57.66
CA LEU B 764 -33.27 -38.62 59.09
C LEU B 764 -34.60 -37.93 59.36
N ALA B 765 -34.88 -36.82 58.66
CA ALA B 765 -36.15 -36.14 58.81
C ALA B 765 -37.31 -37.02 58.36
N ALA B 766 -37.14 -37.73 57.25
CA ALA B 766 -38.18 -38.64 56.78
C ALA B 766 -38.39 -39.78 57.78
N ILE B 767 -37.30 -40.28 58.36
CA ILE B 767 -37.42 -41.37 59.34
C ILE B 767 -38.20 -40.91 60.56
N CYS B 768 -37.87 -39.72 61.07
CA CYS B 768 -38.58 -39.23 62.25
C CYS B 768 -40.03 -38.90 61.92
N PHE B 769 -40.30 -38.42 60.71
CA PHE B 769 -41.67 -38.18 60.29
C PHE B 769 -42.47 -39.48 60.24
N PHE B 770 -41.86 -40.53 59.69
CA PHE B 770 -42.54 -41.83 59.62
C PHE B 770 -42.78 -42.37 61.03
N PHE B 771 -41.81 -42.22 61.93
CA PHE B 771 -41.99 -42.68 63.31
C PHE B 771 -43.12 -41.91 63.99
N ALA B 772 -43.20 -40.61 63.76
CA ALA B 772 -44.27 -39.81 64.38
C ALA B 772 -45.62 -40.07 63.73
N PHE B 773 -45.63 -40.56 62.49
CA PHE B 773 -46.89 -40.74 61.78
C PHE B 773 -47.76 -41.82 62.44
N LYS B 774 -47.13 -42.88 62.96
CA LYS B 774 -47.89 -43.98 63.53
C LYS B 774 -48.65 -43.59 64.80
N SER B 775 -48.28 -42.48 65.44
CA SER B 775 -48.93 -42.07 66.68
C SER B 775 -49.54 -40.66 66.61
N ARG B 776 -49.44 -39.97 65.48
CA ARG B 776 -49.97 -38.62 65.37
C ARG B 776 -51.47 -38.58 65.10
N LYS B 777 -52.09 -39.71 64.73
CA LYS B 777 -53.52 -39.71 64.44
C LYS B 777 -54.35 -39.39 65.67
N LEU B 778 -53.98 -39.94 66.82
CA LEU B 778 -54.76 -39.73 68.04
C LEU B 778 -54.39 -38.39 68.66
N PRO B 779 -55.33 -37.44 68.78
CA PRO B 779 -55.01 -36.14 69.37
C PRO B 779 -55.09 -36.17 70.89
N GLU B 780 -53.94 -36.07 71.55
CA GLU B 780 -53.86 -36.01 73.00
C GLU B 780 -52.76 -35.05 73.40
N ASN B 781 -52.79 -34.64 74.67
CA ASN B 781 -51.79 -33.75 75.27
C ASN B 781 -51.71 -32.43 74.52
N PHE B 782 -52.85 -31.72 74.52
CA PHE B 782 -52.97 -30.40 73.88
C PHE B 782 -52.66 -30.45 72.39
N ASN B 783 -52.86 -31.62 71.78
CA ASN B 783 -52.59 -31.81 70.34
C ASN B 783 -51.16 -31.44 69.99
N GLU B 784 -50.22 -31.78 70.87
CA GLU B 784 -48.83 -31.41 70.65
C GLU B 784 -48.24 -32.12 69.44
N ALA B 785 -48.42 -33.45 69.37
CA ALA B 785 -47.86 -34.22 68.26
C ALA B 785 -48.60 -33.96 66.95
N LYS B 786 -49.81 -33.39 67.01
CA LYS B 786 -50.59 -33.18 65.80
C LYS B 786 -50.05 -32.05 64.94
N PHE B 787 -49.37 -31.06 65.53
CA PHE B 787 -48.93 -29.89 64.78
C PHE B 787 -47.45 -29.87 64.45
N ILE B 788 -46.63 -30.65 65.16
CA ILE B 788 -45.21 -30.72 64.80
C ILE B 788 -45.03 -31.36 63.42
N THR B 789 -45.88 -32.34 63.11
CA THR B 789 -45.84 -32.97 61.80
C THR B 789 -46.12 -31.96 60.70
N PHE B 790 -47.14 -31.11 60.88
CA PHE B 790 -47.41 -30.06 59.91
C PHE B 790 -46.27 -29.05 59.86
N SER B 791 -45.67 -28.74 61.02
CA SER B 791 -44.59 -27.77 61.07
C SER B 791 -43.40 -28.22 60.23
N MET B 792 -43.03 -29.50 60.34
CA MET B 792 -41.91 -30.02 59.56
C MET B 792 -42.31 -30.39 58.13
N LEU B 793 -43.58 -30.66 57.88
CA LEU B 793 -44.06 -30.80 56.51
C LEU B 793 -43.97 -29.47 55.78
N ILE B 794 -44.13 -28.35 56.50
CA ILE B 794 -43.86 -27.04 55.92
C ILE B 794 -42.41 -26.97 55.46
N PHE B 795 -41.48 -27.46 56.28
CA PHE B 795 -40.07 -27.46 55.90
C PHE B 795 -39.84 -28.30 54.65
N PHE B 796 -40.47 -29.47 54.57
CA PHE B 796 -40.35 -30.27 53.36
C PHE B 796 -40.92 -29.55 52.13
N ILE B 797 -42.10 -28.95 52.26
CA ILE B 797 -42.74 -28.38 51.07
C ILE B 797 -42.09 -27.05 50.66
N VAL B 798 -41.32 -26.42 51.55
CA VAL B 798 -40.56 -25.24 51.12
C VAL B 798 -39.54 -25.62 50.05
N TRP B 799 -38.82 -26.73 50.27
CA TRP B 799 -37.82 -27.15 49.30
C TRP B 799 -38.46 -27.69 48.03
N ILE B 800 -39.65 -28.28 48.13
CA ILE B 800 -40.34 -28.77 46.94
C ILE B 800 -40.77 -27.62 46.05
N SER B 801 -41.20 -26.51 46.65
CA SER B 801 -41.67 -25.37 45.88
C SER B 801 -40.54 -24.46 45.38
N PHE B 802 -39.31 -24.68 45.84
CA PHE B 802 -38.18 -23.84 45.44
C PHE B 802 -37.10 -24.61 44.69
N ILE B 803 -37.40 -25.80 44.19
CA ILE B 803 -36.43 -26.55 43.39
C ILE B 803 -36.19 -25.91 42.02
N PRO B 804 -37.19 -25.34 41.32
CA PRO B 804 -36.84 -24.68 40.05
C PRO B 804 -36.07 -23.39 40.23
N ALA B 805 -36.29 -22.69 41.35
CA ALA B 805 -35.45 -21.54 41.68
C ALA B 805 -34.00 -21.98 41.90
N TYR B 806 -33.82 -23.12 42.56
CA TYR B 806 -32.47 -23.68 42.71
C TYR B 806 -31.86 -24.01 41.35
N ALA B 807 -32.66 -24.62 40.46
CA ALA B 807 -32.16 -24.99 39.15
C ALA B 807 -31.91 -23.76 38.28
N SER B 808 -32.86 -22.83 38.25
CA SER B 808 -32.74 -21.63 37.42
C SER B 808 -33.14 -20.42 38.24
N THR B 809 -32.34 -19.36 38.13
CA THR B 809 -32.57 -18.14 38.90
C THR B 809 -32.32 -16.93 38.01
N TYR B 810 -32.89 -15.80 38.41
CA TYR B 810 -32.76 -14.56 37.65
C TYR B 810 -31.51 -13.81 38.10
N GLY B 811 -30.64 -13.48 37.14
CA GLY B 811 -29.45 -12.70 37.44
C GLY B 811 -28.44 -13.40 38.32
N LYS B 812 -28.43 -14.73 38.31
CA LYS B 812 -27.49 -15.53 39.10
C LYS B 812 -27.58 -15.17 40.58
N PHE B 813 -28.77 -15.41 41.15
CA PHE B 813 -29.03 -15.11 42.55
C PHE B 813 -29.42 -16.36 43.32
N VAL B 814 -28.66 -17.44 43.15
CA VAL B 814 -28.93 -18.68 43.88
C VAL B 814 -28.84 -18.46 45.39
N SER B 815 -27.95 -17.56 45.83
CA SER B 815 -27.89 -17.24 47.24
C SER B 815 -29.20 -16.64 47.73
N ALA B 816 -29.82 -15.78 46.92
CA ALA B 816 -31.08 -15.15 47.30
C ALA B 816 -32.18 -16.18 47.48
N VAL B 817 -32.31 -17.10 46.52
CA VAL B 817 -33.38 -18.10 46.63
C VAL B 817 -33.10 -19.05 47.79
N GLU B 818 -31.84 -19.42 48.01
CA GLU B 818 -31.50 -20.25 49.16
C GLU B 818 -31.89 -19.59 50.46
N VAL B 819 -31.53 -18.30 50.61
CA VAL B 819 -31.77 -17.63 51.89
C VAL B 819 -33.26 -17.39 52.10
N ILE B 820 -34.00 -17.04 51.04
CA ILE B 820 -35.43 -16.83 51.23
C ILE B 820 -36.13 -18.15 51.53
N ALA B 821 -35.69 -19.25 50.92
CA ALA B 821 -36.28 -20.54 51.21
C ALA B 821 -36.04 -20.95 52.66
N ILE B 822 -34.79 -20.84 53.12
CA ILE B 822 -34.49 -21.24 54.50
C ILE B 822 -35.19 -20.31 55.48
N LEU B 823 -35.31 -19.01 55.15
CA LEU B 823 -35.99 -18.08 56.03
C LEU B 823 -37.48 -18.38 56.12
N ALA B 824 -38.12 -18.70 54.99
CA ALA B 824 -39.53 -19.06 55.01
C ALA B 824 -39.75 -20.34 55.81
N ALA B 825 -38.86 -21.33 55.64
CA ALA B 825 -38.96 -22.54 56.43
C ALA B 825 -38.81 -22.26 57.91
N SER B 826 -37.89 -21.36 58.26
CA SER B 826 -37.70 -20.99 59.67
C SER B 826 -38.93 -20.30 60.24
N PHE B 827 -39.53 -19.38 59.47
CA PHE B 827 -40.78 -18.76 59.93
C PHE B 827 -41.89 -19.77 60.12
N GLY B 828 -42.02 -20.71 59.18
CA GLY B 828 -43.04 -21.74 59.33
C GLY B 828 -42.83 -22.59 60.56
N LEU B 829 -41.59 -23.04 60.78
CA LEU B 829 -41.29 -23.86 61.96
C LEU B 829 -41.53 -23.09 63.25
N LEU B 830 -41.13 -21.82 63.30
CA LEU B 830 -41.35 -21.01 64.49
C LEU B 830 -42.84 -20.80 64.74
N ALA B 831 -43.61 -20.50 63.69
CA ALA B 831 -45.04 -20.24 63.87
C ALA B 831 -45.79 -21.49 64.31
N CYS B 832 -45.43 -22.65 63.76
CA CYS B 832 -46.14 -23.88 64.10
C CYS B 832 -45.49 -24.65 65.24
N ILE B 833 -44.43 -24.13 65.84
CA ILE B 833 -43.77 -24.82 66.95
C ILE B 833 -44.20 -24.27 68.31
N PHE B 834 -44.79 -23.08 68.37
CA PHE B 834 -45.19 -22.44 69.61
C PHE B 834 -46.69 -22.20 69.63
N PHE B 835 -47.47 -23.19 69.18
CA PHE B 835 -48.92 -23.05 69.18
C PHE B 835 -49.51 -23.19 70.58
N ASN B 836 -48.75 -23.72 71.54
CA ASN B 836 -49.28 -23.90 72.88
C ASN B 836 -49.37 -22.58 73.64
N LYS B 837 -48.49 -21.62 73.33
CA LYS B 837 -48.47 -20.36 74.07
C LYS B 837 -49.62 -19.44 73.68
N ILE B 838 -50.13 -19.54 72.46
CA ILE B 838 -51.22 -18.67 72.04
C ILE B 838 -52.54 -19.04 72.72
N TYR B 839 -52.70 -20.29 73.13
CA TYR B 839 -53.92 -20.69 73.82
C TYR B 839 -54.03 -20.01 75.19
N ILE B 840 -52.98 -20.09 75.99
CA ILE B 840 -52.92 -19.46 77.30
C ILE B 840 -51.58 -18.75 77.42
N ILE B 841 -51.61 -17.48 77.81
CA ILE B 841 -50.39 -16.67 77.88
C ILE B 841 -49.41 -17.29 78.89
N LEU B 842 -49.90 -17.65 80.06
CA LEU B 842 -49.05 -18.25 81.09
C LEU B 842 -49.87 -19.06 82.09
#